data_8QH5
#
_entry.id   8QH5
#
_cell.length_a   1.00
_cell.length_b   1.00
_cell.length_c   1.00
_cell.angle_alpha   90.00
_cell.angle_beta   90.00
_cell.angle_gamma   90.00
#
_symmetry.space_group_name_H-M   'P 1'
#
loop_
_entity.id
_entity.type
_entity.pdbx_description
1 polymer 'UV-stimulated scaffold protein A'
2 polymer 'DNA excision repair protein ERCC-8'
3 polymer 'DNA damage-binding protein 1'
4 polymer 'DET1- and DDB1-associated protein 1'
#
loop_
_entity_poly.entity_id
_entity_poly.type
_entity_poly.pdbx_seq_one_letter_code
_entity_poly.pdbx_strand_id
1 'polypeptide(L)'
;MAHHHHHHSAALEVLFQGPGMDQKLSKLVEELTTSGEPRLNPEKMKELKKICKSSEEQLSRAYRLLIAQLTQEHAEIRLS
AFQIVEELFVRSHQFRMLVVSNFQEFLELTLGTDPAQPLPPPREAAQRLRQATTRAVEGWNEKFGEAYKKLALGYHFLRH
NKKVDFQDTNARSLAERKREEEKQKHLDKIYQERASQAEREMQEMSGEIESCLTEVESCFRLLVPFDFDPNPETESLGMA
SGMSDALRSSCAGQVGPCRSGTPDPRDGEQPCCSRDLPASAGHPRAGGGAQPSQTATGDPSDEDEDSDLEEFVRSHGLGS
HKYTLDVELCSEGLKVQENEDNLALIHAARDTLKLIRNKFLPAVCSWIQRFTRVGTHGGCLKRAIDLKAELELVLRKYKE
LDIEPEGGERRRTEALGDAEEDEDDEDFVEVPEKEGYEPHIPDHLRPEYGLEAAPEKDTVVRCLRTRTRMDEEVSDPTSA
AAQLRQLRDHLPPPSSASPSRALPEPQEAQKLAAERARAPVVPYGVDLHYWGQELPTAGKIVKSDSQHRFWKPSEVEEEV
VNADISEMLRSRHITFAGKFEPVQHWCRAPRPDGRLCERQDRLKCPFHGKIVPRDDEGRPLDPEDRAREQRRQLQKQERP
EWQDPELMRDVEAATGQDLGSSRYSGKGRGKKRRYPSLTNLKAQADTARARIGRKVFAKAAVRRVVAAMNRMDQKKHEKF
SNQFNYALN
;
D
2 'polypeptide(L)'
;MLGFLSARQTGLEDPLRLRRAESTRRVLGLELNKDRDVERIHGGGINTLDIEPVEGRYMLSGGSDGVIVLYDLENSSRQS
YYTCKAVCSIGRDHPDVHRYSVETVQWYPHDTGMFTSSSFDKTLKVWDTNTLQTADVFNFEETVYSHHMSPVSTKHCLVA
VGTRGPKVQLCDLKSGSCSHILQGHRQEILAVSWSPRYDYILATASADSRVKLWDVRRASGCLITLDQHNGKKSQAVESA
NTAHNGKVNGLCFTSDGLHLLTVGTDNRMRLWNSSNGENTLVNYGKVCNNSKKGLKFTVSCGCSSEFVFVPYGSTIAVYT
VYSGEQITMLKGHYKTVDCCVFQSNFQELYSGSRDCNILAWVPSLYEPVPDDDETTTKSQLNPAFEDAWSSSDEEGGTSA
WSHPQFEK
;
A
3 'polypeptide(L)'
;MAHHHHHHSAALEVLFQGPGMSYNYVVTAQKPTAVNGCVTGHFTSAEDLNLLIAKNTRLEIYVVTAEGLRPVKEVGMYGK
IAVMELFRPKGESKDLLFILTAKYNACILEYKQSGESIDIITRAHGNVQDRIGRPSETGIIGIIDPECRMIGLRLYDGLF
KVIPLDRDNKELKAFNIRLEELHVIDVKFLYGCQAPTICFVYQDPQGRHVKTYEVSLREKEFNKGPWKQENVEAEASMVI
AVPEPFGGAIIIGQESITYHNGDKYLAIAPPIIKQSTIVCHNRVDPNGSRYLLGDMEGRLFMLLLEKEEQMDGTVTLKDL
RVELLGETSIAECLTYLDNGVVFVGSRLGDSQLVKLNVDSNEQGSYVVAMETFTNLGPIVDMCVVDLERQGQGQLVTCSG
AFKEGSLRIIRNGIGIHEHASIDLPGIKGLWPLRSDPNRETDDTLVLSFVGQTRVLMLNGEEVEETELMGFVDDQQTFFC
GNVAHQQLIQITSASVRLVSQEPKALVSEWKEPQAKNISVASCNSSQVVVAVGRALYYLQIHPQELRQISHTEMEHEVAC
LDITPLGDSNGLSPLCAIGLWTDISARILKLPSFELLHKEMLGGEIIPRSILMTTFESSHYLLCALGDGALFYFGLNIET
GLLSDRKKVTLGTQPTVLRTFRSLSTTNVFACSDRPTVIYSSNHKLVFSNVNLKEVNYMCPLNSDGYPDSLALANNSTLT
IGTIDEIQKLHIRTVPLYESPRKICYQEVSQCFGVLSSRIEVQDTSGGTTALRPSASTQALSSSVSSSKLFSSSTAPHET
SFGEEVEVHNLLIIDQHTFEVLHAHQFLQNEYALSLVSCKLGKDPNTYFIVGTAMVYPEEAEPKQGRIVVFQYSDGKLQT
VAEKEVKGAVYSMVEFNGKLLASINSTVRLYEWTTEKELRTECNHYNNIMALYLKTKGDFILVGDLMRSVLLLAYKPMEG
NFEEIARDFNPNWMSAVEILDDDNFLGAENAFNLFVCQKDSAATTDEERQHLQEVGLFHLGEFVNVFCHGSLVMQNLGET
STPTQGSVLFGTVNGMIGLVTSLSESWYNLLLDMQNRLNKVIKSVGKIEHSFWRSFHTERKTEPATGFIDGDLIESFLDI
SRPKMQEVVANLQYDDGSGMKREATADDLIKVVEELTRIH
;
B
4 'polypeptide(L)'
;MADFLKGLPVYNKSNFSRFHADSVCKASNRRPSVYLPTREYPSEQIIVTEKTNILLRYLHQQWDKKNAAKKRDQEQVELE
GESSAPPRKVARTDSPDMHEDTDVLFQGPGAWSHPQFEKGGGSGGGSGGGSWSHPQFEKGASGEDYKDDDDK
;
C
#
# COMPACT_ATOMS: atom_id res chain seq x y z
N MET A 21 -38.85 -36.88 -31.42
CA MET A 21 -38.52 -35.63 -32.10
C MET A 21 -37.10 -35.67 -32.67
N ASP A 22 -36.16 -36.15 -31.87
CA ASP A 22 -34.77 -36.23 -32.32
C ASP A 22 -34.62 -37.20 -33.47
N GLN A 23 -35.30 -38.36 -33.40
CA GLN A 23 -35.27 -39.30 -34.51
C GLN A 23 -35.92 -38.72 -35.76
N LYS A 24 -36.94 -37.88 -35.58
CA LYS A 24 -37.57 -37.24 -36.74
C LYS A 24 -36.62 -36.25 -37.40
N LEU A 25 -35.91 -35.47 -36.59
CA LEU A 25 -34.90 -34.54 -37.12
C LEU A 25 -33.81 -35.30 -37.85
N SER A 26 -33.31 -36.38 -37.25
CA SER A 26 -32.28 -37.19 -37.90
C SER A 26 -32.76 -37.75 -39.24
N LYS A 27 -33.99 -38.29 -39.26
CA LYS A 27 -34.53 -38.83 -40.50
C LYS A 27 -34.69 -37.76 -41.56
N LEU A 28 -35.19 -36.57 -41.17
CA LEU A 28 -35.34 -35.48 -42.12
C LEU A 28 -34.00 -35.04 -42.69
N VAL A 29 -32.98 -34.93 -41.84
CA VAL A 29 -31.65 -34.55 -42.31
C VAL A 29 -31.09 -35.60 -43.27
N GLU A 30 -31.24 -36.87 -42.92
CA GLU A 30 -30.80 -37.95 -43.80
C GLU A 30 -31.49 -37.87 -45.16
N GLU A 31 -32.82 -37.80 -45.16
CA GLU A 31 -33.58 -37.76 -46.41
C GLU A 31 -33.22 -36.54 -47.24
N LEU A 32 -32.97 -35.39 -46.59
CA LEU A 32 -32.60 -34.20 -47.34
C LEU A 32 -31.19 -34.30 -47.91
N THR A 33 -30.28 -34.96 -47.21
CA THR A 33 -28.89 -35.04 -47.66
C THR A 33 -28.63 -36.22 -48.60
N THR A 34 -29.39 -37.30 -48.47
CA THR A 34 -29.21 -38.49 -49.29
C THR A 34 -30.19 -38.55 -50.45
N SER A 35 -30.98 -37.50 -50.69
CA SER A 35 -31.92 -37.51 -51.80
C SER A 35 -31.20 -37.50 -53.14
N GLY A 36 -30.10 -36.75 -53.24
CA GLY A 36 -29.34 -36.64 -54.47
C GLY A 36 -29.90 -35.65 -55.47
N GLU A 37 -30.99 -34.97 -55.14
CA GLU A 37 -31.56 -33.98 -56.05
C GLU A 37 -30.75 -32.69 -56.00
N PRO A 38 -30.68 -31.96 -57.12
CA PRO A 38 -29.94 -30.68 -57.13
C PRO A 38 -30.53 -29.63 -56.21
N ARG A 39 -31.80 -29.74 -55.85
CA ARG A 39 -32.46 -28.78 -54.98
C ARG A 39 -33.21 -29.51 -53.87
N LEU A 40 -33.25 -28.87 -52.70
CA LEU A 40 -33.90 -29.46 -51.54
C LEU A 40 -35.42 -29.47 -51.71
N ASN A 41 -36.04 -30.47 -51.11
CA ASN A 41 -37.51 -30.55 -51.11
C ASN A 41 -38.06 -29.45 -50.21
N PRO A 42 -38.96 -28.59 -50.71
CA PRO A 42 -39.41 -27.46 -49.89
C PRO A 42 -40.25 -27.87 -48.69
N GLU A 43 -41.01 -28.96 -48.78
CA GLU A 43 -41.85 -29.37 -47.66
C GLU A 43 -41.01 -29.92 -46.51
N LYS A 44 -40.10 -30.85 -46.82
CA LYS A 44 -39.19 -31.37 -45.82
C LYS A 44 -38.33 -30.27 -45.23
N MET A 45 -37.92 -29.30 -46.06
CA MET A 45 -37.13 -28.18 -45.54
C MET A 45 -37.96 -27.28 -44.62
N LYS A 46 -39.24 -27.09 -44.94
CA LYS A 46 -40.12 -26.35 -44.03
C LYS A 46 -40.29 -27.07 -42.70
N GLU A 47 -40.46 -28.39 -42.74
CA GLU A 47 -40.56 -29.16 -41.51
C GLU A 47 -39.27 -29.05 -40.68
N LEU A 48 -38.13 -29.20 -41.35
CA LEU A 48 -36.83 -29.03 -40.69
C LEU A 48 -36.71 -27.66 -40.04
N LYS A 49 -37.07 -26.61 -40.78
CA LYS A 49 -37.01 -25.25 -40.24
C LYS A 49 -37.93 -25.08 -39.04
N LYS A 50 -39.13 -25.67 -39.09
CA LYS A 50 -40.04 -25.59 -37.95
C LYS A 50 -39.45 -26.29 -36.72
N ILE A 51 -38.81 -27.44 -36.94
CA ILE A 51 -38.21 -28.15 -35.81
C ILE A 51 -37.03 -27.37 -35.24
N CYS A 52 -36.19 -26.81 -36.11
CA CYS A 52 -35.08 -25.99 -35.64
C CYS A 52 -35.57 -24.74 -34.92
N LYS A 53 -36.76 -24.24 -35.29
CA LYS A 53 -37.34 -23.10 -34.59
C LYS A 53 -38.01 -23.50 -33.28
N SER A 54 -38.36 -24.78 -33.13
CA SER A 54 -39.11 -25.19 -31.94
C SER A 54 -38.24 -25.25 -30.71
N SER A 55 -36.94 -25.50 -30.86
CA SER A 55 -36.05 -25.60 -29.71
C SER A 55 -34.62 -25.32 -30.15
N GLU A 56 -33.85 -24.70 -29.26
CA GLU A 56 -32.44 -24.44 -29.53
C GLU A 56 -31.62 -25.72 -29.50
N GLU A 57 -32.02 -26.69 -28.67
CA GLU A 57 -31.33 -27.97 -28.64
C GLU A 57 -31.52 -28.71 -29.95
N GLN A 58 -32.72 -28.63 -30.53
CA GLN A 58 -32.95 -29.24 -31.83
C GLN A 58 -32.13 -28.56 -32.91
N LEU A 59 -31.99 -27.23 -32.82
CA LEU A 59 -31.12 -26.51 -33.75
C LEU A 59 -29.67 -26.97 -33.64
N SER A 60 -29.16 -27.13 -32.41
CA SER A 60 -27.80 -27.61 -32.25
C SER A 60 -27.62 -29.05 -32.72
N ARG A 61 -28.64 -29.88 -32.53
CA ARG A 61 -28.59 -31.25 -33.06
C ARG A 61 -28.59 -31.27 -34.57
N ALA A 62 -29.41 -30.42 -35.20
CA ALA A 62 -29.40 -30.29 -36.65
C ALA A 62 -28.04 -29.83 -37.15
N TYR A 63 -27.45 -28.84 -36.48
CA TYR A 63 -26.10 -28.40 -36.81
C TYR A 63 -25.10 -29.55 -36.76
N ARG A 64 -25.10 -30.31 -35.65
CA ARG A 64 -24.19 -31.44 -35.53
C ARG A 64 -24.42 -32.47 -36.63
N LEU A 65 -25.69 -32.72 -36.97
CA LEU A 65 -25.99 -33.68 -38.04
C LEU A 65 -25.48 -33.16 -39.38
N LEU A 66 -25.63 -31.87 -39.64
CA LEU A 66 -25.15 -31.31 -40.90
C LEU A 66 -23.63 -31.37 -40.99
N ILE A 67 -22.95 -31.09 -39.88
CA ILE A 67 -21.49 -31.25 -39.85
C ILE A 67 -21.09 -32.70 -40.12
N ALA A 68 -21.79 -33.65 -39.49
CA ALA A 68 -21.50 -35.07 -39.74
C ALA A 68 -21.81 -35.48 -41.17
N GLN A 69 -22.75 -34.78 -41.82
CA GLN A 69 -23.02 -35.04 -43.23
C GLN A 69 -21.97 -34.43 -44.14
N LEU A 70 -21.41 -33.27 -43.78
CA LEU A 70 -20.32 -32.68 -44.55
C LEU A 70 -19.06 -33.54 -44.54
N THR A 71 -18.92 -34.43 -43.55
CA THR A 71 -17.79 -35.35 -43.51
C THR A 71 -17.96 -36.54 -44.45
N GLN A 72 -19.16 -36.75 -44.98
CA GLN A 72 -19.39 -37.87 -45.89
C GLN A 72 -18.64 -37.70 -47.20
N GLU A 73 -18.20 -38.82 -47.76
CA GLU A 73 -17.45 -38.82 -49.02
C GLU A 73 -18.38 -38.85 -50.23
N HIS A 74 -19.30 -37.90 -50.28
CA HIS A 74 -20.24 -37.79 -51.40
C HIS A 74 -20.53 -36.32 -51.62
N ALA A 75 -20.28 -35.83 -52.83
CA ALA A 75 -20.38 -34.40 -53.09
C ALA A 75 -21.83 -33.91 -53.13
N GLU A 76 -22.76 -34.77 -53.58
CA GLU A 76 -24.18 -34.39 -53.53
C GLU A 76 -24.66 -34.22 -52.10
N ILE A 77 -24.27 -35.14 -51.21
CA ILE A 77 -24.64 -35.04 -49.80
C ILE A 77 -24.06 -33.77 -49.18
N ARG A 78 -22.79 -33.49 -49.46
CA ARG A 78 -22.16 -32.27 -48.95
C ARG A 78 -22.86 -31.03 -49.49
N LEU A 79 -23.24 -31.05 -50.78
CA LEU A 79 -23.95 -29.91 -51.36
C LEU A 79 -25.28 -29.66 -50.67
N SER A 80 -26.07 -30.71 -50.47
CA SER A 80 -27.36 -30.55 -49.80
C SER A 80 -27.19 -30.09 -48.35
N ALA A 81 -26.20 -30.66 -47.65
CA ALA A 81 -25.92 -30.23 -46.29
C ALA A 81 -25.51 -28.77 -46.25
N PHE A 82 -24.68 -28.34 -47.20
CA PHE A 82 -24.31 -26.93 -47.28
C PHE A 82 -25.51 -26.04 -47.55
N GLN A 83 -26.40 -26.44 -48.45
CA GLN A 83 -27.59 -25.63 -48.70
C GLN A 83 -28.43 -25.48 -47.44
N ILE A 84 -28.53 -26.55 -46.65
CA ILE A 84 -29.26 -26.46 -45.39
C ILE A 84 -28.54 -25.53 -44.42
N VAL A 85 -27.22 -25.68 -44.31
CA VAL A 85 -26.42 -24.80 -43.45
C VAL A 85 -26.61 -23.35 -43.86
N GLU A 86 -26.58 -23.06 -45.15
CA GLU A 86 -26.76 -21.71 -45.64
C GLU A 86 -28.12 -21.15 -45.27
N GLU A 87 -29.19 -21.93 -45.48
CA GLU A 87 -30.53 -21.45 -45.15
C GLU A 87 -30.66 -21.20 -43.65
N LEU A 88 -30.10 -22.08 -42.82
CA LEU A 88 -30.21 -21.89 -41.38
C LEU A 88 -29.34 -20.73 -40.90
N PHE A 89 -28.18 -20.53 -41.54
CA PHE A 89 -27.34 -19.38 -41.24
C PHE A 89 -28.06 -18.09 -41.54
N VAL A 90 -28.70 -17.99 -42.71
CA VAL A 90 -29.43 -16.78 -43.06
C VAL A 90 -30.62 -16.58 -42.12
N ARG A 91 -31.24 -17.68 -41.66
CA ARG A 91 -32.47 -17.55 -40.88
C ARG A 91 -32.27 -17.62 -39.37
N SER A 92 -31.15 -18.15 -38.87
CA SER A 92 -30.98 -18.35 -37.44
C SER A 92 -29.70 -17.70 -36.94
N HIS A 93 -29.80 -16.99 -35.81
CA HIS A 93 -28.63 -16.38 -35.20
C HIS A 93 -27.74 -17.42 -34.52
N GLN A 94 -28.34 -18.34 -33.77
CA GLN A 94 -27.56 -19.33 -33.04
C GLN A 94 -26.86 -20.29 -34.00
N PHE A 95 -27.50 -20.60 -35.12
CA PHE A 95 -26.82 -21.40 -36.14
C PHE A 95 -25.62 -20.65 -36.70
N ARG A 96 -25.74 -19.33 -36.88
CA ARG A 96 -24.58 -18.52 -37.24
C ARG A 96 -23.47 -18.64 -36.20
N MET A 97 -23.83 -18.56 -34.91
CA MET A 97 -22.83 -18.74 -33.85
C MET A 97 -22.13 -20.09 -33.96
N LEU A 98 -22.91 -21.15 -34.21
CA LEU A 98 -22.34 -22.49 -34.35
C LEU A 98 -21.40 -22.57 -35.53
N VAL A 99 -21.82 -22.07 -36.70
CA VAL A 99 -20.98 -22.11 -37.89
C VAL A 99 -19.69 -21.33 -37.66
N VAL A 100 -19.78 -20.16 -37.05
CA VAL A 100 -18.60 -19.35 -36.81
C VAL A 100 -17.65 -20.07 -35.84
N SER A 101 -18.21 -20.75 -34.84
CA SER A 101 -17.38 -21.49 -33.89
C SER A 101 -16.49 -22.51 -34.59
N ASN A 102 -16.97 -23.10 -35.68
CA ASN A 102 -16.21 -24.11 -36.43
C ASN A 102 -16.13 -23.73 -37.91
N PHE A 103 -15.80 -22.47 -38.18
CA PHE A 103 -15.77 -22.00 -39.57
C PHE A 103 -14.60 -22.59 -40.35
N GLN A 104 -13.49 -22.87 -39.68
CA GLN A 104 -12.33 -23.44 -40.37
C GLN A 104 -12.65 -24.82 -40.92
N GLU A 105 -13.15 -25.72 -40.08
CA GLU A 105 -13.52 -27.05 -40.54
C GLU A 105 -14.60 -26.98 -41.61
N PHE A 106 -15.57 -26.07 -41.45
CA PHE A 106 -16.60 -25.87 -42.46
C PHE A 106 -15.99 -25.51 -43.82
N LEU A 107 -15.05 -24.57 -43.83
CA LEU A 107 -14.42 -24.17 -45.09
C LEU A 107 -13.59 -25.31 -45.67
N GLU A 108 -12.91 -26.07 -44.81
CA GLU A 108 -12.15 -27.24 -45.29
C GLU A 108 -13.08 -28.25 -45.94
N LEU A 109 -14.23 -28.52 -45.32
CA LEU A 109 -15.15 -29.53 -45.83
C LEU A 109 -15.88 -29.06 -47.09
N THR A 110 -16.04 -27.75 -47.26
CA THR A 110 -16.90 -27.27 -48.36
C THR A 110 -16.12 -26.74 -49.55
N LEU A 111 -15.01 -26.03 -49.34
CA LEU A 111 -14.17 -25.57 -50.43
C LEU A 111 -12.98 -26.47 -50.70
N GLY A 112 -12.67 -27.41 -49.81
CA GLY A 112 -11.47 -28.21 -49.97
C GLY A 112 -10.20 -27.41 -49.87
N THR A 113 -10.12 -26.52 -48.87
CA THR A 113 -8.96 -25.66 -48.74
C THR A 113 -7.69 -26.46 -48.48
N ASP A 114 -7.80 -27.50 -47.66
CA ASP A 114 -6.65 -28.36 -47.37
C ASP A 114 -6.34 -29.21 -48.60
N PRO A 115 -5.14 -29.11 -49.17
CA PRO A 115 -4.81 -29.95 -50.34
C PRO A 115 -4.80 -31.44 -50.03
N ALA A 116 -4.61 -31.82 -48.77
CA ALA A 116 -4.61 -33.23 -48.39
C ALA A 116 -6.00 -33.82 -48.36
N GLN A 117 -7.05 -33.00 -48.37
CA GLN A 117 -8.44 -33.46 -48.31
C GLN A 117 -9.22 -32.85 -49.46
N PRO A 118 -9.07 -33.39 -50.67
CA PRO A 118 -9.81 -32.87 -51.82
C PRO A 118 -11.29 -33.18 -51.71
N LEU A 119 -12.08 -32.42 -52.48
CA LEU A 119 -13.52 -32.61 -52.48
C LEU A 119 -13.86 -33.99 -53.03
N PRO A 120 -14.84 -34.68 -52.45
CA PRO A 120 -15.18 -36.03 -52.90
C PRO A 120 -15.87 -36.00 -54.26
N PRO A 121 -15.87 -37.11 -54.98
CA PRO A 121 -16.57 -37.16 -56.27
C PRO A 121 -18.08 -37.14 -56.06
N PRO A 122 -18.87 -36.79 -57.10
CA PRO A 122 -18.48 -36.47 -58.48
C PRO A 122 -17.88 -35.07 -58.63
N ARG A 123 -17.11 -34.87 -59.71
CA ARG A 123 -16.40 -33.61 -59.90
C ARG A 123 -17.37 -32.45 -60.14
N GLU A 124 -18.43 -32.68 -60.92
CA GLU A 124 -19.39 -31.62 -61.20
C GLU A 124 -20.11 -31.15 -59.95
N ALA A 125 -20.54 -32.09 -59.10
CA ALA A 125 -21.19 -31.71 -57.85
C ALA A 125 -20.21 -31.00 -56.92
N ALA A 126 -18.96 -31.44 -56.88
CA ALA A 126 -17.96 -30.75 -56.07
C ALA A 126 -17.72 -29.32 -56.56
N GLN A 127 -17.68 -29.13 -57.88
CA GLN A 127 -17.53 -27.79 -58.43
C GLN A 127 -18.73 -26.92 -58.09
N ARG A 128 -19.94 -27.45 -58.23
CA ARG A 128 -21.14 -26.70 -57.85
C ARG A 128 -21.12 -26.33 -56.37
N LEU A 129 -20.71 -27.27 -55.52
CA LEU A 129 -20.58 -26.99 -54.09
C LEU A 129 -19.57 -25.88 -53.84
N ARG A 130 -18.42 -25.93 -54.51
CA ARG A 130 -17.41 -24.89 -54.33
C ARG A 130 -17.94 -23.52 -54.75
N GLN A 131 -18.61 -23.46 -55.89
CA GLN A 131 -19.19 -22.20 -56.36
C GLN A 131 -20.21 -21.67 -55.35
N ALA A 132 -21.13 -22.53 -54.91
CA ALA A 132 -22.15 -22.12 -53.96
C ALA A 132 -21.54 -21.64 -52.66
N THR A 133 -20.54 -22.36 -52.16
CA THR A 133 -19.87 -21.95 -50.92
C THR A 133 -19.18 -20.61 -51.08
N THR A 134 -18.49 -20.40 -52.20
CA THR A 134 -17.83 -19.12 -52.43
C THR A 134 -18.84 -17.97 -52.46
N ARG A 135 -19.93 -18.15 -53.20
CA ARG A 135 -20.96 -17.11 -53.25
C ARG A 135 -21.59 -16.86 -51.88
N ALA A 136 -21.85 -17.93 -51.13
CA ALA A 136 -22.48 -17.79 -49.82
C ALA A 136 -21.56 -17.07 -48.84
N VAL A 137 -20.26 -17.43 -48.84
CA VAL A 137 -19.31 -16.77 -47.96
C VAL A 137 -19.17 -15.29 -48.34
N GLU A 138 -19.19 -15.00 -49.65
CA GLU A 138 -19.18 -13.61 -50.09
C GLU A 138 -20.37 -12.84 -49.55
N GLY A 139 -21.58 -13.39 -49.75
CA GLY A 139 -22.76 -12.71 -49.25
C GLY A 139 -22.83 -12.61 -47.74
N TRP A 140 -22.24 -13.57 -47.04
CA TRP A 140 -22.20 -13.50 -45.58
C TRP A 140 -21.23 -12.43 -45.10
N ASN A 141 -20.09 -12.28 -45.79
CA ASN A 141 -19.19 -11.19 -45.47
C ASN A 141 -19.83 -9.84 -45.76
N GLU A 142 -20.55 -9.75 -46.88
CA GLU A 142 -21.26 -8.51 -47.22
C GLU A 142 -22.32 -8.16 -46.18
N LYS A 143 -23.08 -9.14 -45.70
CA LYS A 143 -24.20 -8.86 -44.81
C LYS A 143 -23.80 -8.74 -43.34
N PHE A 144 -22.76 -9.46 -42.90
CA PHE A 144 -22.49 -9.56 -41.48
C PHE A 144 -21.01 -9.42 -41.14
N GLY A 145 -20.18 -8.94 -42.08
CA GLY A 145 -18.75 -8.89 -41.84
C GLY A 145 -18.36 -8.01 -40.68
N GLU A 146 -19.09 -6.91 -40.46
CA GLU A 146 -18.74 -5.96 -39.41
C GLU A 146 -18.80 -6.61 -38.04
N ALA A 147 -19.88 -7.36 -37.79
CA ALA A 147 -20.03 -8.04 -36.50
C ALA A 147 -19.30 -9.36 -36.52
N TYR A 148 -19.55 -10.16 -37.56
CA TYR A 148 -18.89 -11.45 -37.72
C TYR A 148 -17.57 -11.27 -38.44
N LYS A 149 -16.65 -10.52 -37.82
CA LYS A 149 -15.35 -10.27 -38.44
C LYS A 149 -14.52 -11.54 -38.51
N LYS A 150 -14.87 -12.54 -37.69
CA LYS A 150 -14.16 -13.81 -37.73
C LYS A 150 -14.32 -14.44 -39.11
N LEU A 151 -15.56 -14.73 -39.50
CA LEU A 151 -15.81 -15.30 -40.81
C LEU A 151 -15.23 -14.39 -41.88
N ALA A 152 -15.25 -13.09 -41.62
CA ALA A 152 -14.69 -12.13 -42.57
C ALA A 152 -13.21 -12.41 -42.76
N LEU A 153 -12.49 -12.61 -41.65
CA LEU A 153 -11.06 -12.88 -41.72
C LEU A 153 -10.78 -14.08 -42.63
N GLY A 154 -11.42 -15.21 -42.35
CA GLY A 154 -11.25 -16.38 -43.20
C GLY A 154 -11.58 -16.09 -44.65
N TYR A 155 -12.62 -15.27 -44.87
CA TYR A 155 -12.97 -14.88 -46.23
C TYR A 155 -11.76 -14.37 -46.97
N HIS A 156 -11.11 -13.34 -46.42
CA HIS A 156 -9.93 -12.76 -47.06
C HIS A 156 -8.79 -13.76 -47.08
N PHE A 157 -8.75 -14.66 -46.09
CA PHE A 157 -7.71 -15.68 -46.03
C PHE A 157 -7.73 -16.53 -47.28
N LEU A 158 -8.93 -16.89 -47.75
CA LEU A 158 -9.04 -17.68 -48.97
C LEU A 158 -9.02 -16.78 -50.19
N ARG A 159 -9.49 -15.55 -50.04
CA ARG A 159 -9.55 -14.62 -51.17
C ARG A 159 -8.18 -14.22 -51.67
N HIS A 160 -7.35 -13.66 -50.79
CA HIS A 160 -6.02 -13.20 -51.18
C HIS A 160 -4.92 -14.20 -50.89
N ASN A 161 -4.84 -14.67 -49.65
CA ASN A 161 -3.85 -15.68 -49.30
C ASN A 161 -4.01 -16.92 -50.17
N LYS A 162 -5.25 -17.29 -50.48
CA LYS A 162 -5.50 -18.51 -51.26
C LYS A 162 -5.82 -18.21 -52.71
N LYS A 163 -5.73 -16.93 -53.10
CA LYS A 163 -6.01 -16.50 -54.46
C LYS A 163 -7.21 -17.23 -55.06
N VAL A 164 -8.26 -17.38 -54.26
CA VAL A 164 -9.51 -17.95 -54.75
C VAL A 164 -10.22 -16.89 -55.58
N ASP A 165 -10.36 -17.14 -56.89
CA ASP A 165 -10.95 -16.17 -57.80
C ASP A 165 -12.47 -16.19 -57.64
N PHE A 166 -13.01 -15.09 -57.10
CA PHE A 166 -14.46 -15.00 -56.92
C PHE A 166 -15.19 -14.76 -58.24
N GLN A 167 -14.53 -14.19 -59.24
CA GLN A 167 -15.12 -13.96 -60.54
C GLN A 167 -15.00 -15.16 -61.47
N ASP A 168 -14.21 -16.16 -61.10
CA ASP A 168 -14.05 -17.34 -61.94
C ASP A 168 -15.35 -18.14 -61.98
N THR A 169 -15.68 -18.68 -63.16
CA THR A 169 -16.87 -19.50 -63.29
C THR A 169 -16.78 -20.76 -62.45
N ASN A 170 -15.59 -21.36 -62.37
CA ASN A 170 -15.38 -22.56 -61.58
C ASN A 170 -14.74 -22.24 -60.24
N MET B 1 -11.63 -13.05 -7.16
CA MET B 1 -10.91 -11.80 -7.42
C MET B 1 -11.00 -10.88 -6.20
N LEU B 2 -12.08 -11.02 -5.43
CA LEU B 2 -12.25 -10.19 -4.24
C LEU B 2 -11.28 -10.58 -3.14
N GLY B 3 -10.96 -11.87 -3.04
CA GLY B 3 -10.06 -12.31 -1.99
C GLY B 3 -8.70 -11.64 -2.07
N PHE B 4 -8.17 -11.48 -3.29
CA PHE B 4 -6.87 -10.86 -3.45
C PHE B 4 -6.90 -9.39 -3.08
N LEU B 5 -7.98 -8.68 -3.46
CA LEU B 5 -8.12 -7.29 -3.06
C LEU B 5 -8.18 -7.15 -1.56
N SER B 6 -8.97 -8.00 -0.90
CA SER B 6 -9.07 -7.95 0.55
C SER B 6 -7.73 -8.25 1.20
N ALA B 7 -7.00 -9.24 0.69
CA ALA B 7 -5.70 -9.56 1.25
C ALA B 7 -4.72 -8.42 1.08
N ARG B 8 -4.71 -7.78 -0.09
CA ARG B 8 -3.82 -6.64 -0.31
C ARG B 8 -4.15 -5.51 0.65
N GLN B 9 -5.45 -5.21 0.83
CA GLN B 9 -5.83 -4.13 1.72
C GLN B 9 -5.39 -4.41 3.15
N THR B 10 -5.58 -5.65 3.62
CA THR B 10 -5.25 -6.00 5.00
C THR B 10 -3.76 -6.28 5.20
N GLY B 11 -2.99 -6.43 4.13
CA GLY B 11 -1.57 -6.65 4.26
C GLY B 11 -1.16 -8.08 4.53
N LEU B 12 -2.08 -9.03 4.49
CA LEU B 12 -1.71 -10.43 4.67
C LEU B 12 -0.73 -10.87 3.59
N GLU B 13 -1.01 -10.49 2.35
CA GLU B 13 -0.16 -10.81 1.21
C GLU B 13 0.42 -9.51 0.65
N ASP B 14 1.72 -9.50 0.41
CA ASP B 14 2.36 -8.32 -0.13
C ASP B 14 1.80 -8.04 -1.52
N PRO B 15 1.85 -6.78 -1.97
CA PRO B 15 1.24 -6.45 -3.26
C PRO B 15 1.80 -7.26 -4.42
N LEU B 16 3.08 -7.66 -4.34
CA LEU B 16 3.66 -8.47 -5.39
C LEU B 16 2.92 -9.80 -5.57
N ARG B 17 2.45 -10.40 -4.49
CA ARG B 17 1.72 -11.66 -4.61
C ARG B 17 0.43 -11.48 -5.40
N LEU B 18 -0.35 -10.44 -5.07
CA LEU B 18 -1.55 -10.17 -5.85
C LEU B 18 -1.20 -9.88 -7.30
N ARG B 19 -0.18 -9.06 -7.53
CA ARG B 19 0.22 -8.74 -8.90
C ARG B 19 0.50 -10.01 -9.69
N ARG B 20 1.34 -10.90 -9.12
CA ARG B 20 1.75 -12.09 -9.84
C ARG B 20 0.59 -13.06 -10.03
N ALA B 21 -0.23 -13.27 -8.99
CA ALA B 21 -1.35 -14.18 -9.12
C ALA B 21 -2.36 -13.69 -10.16
N GLU B 22 -2.67 -12.39 -10.14
CA GLU B 22 -3.60 -11.84 -11.11
C GLU B 22 -3.02 -11.90 -12.52
N SER B 23 -1.72 -11.64 -12.67
CA SER B 23 -1.11 -11.75 -13.99
C SER B 23 -1.17 -13.19 -14.50
N THR B 24 -0.92 -14.16 -13.63
CA THR B 24 -1.01 -15.55 -14.03
C THR B 24 -2.44 -15.91 -14.45
N ARG B 25 -3.43 -15.47 -13.66
CA ARG B 25 -4.81 -15.72 -14.01
C ARG B 25 -5.16 -15.10 -15.36
N ARG B 26 -4.72 -13.87 -15.60
CA ARG B 26 -5.00 -13.21 -16.87
C ARG B 26 -4.35 -13.94 -18.03
N VAL B 27 -3.10 -14.37 -17.86
CA VAL B 27 -2.41 -15.07 -18.94
C VAL B 27 -3.11 -16.40 -19.23
N LEU B 28 -3.62 -17.06 -18.18
CA LEU B 28 -4.39 -18.28 -18.40
C LEU B 28 -5.62 -18.01 -19.25
N GLY B 29 -6.25 -16.85 -19.06
CA GLY B 29 -7.50 -16.55 -19.74
C GLY B 29 -7.32 -15.84 -21.06
N LEU B 30 -6.11 -15.88 -21.63
CA LEU B 30 -5.88 -15.24 -22.91
C LEU B 30 -6.83 -15.81 -23.96
N GLU B 31 -7.45 -14.92 -24.73
CA GLU B 31 -8.41 -15.33 -25.75
C GLU B 31 -8.38 -14.32 -26.89
N LEU B 32 -8.83 -14.78 -28.05
CA LEU B 32 -8.82 -13.96 -29.27
C LEU B 32 -9.87 -12.87 -29.17
N ASN B 33 -9.42 -11.65 -28.88
CA ASN B 33 -10.35 -10.52 -28.79
C ASN B 33 -10.98 -10.25 -30.14
N LYS B 34 -12.31 -10.31 -30.19
CA LYS B 34 -13.04 -9.95 -31.41
C LYS B 34 -13.18 -8.45 -31.55
N ASP B 35 -13.16 -7.72 -30.43
CA ASP B 35 -13.40 -6.28 -30.48
C ASP B 35 -12.18 -5.53 -30.98
N ARG B 36 -11.07 -5.62 -30.24
CA ARG B 36 -9.83 -5.03 -30.68
C ARG B 36 -9.30 -5.74 -31.92
N ASP B 37 -8.72 -4.96 -32.83
CA ASP B 37 -8.18 -5.49 -34.07
C ASP B 37 -7.02 -4.62 -34.50
N VAL B 38 -6.23 -5.13 -35.45
CA VAL B 38 -5.12 -4.40 -36.04
C VAL B 38 -5.32 -4.41 -37.55
N GLU B 39 -5.42 -3.23 -38.14
CA GLU B 39 -5.83 -3.12 -39.53
C GLU B 39 -4.90 -3.94 -40.43
N ARG B 40 -5.49 -4.67 -41.37
CA ARG B 40 -4.75 -5.53 -42.28
C ARG B 40 -4.17 -4.67 -43.41
N ILE B 41 -2.91 -4.30 -43.28
CA ILE B 41 -2.21 -3.58 -44.34
C ILE B 41 -1.25 -4.49 -45.09
N HIS B 42 -0.63 -5.43 -44.38
CA HIS B 42 0.37 -6.29 -44.99
C HIS B 42 -0.23 -7.08 -46.15
N GLY B 43 0.49 -7.09 -47.28
CA GLY B 43 0.09 -7.94 -48.39
C GLY B 43 0.60 -9.36 -48.28
N GLY B 44 1.54 -9.61 -47.36
CA GLY B 44 2.08 -10.94 -47.17
C GLY B 44 2.15 -11.34 -45.71
N GLY B 45 2.95 -12.33 -45.40
CA GLY B 45 3.06 -12.80 -44.03
C GLY B 45 3.83 -11.86 -43.14
N ILE B 46 3.73 -12.10 -41.84
CA ILE B 46 4.40 -11.31 -40.82
C ILE B 46 5.56 -12.14 -40.29
N ASN B 47 6.79 -11.67 -40.53
CA ASN B 47 7.98 -12.39 -40.11
C ASN B 47 8.49 -11.96 -38.74
N THR B 48 7.90 -10.94 -38.13
CA THR B 48 8.39 -10.49 -36.84
C THR B 48 7.44 -9.46 -36.25
N LEU B 49 7.35 -9.46 -34.93
CA LEU B 49 6.68 -8.41 -34.18
C LEU B 49 7.58 -8.01 -33.01
N ASP B 50 7.52 -6.72 -32.66
CA ASP B 50 8.35 -6.22 -31.57
C ASP B 50 7.73 -4.95 -31.02
N ILE B 51 7.24 -4.98 -29.77
CA ILE B 51 6.69 -3.81 -29.11
C ILE B 51 7.84 -3.05 -28.51
N GLU B 52 7.81 -1.72 -28.57
CA GLU B 52 8.89 -0.88 -28.06
C GLU B 52 9.08 -1.14 -26.58
N PRO B 53 10.31 -1.12 -26.05
CA PRO B 53 10.57 -1.51 -24.65
C PRO B 53 10.22 -0.51 -23.55
N VAL B 54 10.45 0.78 -23.77
CA VAL B 54 10.26 1.81 -22.74
C VAL B 54 8.86 1.86 -22.15
N GLU B 55 7.82 1.90 -22.99
CA GLU B 55 6.43 2.02 -22.53
C GLU B 55 5.44 1.06 -23.18
N GLY B 56 5.88 0.27 -24.16
CA GLY B 56 5.02 -0.68 -24.86
C GLY B 56 3.82 -0.06 -25.52
N ARG B 57 4.00 1.08 -26.18
CA ARG B 57 2.92 1.72 -26.91
C ARG B 57 2.95 1.43 -28.41
N TYR B 58 4.12 1.50 -29.04
CA TYR B 58 4.25 1.27 -30.46
C TYR B 58 4.83 -0.11 -30.72
N MET B 59 4.31 -0.79 -31.74
CA MET B 59 4.76 -2.10 -32.15
C MET B 59 5.25 -2.03 -33.59
N LEU B 60 6.28 -2.81 -33.91
CA LEU B 60 6.84 -2.87 -35.24
C LEU B 60 6.58 -4.25 -35.82
N SER B 61 5.94 -4.29 -36.99
CA SER B 61 5.67 -5.53 -37.70
C SER B 61 6.33 -5.49 -39.06
N GLY B 62 7.26 -6.41 -39.29
CA GLY B 62 7.88 -6.59 -40.58
C GLY B 62 7.20 -7.73 -41.32
N GLY B 63 6.89 -7.51 -42.59
CA GLY B 63 6.15 -8.45 -43.38
C GLY B 63 7.01 -9.20 -44.39
N SER B 64 6.43 -10.26 -44.94
CA SER B 64 7.10 -11.00 -46.00
C SER B 64 7.25 -10.16 -47.25
N ASP B 65 6.32 -9.24 -47.49
CA ASP B 65 6.35 -8.38 -48.66
C ASP B 65 7.27 -7.17 -48.48
N GLY B 66 8.13 -7.18 -47.47
CA GLY B 66 9.08 -6.10 -47.27
C GLY B 66 8.50 -4.82 -46.72
N VAL B 67 7.31 -4.86 -46.16
CA VAL B 67 6.63 -3.68 -45.64
C VAL B 67 6.77 -3.65 -44.12
N ILE B 68 7.23 -2.53 -43.59
CA ILE B 68 7.31 -2.32 -42.15
C ILE B 68 6.12 -1.48 -41.73
N VAL B 69 5.44 -1.88 -40.66
CA VAL B 69 4.29 -1.16 -40.15
C VAL B 69 4.53 -0.82 -38.68
N LEU B 70 4.37 0.45 -38.32
CA LEU B 70 4.53 0.90 -36.94
C LEU B 70 3.15 1.10 -36.35
N TYR B 71 2.57 -0.01 -35.87
CA TYR B 71 1.25 0.05 -35.27
C TYR B 71 1.31 0.77 -33.93
N ASP B 72 0.21 1.42 -33.57
CA ASP B 72 0.05 2.07 -32.28
C ASP B 72 -0.98 1.30 -31.48
N LEU B 73 -0.57 0.78 -30.32
CA LEU B 73 -1.47 0.04 -29.45
C LEU B 73 -2.29 0.97 -28.54
N GLU B 74 -1.98 2.26 -28.51
CA GLU B 74 -2.79 3.20 -27.75
C GLU B 74 -4.19 3.27 -28.34
N ASN B 75 -5.19 2.99 -27.52
CA ASN B 75 -6.58 2.96 -27.96
C ASN B 75 -7.14 4.38 -27.88
N SER B 76 -6.97 5.13 -28.97
CA SER B 76 -7.48 6.49 -29.06
C SER B 76 -8.95 6.55 -29.48
N SER B 77 -9.54 5.43 -29.88
CA SER B 77 -10.89 5.44 -30.42
C SER B 77 -11.96 5.61 -29.35
N ARG B 78 -11.63 5.37 -28.08
CA ARG B 78 -12.57 5.42 -26.97
C ARG B 78 -13.65 4.35 -27.09
N GLN B 79 -13.49 3.38 -27.97
CA GLN B 79 -14.50 2.36 -28.23
C GLN B 79 -13.96 0.99 -27.85
N SER B 80 -14.83 0.16 -27.27
CA SER B 80 -14.44 -1.20 -26.93
C SER B 80 -13.91 -1.93 -28.16
N TYR B 81 -14.65 -1.85 -29.27
CA TYR B 81 -14.17 -2.33 -30.55
C TYR B 81 -13.40 -1.20 -31.23
N TYR B 82 -12.14 -1.48 -31.59
CA TYR B 82 -11.36 -0.51 -32.34
C TYR B 82 -10.22 -1.24 -33.04
N THR B 83 -9.71 -0.59 -34.08
CA THR B 83 -8.64 -1.14 -34.91
C THR B 83 -7.36 -0.36 -34.61
N CYS B 84 -6.31 -1.08 -34.24
CA CYS B 84 -5.01 -0.45 -33.99
C CYS B 84 -4.49 0.08 -35.32
N LYS B 85 -4.60 1.39 -35.51
CA LYS B 85 -4.24 1.99 -36.79
C LYS B 85 -2.73 1.95 -36.98
N ALA B 86 -2.32 1.93 -38.25
CA ALA B 86 -0.90 2.01 -38.61
C ALA B 86 -0.50 3.47 -38.65
N VAL B 87 0.19 3.93 -37.60
CA VAL B 87 0.61 5.32 -37.55
C VAL B 87 1.47 5.66 -38.76
N CYS B 88 2.38 4.76 -39.13
CA CYS B 88 3.19 4.96 -40.31
C CYS B 88 3.60 3.59 -40.83
N SER B 89 4.04 3.57 -42.10
CA SER B 89 4.45 2.33 -42.72
C SER B 89 5.45 2.63 -43.82
N ILE B 90 6.48 1.81 -43.90
CA ILE B 90 7.44 1.82 -45.00
C ILE B 90 6.99 0.72 -45.96
N GLY B 91 6.37 1.13 -47.07
CA GLY B 91 5.96 0.22 -48.12
C GLY B 91 6.72 0.47 -49.40
N ARG B 92 6.24 -0.18 -50.47
CA ARG B 92 6.93 -0.10 -51.75
C ARG B 92 7.09 1.33 -52.23
N ASP B 93 6.22 2.24 -51.78
CA ASP B 93 6.36 3.65 -52.14
C ASP B 93 7.67 4.22 -51.60
N HIS B 94 8.01 3.90 -50.36
CA HIS B 94 9.16 4.52 -49.72
C HIS B 94 10.45 4.01 -50.37
N PRO B 95 11.36 4.90 -50.80
CA PRO B 95 12.53 4.42 -51.56
C PRO B 95 13.37 3.38 -50.83
N ASP B 96 13.61 3.57 -49.53
CA ASP B 96 14.41 2.64 -48.74
C ASP B 96 13.62 1.41 -48.31
N VAL B 97 12.48 1.15 -48.92
CA VAL B 97 11.69 -0.03 -48.58
C VAL B 97 12.53 -1.27 -48.80
N HIS B 98 12.51 -2.17 -47.81
CA HIS B 98 13.17 -3.46 -47.95
C HIS B 98 12.55 -4.21 -49.13
N ARG B 99 13.33 -4.47 -50.17
CA ARG B 99 12.78 -5.09 -51.36
C ARG B 99 12.16 -6.44 -51.04
N TYR B 100 12.85 -7.25 -50.25
CA TYR B 100 12.40 -8.58 -49.90
C TYR B 100 11.83 -8.57 -48.48
N SER B 101 11.51 -9.75 -47.96
CA SER B 101 10.93 -9.84 -46.63
C SER B 101 11.87 -9.26 -45.58
N VAL B 102 11.29 -8.58 -44.60
CA VAL B 102 12.02 -8.14 -43.41
C VAL B 102 11.86 -9.20 -42.34
N GLU B 103 12.96 -9.86 -41.96
CA GLU B 103 12.92 -11.00 -41.04
C GLU B 103 12.67 -10.61 -39.62
N THR B 104 13.41 -9.63 -39.10
CA THR B 104 13.29 -9.18 -37.72
C THR B 104 13.30 -7.68 -37.64
N VAL B 105 12.68 -7.12 -36.59
CA VAL B 105 12.64 -5.68 -36.37
C VAL B 105 12.80 -5.54 -34.87
N GLN B 106 13.75 -4.71 -34.41
CA GLN B 106 14.04 -4.56 -32.99
C GLN B 106 14.41 -3.16 -32.58
N TRP B 107 13.60 -2.53 -31.73
CA TRP B 107 13.83 -1.17 -31.29
C TRP B 107 15.21 -1.04 -30.64
N TYR B 108 15.68 0.19 -30.53
CA TYR B 108 16.85 0.46 -29.71
C TYR B 108 16.46 0.29 -28.25
N PRO B 109 17.08 -0.62 -27.50
CA PRO B 109 16.68 -0.80 -26.10
C PRO B 109 16.95 0.44 -25.25
N HIS B 110 17.82 1.33 -25.70
CA HIS B 110 18.09 2.56 -24.96
C HIS B 110 17.12 3.67 -25.35
N ASP B 111 17.09 4.02 -26.64
CA ASP B 111 16.28 5.11 -27.15
C ASP B 111 15.19 4.56 -28.06
N THR B 112 13.94 4.93 -27.79
CA THR B 112 12.82 4.48 -28.61
C THR B 112 12.79 5.14 -29.98
N GLY B 113 13.61 6.16 -30.20
CA GLY B 113 13.58 6.85 -31.49
C GLY B 113 14.02 5.96 -32.64
N MET B 114 15.11 5.22 -32.45
CA MET B 114 15.68 4.41 -33.52
C MET B 114 15.28 2.95 -33.36
N PHE B 115 15.25 2.25 -34.49
CA PHE B 115 15.01 0.81 -34.49
C PHE B 115 15.71 0.16 -35.66
N THR B 116 16.06 -1.10 -35.48
CA THR B 116 16.83 -1.87 -36.46
C THR B 116 15.94 -2.87 -37.17
N SER B 117 16.10 -2.97 -38.49
CA SER B 117 15.36 -3.92 -39.30
C SER B 117 16.33 -4.62 -40.24
N SER B 118 16.37 -5.95 -40.19
CA SER B 118 17.22 -6.75 -41.05
C SER B 118 16.34 -7.53 -42.03
N SER B 119 16.80 -7.63 -43.28
CA SER B 119 15.97 -8.22 -44.33
C SER B 119 16.75 -9.28 -45.10
N PHE B 120 16.00 -10.06 -45.88
CA PHE B 120 16.57 -10.98 -46.86
C PHE B 120 17.27 -10.27 -48.00
N ASP B 121 17.28 -8.94 -48.00
CA ASP B 121 17.98 -8.17 -49.02
C ASP B 121 19.47 -8.08 -48.77
N LYS B 122 19.99 -8.81 -47.79
CA LYS B 122 21.41 -8.79 -47.41
C LYS B 122 21.76 -7.56 -46.60
N THR B 123 20.77 -6.86 -46.02
CA THR B 123 21.02 -5.57 -45.39
C THR B 123 20.31 -5.46 -44.05
N LEU B 124 20.97 -4.75 -43.13
CA LEU B 124 20.42 -4.36 -41.84
C LEU B 124 20.43 -2.84 -41.77
N LYS B 125 19.26 -2.23 -41.59
CA LYS B 125 19.12 -0.78 -41.61
C LYS B 125 18.64 -0.27 -40.25
N VAL B 126 19.23 0.82 -39.82
CA VAL B 126 18.83 1.52 -38.60
C VAL B 126 18.02 2.74 -39.03
N TRP B 127 16.74 2.74 -38.69
CA TRP B 127 15.83 3.84 -38.95
C TRP B 127 15.63 4.67 -37.69
N ASP B 128 15.09 5.88 -37.86
CA ASP B 128 14.72 6.73 -36.74
C ASP B 128 13.21 6.61 -36.78
N THR B 129 12.46 7.31 -35.91
CA THR B 129 11.00 7.31 -35.92
C THR B 129 10.47 8.74 -35.91
N ASN B 130 11.36 9.74 -36.06
CA ASN B 130 10.95 11.14 -36.14
C ASN B 130 10.67 11.43 -37.59
N THR B 131 11.39 10.76 -38.51
CA THR B 131 11.20 10.91 -39.95
C THR B 131 11.07 9.56 -40.63
N LEU B 132 11.29 8.46 -39.89
CA LEU B 132 11.23 7.10 -40.44
C LEU B 132 12.14 7.03 -41.65
N GLN B 133 13.36 7.56 -41.53
CA GLN B 133 14.35 7.54 -42.61
C GLN B 133 15.46 6.63 -42.18
N THR B 134 16.16 6.00 -43.14
CA THR B 134 17.20 5.03 -42.82
C THR B 134 18.44 5.78 -42.35
N ALA B 135 18.62 5.86 -41.03
CA ALA B 135 19.76 6.58 -40.48
C ALA B 135 21.07 5.93 -40.88
N ASP B 136 21.11 4.60 -40.86
CA ASP B 136 22.35 3.90 -41.18
C ASP B 136 22.03 2.58 -41.89
N VAL B 137 23.01 2.06 -42.62
CA VAL B 137 22.86 0.83 -43.37
C VAL B 137 24.13 -0.01 -43.22
N PHE B 138 23.96 -1.32 -43.08
CA PHE B 138 25.05 -2.28 -43.11
C PHE B 138 24.71 -3.37 -44.10
N ASN B 139 25.66 -3.68 -44.99
CA ASN B 139 25.47 -4.66 -46.05
C ASN B 139 26.36 -5.87 -45.77
N PHE B 140 25.78 -7.08 -45.79
CA PHE B 140 26.49 -8.33 -45.55
C PHE B 140 26.59 -9.12 -46.83
N GLU B 141 27.33 -10.24 -46.79
CA GLU B 141 27.52 -11.10 -47.95
C GLU B 141 26.47 -12.18 -47.99
N GLU B 142 25.83 -12.44 -46.85
CA GLU B 142 24.77 -13.45 -46.74
C GLU B 142 23.55 -12.84 -46.12
N THR B 143 22.37 -13.36 -46.46
CA THR B 143 21.11 -12.82 -45.96
C THR B 143 21.09 -12.90 -44.46
N VAL B 144 20.76 -11.79 -43.81
CA VAL B 144 20.70 -11.70 -42.36
C VAL B 144 19.52 -12.55 -41.88
N TYR B 145 19.81 -13.71 -41.30
CA TYR B 145 18.75 -14.54 -40.74
C TYR B 145 18.23 -13.98 -39.43
N SER B 146 19.08 -13.32 -38.65
CA SER B 146 18.62 -12.71 -37.41
C SER B 146 19.62 -11.65 -36.98
N HIS B 147 19.15 -10.74 -36.12
CA HIS B 147 20.00 -9.70 -35.56
C HIS B 147 19.45 -9.29 -34.21
N HIS B 148 20.34 -9.04 -33.26
CA HIS B 148 19.93 -8.65 -31.92
C HIS B 148 20.95 -7.70 -31.32
N MET B 149 20.45 -6.75 -30.52
CA MET B 149 21.27 -5.80 -29.79
C MET B 149 21.07 -6.04 -28.29
N SER B 150 22.16 -5.98 -27.54
CA SER B 150 22.11 -6.32 -26.13
C SER B 150 21.16 -5.36 -25.41
N PRO B 151 20.15 -5.87 -24.69
CA PRO B 151 19.25 -4.96 -23.96
C PRO B 151 19.82 -4.44 -22.66
N VAL B 152 20.83 -5.11 -22.10
CA VAL B 152 21.44 -4.73 -20.84
C VAL B 152 22.77 -4.01 -21.05
N SER B 153 23.11 -3.71 -22.30
CA SER B 153 24.39 -3.08 -22.62
C SER B 153 24.19 -1.58 -22.80
N THR B 154 24.88 -0.79 -21.98
CA THR B 154 24.97 0.64 -22.18
C THR B 154 26.34 1.08 -22.68
N LYS B 155 27.38 0.32 -22.37
CA LYS B 155 28.73 0.70 -22.79
C LYS B 155 28.85 0.71 -24.30
N HIS B 156 28.50 -0.41 -24.95
CA HIS B 156 28.44 -0.49 -26.40
C HIS B 156 27.04 -0.88 -26.84
N CYS B 157 26.70 -0.51 -28.08
CA CYS B 157 25.45 -0.89 -28.72
C CYS B 157 25.67 -1.98 -29.76
N LEU B 158 26.56 -2.93 -29.46
CA LEU B 158 26.94 -3.93 -30.44
C LEU B 158 25.72 -4.68 -30.96
N VAL B 159 25.69 -4.89 -32.28
CA VAL B 159 24.65 -5.67 -32.94
C VAL B 159 25.27 -6.98 -33.39
N ALA B 160 24.65 -8.09 -32.98
CA ALA B 160 25.06 -9.42 -33.40
C ALA B 160 24.14 -9.87 -34.52
N VAL B 161 24.75 -10.22 -35.66
CA VAL B 161 24.02 -10.60 -36.87
C VAL B 161 24.41 -12.03 -37.21
N GLY B 162 23.40 -12.87 -37.40
CA GLY B 162 23.58 -14.23 -37.87
C GLY B 162 22.97 -14.37 -39.27
N THR B 163 23.78 -14.83 -40.23
CA THR B 163 23.37 -14.93 -41.64
C THR B 163 23.47 -16.33 -42.20
N ARG B 164 23.29 -16.51 -43.51
CA ARG B 164 23.46 -17.81 -44.16
C ARG B 164 24.86 -18.28 -43.90
N GLY B 165 25.79 -17.33 -43.80
CA GLY B 165 27.19 -17.64 -43.52
C GLY B 165 27.35 -18.20 -42.12
N PRO B 166 28.36 -19.05 -41.87
CA PRO B 166 28.53 -19.70 -40.57
C PRO B 166 29.31 -18.86 -39.58
N LYS B 167 29.65 -17.61 -39.94
CA LYS B 167 30.39 -16.71 -39.06
C LYS B 167 29.44 -15.65 -38.51
N VAL B 168 29.38 -15.53 -37.18
CA VAL B 168 28.61 -14.47 -36.56
C VAL B 168 29.31 -13.15 -36.81
N GLN B 169 28.53 -12.10 -37.03
CA GLN B 169 29.08 -10.76 -37.22
C GLN B 169 28.70 -9.88 -36.05
N LEU B 170 29.63 -9.07 -35.58
CA LEU B 170 29.37 -8.09 -34.53
C LEU B 170 29.78 -6.72 -35.06
N CYS B 171 28.82 -5.80 -35.08
CA CYS B 171 29.00 -4.47 -35.64
C CYS B 171 28.66 -3.43 -34.59
N ASP B 172 29.46 -2.36 -34.54
CA ASP B 172 29.29 -1.30 -33.56
C ASP B 172 28.51 -0.16 -34.21
N LEU B 173 27.37 0.19 -33.62
CA LEU B 173 26.56 1.28 -34.16
C LEU B 173 27.20 2.63 -33.86
N LYS B 174 27.71 2.81 -32.64
CA LYS B 174 28.32 4.09 -32.29
C LYS B 174 29.52 4.38 -33.16
N SER B 175 30.38 3.39 -33.39
CA SER B 175 31.53 3.54 -34.27
C SER B 175 31.21 3.26 -35.73
N GLY B 176 30.00 2.77 -36.03
CA GLY B 176 29.62 2.53 -37.40
C GLY B 176 30.54 1.58 -38.14
N SER B 177 30.97 0.51 -37.48
CA SER B 177 31.88 -0.46 -38.06
C SER B 177 31.33 -1.88 -37.87
N CYS B 178 31.51 -2.70 -38.90
CA CYS B 178 31.17 -4.13 -38.85
C CYS B 178 32.39 -4.98 -38.56
N SER B 179 33.30 -4.48 -37.72
CA SER B 179 34.62 -5.08 -37.60
C SER B 179 34.56 -6.52 -37.11
N HIS B 180 33.87 -6.76 -36.00
CA HIS B 180 34.09 -8.00 -35.29
C HIS B 180 33.45 -9.19 -36.00
N ILE B 181 34.17 -10.31 -36.03
CA ILE B 181 33.68 -11.54 -36.63
C ILE B 181 34.01 -12.69 -35.68
N LEU B 182 32.99 -13.48 -35.33
CA LEU B 182 33.16 -14.64 -34.45
C LEU B 182 32.98 -15.90 -35.28
N GLN B 183 33.90 -16.84 -35.12
CA GLN B 183 33.95 -18.04 -35.94
C GLN B 183 33.89 -19.27 -35.05
N GLY B 184 33.41 -20.37 -35.63
CA GLY B 184 33.32 -21.63 -34.92
C GLY B 184 32.11 -22.46 -35.31
N HIS B 185 31.09 -21.82 -35.91
CA HIS B 185 29.89 -22.53 -36.37
C HIS B 185 30.13 -23.12 -37.74
N ARG B 186 29.29 -24.06 -38.17
CA ARG B 186 29.46 -24.77 -39.44
C ARG B 186 28.54 -24.33 -40.55
N GLN B 187 27.32 -23.90 -40.21
CA GLN B 187 26.33 -23.45 -41.20
C GLN B 187 25.57 -22.24 -40.70
N GLU B 188 24.58 -21.77 -41.48
CA GLU B 188 23.83 -20.56 -41.13
C GLU B 188 23.43 -20.52 -39.69
N ILE B 189 23.59 -19.36 -39.06
CA ILE B 189 23.20 -19.16 -37.68
C ILE B 189 21.83 -18.57 -37.77
N LEU B 190 20.82 -19.28 -37.26
CA LEU B 190 19.43 -18.87 -37.37
C LEU B 190 18.96 -17.98 -36.23
N ALA B 191 19.64 -17.96 -35.10
CA ALA B 191 19.20 -17.18 -33.96
C ALA B 191 20.41 -16.70 -33.17
N VAL B 192 20.47 -15.39 -32.93
CA VAL B 192 21.47 -14.78 -32.07
C VAL B 192 20.73 -13.94 -31.03
N SER B 193 21.13 -14.10 -29.77
CA SER B 193 20.44 -13.42 -28.67
C SER B 193 21.43 -13.17 -27.54
N TRP B 194 21.60 -11.91 -27.18
CA TRP B 194 22.44 -11.55 -26.04
C TRP B 194 21.75 -11.97 -24.75
N SER B 195 22.56 -12.28 -23.74
CA SER B 195 22.03 -12.64 -22.44
C SER B 195 21.61 -11.38 -21.69
N PRO B 196 20.36 -11.27 -21.26
CA PRO B 196 19.96 -10.05 -20.54
C PRO B 196 20.73 -9.83 -19.26
N ARG B 197 21.16 -10.90 -18.59
CA ARG B 197 21.90 -10.76 -17.34
C ARG B 197 23.32 -10.29 -17.58
N TYR B 198 24.09 -11.07 -18.33
CA TYR B 198 25.48 -10.74 -18.61
C TYR B 198 25.56 -9.99 -19.94
N ASP B 199 26.15 -8.80 -19.90
CA ASP B 199 26.19 -7.95 -21.09
C ASP B 199 26.92 -8.62 -22.23
N TYR B 200 28.06 -9.24 -21.95
CA TYR B 200 29.02 -9.64 -22.97
C TYR B 200 28.95 -11.14 -23.27
N ILE B 201 27.75 -11.71 -23.20
CA ILE B 201 27.51 -13.12 -23.48
C ILE B 201 26.50 -13.21 -24.61
N LEU B 202 26.83 -14.00 -25.63
CA LEU B 202 25.97 -14.16 -26.80
C LEU B 202 25.69 -15.64 -27.04
N ALA B 203 24.42 -15.97 -27.23
CA ALA B 203 24.01 -17.33 -27.53
C ALA B 203 23.65 -17.42 -29.00
N THR B 204 24.29 -18.35 -29.72
CA THR B 204 24.10 -18.49 -31.16
C THR B 204 23.69 -19.91 -31.48
N ALA B 205 22.59 -20.07 -32.20
CA ALA B 205 22.09 -21.36 -32.63
C ALA B 205 22.14 -21.45 -34.15
N SER B 206 22.51 -22.63 -34.68
CA SER B 206 22.66 -22.84 -36.11
C SER B 206 21.94 -24.12 -36.51
N ALA B 207 21.91 -24.45 -37.80
CA ALA B 207 21.28 -25.67 -38.30
C ALA B 207 22.26 -26.81 -38.19
N ASP B 208 23.41 -26.59 -37.56
CA ASP B 208 24.40 -27.62 -37.32
C ASP B 208 24.02 -28.38 -36.07
N SER B 209 22.84 -28.09 -35.51
CA SER B 209 22.31 -28.80 -34.35
C SER B 209 23.10 -28.48 -33.11
N ARG B 210 23.60 -27.25 -32.98
CA ARG B 210 24.39 -26.83 -31.82
C ARG B 210 24.15 -25.41 -31.37
N VAL B 211 24.18 -25.16 -30.06
CA VAL B 211 24.02 -23.84 -29.48
C VAL B 211 25.31 -23.49 -28.77
N LYS B 212 25.94 -22.39 -29.19
CA LYS B 212 27.25 -21.98 -28.67
C LYS B 212 27.09 -20.66 -27.93
N LEU B 213 27.60 -20.63 -26.70
CA LEU B 213 27.64 -19.42 -25.89
C LEU B 213 29.04 -18.85 -25.93
N TRP B 214 29.15 -17.57 -26.28
CA TRP B 214 30.41 -16.90 -26.52
C TRP B 214 30.54 -15.67 -25.62
N ASP B 215 31.78 -15.30 -25.33
CA ASP B 215 32.11 -14.03 -24.68
C ASP B 215 32.81 -13.15 -25.71
N VAL B 216 32.24 -11.97 -25.96
CA VAL B 216 32.76 -11.11 -27.01
C VAL B 216 34.14 -10.58 -26.63
N ARG B 217 34.35 -10.28 -25.35
CA ARG B 217 35.68 -9.86 -24.90
C ARG B 217 36.76 -10.77 -25.47
N ARG B 218 36.70 -12.06 -25.12
CA ARG B 218 37.61 -13.05 -25.65
C ARG B 218 37.24 -13.32 -27.11
N ALA B 219 37.97 -12.69 -28.03
CA ALA B 219 37.73 -12.88 -29.46
C ALA B 219 38.31 -14.19 -29.97
N SER B 220 38.71 -15.09 -29.07
CA SER B 220 39.38 -16.32 -29.47
C SER B 220 38.43 -17.50 -29.62
N GLY B 221 37.71 -17.85 -28.55
CA GLY B 221 36.96 -19.08 -28.53
C GLY B 221 35.58 -18.91 -27.93
N CYS B 222 34.74 -19.92 -28.17
CA CYS B 222 33.40 -19.96 -27.63
C CYS B 222 33.43 -20.51 -26.21
N LEU B 223 32.64 -19.91 -25.32
CA LEU B 223 32.62 -20.33 -23.92
C LEU B 223 32.12 -21.77 -23.80
N ILE B 224 30.86 -21.99 -24.17
CA ILE B 224 30.18 -23.26 -23.87
C ILE B 224 29.42 -23.76 -25.10
N THR B 225 29.16 -25.06 -25.12
CA THR B 225 28.32 -25.68 -26.13
C THR B 225 27.31 -26.56 -25.42
N LEU B 226 26.03 -26.26 -25.61
CA LEU B 226 24.97 -26.98 -24.92
C LEU B 226 24.83 -28.40 -25.47
N ASP B 227 24.75 -29.37 -24.56
CA ASP B 227 24.56 -30.77 -24.92
C ASP B 227 23.29 -31.27 -24.24
N GLN B 228 22.40 -31.87 -25.03
CA GLN B 228 21.15 -32.38 -24.47
C GLN B 228 21.41 -33.48 -23.45
N HIS B 229 22.38 -34.35 -23.72
CA HIS B 229 22.63 -35.52 -22.89
C HIS B 229 23.63 -35.26 -21.77
N ASN B 230 24.22 -34.07 -21.72
CA ASN B 230 25.19 -33.73 -20.67
C ASN B 230 26.34 -34.72 -20.63
N GLY B 231 26.77 -35.16 -21.81
CA GLY B 231 27.96 -35.99 -21.91
C GLY B 231 27.78 -37.44 -21.52
N LYS B 232 26.54 -37.89 -21.32
CA LYS B 232 26.31 -39.28 -20.93
C LYS B 232 26.49 -40.21 -22.13
N ALA B 240 25.76 -35.90 -28.48
CA ALA B 240 26.69 -35.19 -27.60
C ALA B 240 27.01 -33.83 -28.15
N ASN B 241 27.26 -32.85 -27.28
CA ASN B 241 27.56 -31.48 -27.68
C ASN B 241 26.64 -31.04 -28.79
N THR B 242 25.33 -31.30 -28.66
CA THR B 242 24.33 -30.90 -29.65
C THR B 242 23.04 -30.57 -28.98
N ALA B 243 22.48 -29.40 -29.24
CA ALA B 243 21.24 -28.94 -28.61
C ALA B 243 20.05 -29.77 -29.06
N HIS B 244 19.95 -30.06 -30.36
CA HIS B 244 18.82 -30.80 -30.93
C HIS B 244 19.22 -31.84 -31.99
N ASN B 245 18.29 -32.67 -32.48
CA ASN B 245 18.51 -33.63 -33.54
C ASN B 245 18.39 -33.03 -34.92
N GLY B 246 18.03 -31.75 -35.03
CA GLY B 246 17.88 -31.10 -36.31
C GLY B 246 18.47 -29.71 -36.33
N LYS B 247 17.67 -28.72 -36.70
CA LYS B 247 18.10 -27.33 -36.73
C LYS B 247 17.51 -26.61 -35.54
N VAL B 248 18.39 -25.95 -34.77
CA VAL B 248 17.95 -25.16 -33.61
C VAL B 248 17.61 -23.77 -34.16
N ASN B 249 16.37 -23.60 -34.60
CA ASN B 249 15.93 -22.40 -35.27
C ASN B 249 15.21 -21.43 -34.34
N GLY B 250 15.17 -21.71 -33.04
CA GLY B 250 14.61 -20.76 -32.09
C GLY B 250 15.43 -20.65 -30.83
N LEU B 251 15.65 -19.43 -30.36
CA LEU B 251 16.51 -19.20 -29.21
C LEU B 251 15.98 -18.00 -28.43
N CYS B 252 15.87 -18.14 -27.11
CA CYS B 252 15.47 -17.00 -26.30
C CYS B 252 15.82 -17.23 -24.84
N PHE B 253 16.44 -16.23 -24.21
CA PHE B 253 16.74 -16.31 -22.79
C PHE B 253 15.48 -16.09 -21.96
N THR B 254 15.46 -16.67 -20.77
CA THR B 254 14.39 -16.38 -19.82
C THR B 254 14.55 -14.95 -19.30
N SER B 255 13.46 -14.39 -18.79
CA SER B 255 13.45 -12.97 -18.43
C SER B 255 14.62 -12.61 -17.54
N ASP B 256 14.96 -13.47 -16.58
CA ASP B 256 16.06 -13.20 -15.66
C ASP B 256 17.41 -13.60 -16.22
N GLY B 257 17.44 -14.34 -17.33
CA GLY B 257 18.70 -14.73 -17.94
C GLY B 257 19.37 -15.94 -17.31
N LEU B 258 18.74 -16.58 -16.32
CA LEU B 258 19.32 -17.76 -15.70
C LEU B 258 19.07 -19.03 -16.50
N HIS B 259 18.17 -18.99 -17.47
CA HIS B 259 17.86 -20.15 -18.29
C HIS B 259 17.69 -19.72 -19.72
N LEU B 260 17.86 -20.68 -20.64
CA LEU B 260 17.77 -20.43 -22.07
C LEU B 260 16.86 -21.47 -22.69
N LEU B 261 15.96 -21.04 -23.58
CA LEU B 261 15.03 -21.92 -24.26
C LEU B 261 15.42 -22.04 -25.72
N THR B 262 15.54 -23.28 -26.19
CA THR B 262 15.92 -23.57 -27.56
C THR B 262 14.83 -24.41 -28.21
N VAL B 263 14.41 -24.01 -29.40
CA VAL B 263 13.39 -24.70 -30.17
C VAL B 263 14.04 -25.25 -31.43
N GLY B 264 13.97 -26.56 -31.60
CA GLY B 264 14.63 -27.20 -32.74
C GLY B 264 13.66 -27.76 -33.76
N THR B 265 14.15 -28.00 -34.97
CA THR B 265 13.33 -28.60 -36.01
C THR B 265 12.96 -30.04 -35.70
N ASP B 266 13.59 -30.64 -34.70
CA ASP B 266 13.19 -31.95 -34.20
C ASP B 266 11.88 -31.90 -33.43
N ASN B 267 11.21 -30.75 -33.42
CA ASN B 267 9.93 -30.58 -32.75
C ASN B 267 10.09 -30.67 -31.23
N ARG B 268 11.24 -30.25 -30.72
CA ARG B 268 11.51 -30.28 -29.29
C ARG B 268 11.92 -28.89 -28.81
N MET B 269 11.40 -28.52 -27.65
CA MET B 269 11.80 -27.30 -26.94
C MET B 269 12.52 -27.72 -25.66
N ARG B 270 13.72 -27.20 -25.46
CA ARG B 270 14.55 -27.59 -24.34
C ARG B 270 14.98 -26.38 -23.54
N LEU B 271 15.05 -26.56 -22.22
CA LEU B 271 15.49 -25.53 -21.29
C LEU B 271 16.89 -25.89 -20.79
N TRP B 272 17.72 -24.87 -20.60
CA TRP B 272 19.09 -25.06 -20.15
C TRP B 272 19.42 -24.13 -19.07
N ASN B 273 20.46 -24.45 -18.29
CA ASN B 273 20.95 -23.54 -17.30
C ASN B 273 21.80 -22.62 -18.13
N SER B 274 21.75 -21.32 -17.89
CA SER B 274 22.52 -20.34 -18.63
C SER B 274 23.87 -20.24 -18.01
N SER B 275 24.01 -20.71 -16.76
CA SER B 275 25.25 -20.56 -16.02
C SER B 275 26.28 -21.59 -16.44
N ASN B 276 25.87 -22.84 -16.61
CA ASN B 276 26.77 -23.93 -16.94
C ASN B 276 26.28 -24.81 -18.08
N GLY B 277 25.13 -24.51 -18.68
CA GLY B 277 24.73 -25.13 -19.93
C GLY B 277 24.52 -26.63 -19.89
N GLU B 278 23.79 -27.12 -18.90
CA GLU B 278 23.37 -28.52 -18.86
C GLU B 278 21.86 -28.58 -18.98
N ASN B 279 21.36 -29.50 -19.79
CA ASN B 279 19.93 -29.61 -20.01
C ASN B 279 19.21 -29.86 -18.69
N THR B 280 18.27 -28.98 -18.35
CA THR B 280 17.46 -29.17 -17.15
C THR B 280 16.49 -30.34 -17.30
N LEU B 281 16.31 -30.85 -18.51
CA LEU B 281 15.53 -32.06 -18.75
C LEU B 281 14.03 -31.82 -18.57
N VAL B 282 13.57 -30.60 -18.81
CA VAL B 282 12.14 -30.31 -18.76
C VAL B 282 11.48 -30.86 -20.00
N ASN B 283 10.45 -31.68 -19.81
CA ASN B 283 9.79 -32.38 -20.91
C ASN B 283 8.62 -31.53 -21.39
N TYR B 284 8.84 -30.78 -22.47
CA TYR B 284 7.81 -29.95 -23.08
C TYR B 284 6.99 -30.69 -24.13
N GLY B 285 7.32 -31.94 -24.41
CA GLY B 285 6.57 -32.69 -25.41
C GLY B 285 6.89 -32.24 -26.82
N LYS B 286 6.08 -32.75 -27.74
CA LYS B 286 6.26 -32.47 -29.16
C LYS B 286 5.75 -31.07 -29.47
N VAL B 287 6.67 -30.13 -29.66
CA VAL B 287 6.34 -28.77 -30.07
C VAL B 287 6.57 -28.73 -31.57
N CYS B 288 5.51 -28.98 -32.34
CA CYS B 288 5.62 -29.04 -33.79
C CYS B 288 6.25 -27.76 -34.33
N ASN B 289 7.29 -27.92 -35.15
CA ASN B 289 8.01 -26.78 -35.69
C ASN B 289 8.66 -27.22 -37.00
N ASN B 290 8.07 -26.80 -38.12
CA ASN B 290 8.57 -27.12 -39.45
C ASN B 290 9.12 -25.91 -40.18
N SER B 291 9.29 -24.78 -39.50
CA SER B 291 9.79 -23.58 -40.14
C SER B 291 11.29 -23.69 -40.38
N LYS B 292 11.74 -23.42 -41.62
CA LYS B 292 13.15 -23.52 -41.98
C LYS B 292 13.81 -22.20 -41.63
N LYS B 293 13.01 -21.15 -41.44
CA LYS B 293 13.52 -19.84 -41.07
C LYS B 293 13.47 -19.76 -39.57
N GLY B 294 14.30 -18.90 -38.97
CA GLY B 294 14.31 -18.71 -37.52
C GLY B 294 12.90 -18.54 -36.98
N LEU B 295 12.51 -19.36 -36.01
CA LEU B 295 11.20 -19.28 -35.36
C LEU B 295 11.31 -18.40 -34.13
N LYS B 296 10.51 -17.33 -34.05
CA LYS B 296 10.55 -16.39 -32.94
C LYS B 296 9.49 -16.76 -31.91
N PHE B 297 9.91 -16.88 -30.65
CA PHE B 297 9.01 -17.14 -29.54
C PHE B 297 9.39 -16.21 -28.39
N THR B 298 8.41 -15.89 -27.55
CA THR B 298 8.56 -14.91 -26.50
C THR B 298 8.25 -15.52 -25.15
N VAL B 299 8.90 -15.00 -24.11
CA VAL B 299 8.71 -15.45 -22.74
C VAL B 299 8.08 -14.32 -21.94
N SER B 300 7.16 -14.69 -21.04
CA SER B 300 6.47 -13.69 -20.24
C SER B 300 7.44 -13.02 -19.26
N CYS B 301 6.96 -11.95 -18.63
CA CYS B 301 7.75 -11.23 -17.65
C CYS B 301 6.82 -10.68 -16.59
N GLY B 302 7.29 -10.69 -15.34
CA GLY B 302 6.47 -10.22 -14.23
C GLY B 302 5.22 -11.05 -14.03
N CYS B 303 5.36 -12.37 -14.05
CA CYS B 303 4.26 -13.29 -13.82
C CYS B 303 4.72 -14.38 -12.88
N SER B 304 3.75 -14.97 -12.16
CA SER B 304 4.09 -15.99 -11.16
C SER B 304 4.94 -17.09 -11.77
N SER B 305 4.46 -17.68 -12.86
CA SER B 305 5.19 -18.70 -13.60
C SER B 305 5.48 -18.17 -14.99
N GLU B 306 6.76 -18.12 -15.35
CA GLU B 306 7.14 -17.61 -16.66
C GLU B 306 6.57 -18.49 -17.75
N PHE B 307 5.70 -17.92 -18.58
CA PHE B 307 5.14 -18.63 -19.71
C PHE B 307 6.01 -18.44 -20.94
N VAL B 308 6.00 -19.46 -21.80
CA VAL B 308 6.66 -19.38 -23.10
C VAL B 308 5.61 -19.62 -24.17
N PHE B 309 5.53 -18.71 -25.13
CA PHE B 309 4.57 -18.78 -26.23
C PHE B 309 5.34 -19.17 -27.48
N VAL B 310 5.09 -20.38 -27.98
CA VAL B 310 5.77 -20.93 -29.14
C VAL B 310 4.77 -21.07 -30.27
N PRO B 311 5.05 -20.57 -31.46
CA PRO B 311 4.17 -20.87 -32.60
C PRO B 311 4.10 -22.37 -32.84
N TYR B 312 2.95 -22.96 -32.59
CA TYR B 312 2.73 -24.40 -32.73
C TYR B 312 1.86 -24.59 -33.96
N GLY B 313 2.50 -24.77 -35.10
CA GLY B 313 1.74 -24.84 -36.35
C GLY B 313 1.00 -23.55 -36.56
N SER B 314 -0.34 -23.56 -36.57
CA SER B 314 -1.16 -22.37 -36.80
C SER B 314 -1.78 -21.97 -35.55
N THR B 315 -1.38 -22.55 -34.43
CA THR B 315 -1.81 -22.11 -33.12
C THR B 315 -0.63 -21.53 -32.35
N ILE B 316 -0.88 -21.09 -31.13
CA ILE B 316 0.14 -20.57 -30.24
C ILE B 316 0.10 -21.41 -28.97
N ALA B 317 1.16 -22.18 -28.73
CA ALA B 317 1.24 -23.05 -27.57
C ALA B 317 1.87 -22.29 -26.43
N VAL B 318 1.13 -22.14 -25.33
CA VAL B 318 1.63 -21.49 -24.12
C VAL B 318 1.98 -22.60 -23.13
N TYR B 319 3.27 -22.70 -22.76
CA TYR B 319 3.75 -23.71 -21.82
C TYR B 319 4.20 -23.03 -20.55
N THR B 320 4.95 -23.75 -19.70
CA THR B 320 5.50 -23.21 -18.46
C THR B 320 7.00 -23.37 -18.49
N VAL B 321 7.75 -22.30 -18.21
CA VAL B 321 9.21 -22.33 -18.28
C VAL B 321 9.82 -23.06 -17.09
N TYR B 322 9.13 -23.12 -15.96
CA TYR B 322 9.65 -23.74 -14.73
C TYR B 322 8.95 -25.04 -14.33
N SER B 323 8.10 -25.60 -15.20
CA SER B 323 7.40 -26.87 -14.94
C SER B 323 7.33 -27.66 -16.24
N GLY B 324 6.91 -27.04 -17.35
CA GLY B 324 6.88 -27.68 -18.67
C GLY B 324 5.48 -28.03 -19.10
N GLU B 325 4.49 -27.89 -18.20
CA GLU B 325 3.11 -28.23 -18.50
C GLU B 325 2.56 -27.29 -19.57
N GLN B 326 1.85 -27.85 -20.54
CA GLN B 326 1.29 -27.07 -21.64
C GLN B 326 0.08 -26.31 -21.14
N ILE B 327 0.26 -25.02 -20.86
CA ILE B 327 -0.81 -24.22 -20.26
C ILE B 327 -2.01 -24.19 -21.18
N THR B 328 -1.80 -23.93 -22.47
CA THR B 328 -2.93 -23.88 -23.40
C THR B 328 -2.41 -23.84 -24.83
N MET B 329 -3.35 -23.83 -25.77
CA MET B 329 -3.07 -23.73 -27.20
C MET B 329 -4.09 -22.79 -27.80
N LEU B 330 -3.73 -21.52 -27.92
CA LEU B 330 -4.66 -20.53 -28.48
C LEU B 330 -4.76 -20.71 -29.99
N LYS B 331 -6.00 -20.78 -30.49
CA LYS B 331 -6.28 -20.98 -31.90
C LYS B 331 -6.97 -19.76 -32.47
N GLY B 332 -7.09 -19.69 -33.80
CA GLY B 332 -7.70 -18.55 -34.48
C GLY B 332 -7.04 -18.26 -35.81
N HIS B 333 -5.71 -18.15 -35.83
CA HIS B 333 -4.96 -17.90 -37.06
C HIS B 333 -5.26 -18.97 -38.08
N TYR B 334 -5.36 -18.62 -39.37
CA TYR B 334 -5.68 -19.56 -40.44
C TYR B 334 -4.44 -20.19 -40.98
N LYS B 335 -3.33 -19.46 -41.02
CA LYS B 335 -2.05 -19.97 -41.50
C LYS B 335 -1.15 -20.16 -40.32
N THR B 336 -0.03 -20.85 -40.52
CA THR B 336 0.93 -21.10 -39.47
C THR B 336 1.31 -19.82 -38.80
N VAL B 337 1.39 -19.81 -37.47
CA VAL B 337 1.79 -18.64 -36.72
C VAL B 337 3.28 -18.50 -36.94
N ASP B 338 3.76 -17.28 -37.14
CA ASP B 338 5.18 -17.00 -37.37
C ASP B 338 5.85 -16.32 -36.19
N CYS B 339 5.29 -15.20 -35.72
CA CYS B 339 5.89 -14.44 -34.63
C CYS B 339 4.87 -14.22 -33.53
N CYS B 340 5.32 -14.31 -32.28
CA CYS B 340 4.50 -14.02 -31.11
C CYS B 340 5.24 -13.03 -30.24
N VAL B 341 4.59 -11.91 -29.93
CA VAL B 341 5.18 -10.87 -29.08
C VAL B 341 4.24 -10.61 -27.92
N PHE B 342 4.80 -10.57 -26.71
CA PHE B 342 4.03 -10.50 -25.48
C PHE B 342 4.21 -9.12 -24.87
N GLN B 343 3.09 -8.42 -24.64
CA GLN B 343 3.09 -7.14 -23.94
C GLN B 343 2.83 -7.42 -22.47
N SER B 344 3.92 -7.43 -21.68
CA SER B 344 3.81 -7.74 -20.26
C SER B 344 3.10 -6.63 -19.48
N ASN B 345 2.96 -5.44 -20.08
CA ASN B 345 2.30 -4.35 -19.38
C ASN B 345 0.86 -4.70 -19.05
N PHE B 346 0.14 -5.32 -19.99
CA PHE B 346 -1.25 -5.71 -19.79
C PHE B 346 -1.48 -7.20 -20.07
N GLN B 347 -0.41 -7.99 -20.03
CA GLN B 347 -0.50 -9.43 -20.27
C GLN B 347 -1.20 -9.73 -21.59
N GLU B 348 -0.87 -8.93 -22.61
CA GLU B 348 -1.42 -9.11 -23.95
C GLU B 348 -0.47 -9.92 -24.81
N LEU B 349 -1.00 -10.48 -25.89
CA LEU B 349 -0.19 -11.21 -26.86
C LEU B 349 -0.60 -10.78 -28.27
N TYR B 350 0.35 -10.72 -29.20
CA TYR B 350 0.10 -10.30 -30.57
C TYR B 350 0.87 -11.18 -31.50
N SER B 351 0.22 -12.09 -32.20
CA SER B 351 0.89 -13.04 -33.09
C SER B 351 0.71 -12.68 -34.54
N GLY B 352 1.80 -12.60 -35.31
CA GLY B 352 1.75 -12.29 -36.74
C GLY B 352 1.94 -13.53 -37.58
N SER B 353 0.85 -14.15 -38.03
CA SER B 353 0.89 -15.35 -38.87
C SER B 353 1.17 -14.96 -40.31
N ARG B 354 1.40 -15.94 -41.18
CA ARG B 354 1.71 -15.69 -42.59
C ARG B 354 0.45 -15.41 -43.39
N ASP B 355 -0.72 -15.37 -42.74
CA ASP B 355 -1.99 -15.05 -43.40
C ASP B 355 -2.16 -13.54 -43.51
N CYS B 356 -1.16 -12.75 -43.10
CA CYS B 356 -1.19 -11.28 -43.19
C CYS B 356 -2.08 -10.70 -42.12
N ASN B 357 -2.32 -11.46 -41.04
CA ASN B 357 -3.16 -11.02 -39.94
C ASN B 357 -2.36 -10.81 -38.69
N ILE B 358 -2.72 -9.81 -37.88
CA ILE B 358 -2.08 -9.55 -36.60
C ILE B 358 -3.16 -9.80 -35.59
N LEU B 359 -3.20 -11.01 -35.02
CA LEU B 359 -4.26 -11.36 -34.08
C LEU B 359 -3.84 -10.97 -32.66
N ALA B 360 -4.73 -10.28 -31.96
CA ALA B 360 -4.50 -9.85 -30.60
C ALA B 360 -5.21 -10.79 -29.63
N TRP B 361 -4.54 -11.13 -28.54
CA TRP B 361 -5.05 -12.06 -27.54
C TRP B 361 -4.96 -11.37 -26.19
N VAL B 362 -6.09 -11.34 -25.48
CA VAL B 362 -6.22 -10.54 -24.26
C VAL B 362 -6.84 -11.37 -23.15
N PRO B 363 -6.56 -11.07 -21.87
CA PRO B 363 -7.25 -11.78 -20.79
C PRO B 363 -8.69 -11.36 -20.64
N SER B 364 -9.61 -12.25 -21.03
CA SER B 364 -11.04 -12.03 -20.82
C SER B 364 -11.47 -12.80 -19.59
N LEU B 365 -12.05 -12.09 -18.62
CA LEU B 365 -12.39 -12.68 -17.34
C LEU B 365 -13.89 -12.66 -17.03
N TYR B 366 -14.72 -12.18 -17.94
CA TYR B 366 -16.16 -12.15 -17.71
C TYR B 366 -16.92 -12.18 -19.03
N MET C 21 3.05 23.69 -13.58
CA MET C 21 3.37 22.41 -12.96
C MET C 21 2.48 22.20 -11.75
N SER C 22 2.72 21.12 -11.01
CA SER C 22 1.99 20.81 -9.79
C SER C 22 2.96 20.72 -8.62
N TYR C 23 2.57 21.31 -7.50
CA TYR C 23 3.39 21.36 -6.30
C TYR C 23 2.61 20.74 -5.14
N ASN C 24 3.29 19.90 -4.35
CA ASN C 24 2.64 19.18 -3.29
C ASN C 24 3.59 19.03 -2.11
N TYR C 25 3.01 18.74 -0.95
CA TYR C 25 3.73 18.63 0.30
C TYR C 25 3.13 17.46 1.09
N VAL C 26 3.98 16.49 1.44
CA VAL C 26 3.56 15.29 2.14
C VAL C 26 4.23 15.27 3.51
N VAL C 27 3.42 15.07 4.55
CA VAL C 27 3.93 14.96 5.92
C VAL C 27 3.26 13.76 6.58
N THR C 28 3.90 13.23 7.62
CA THR C 28 3.43 12.05 8.32
C THR C 28 2.79 12.50 9.64
N ALA C 29 1.45 12.58 9.65
CA ALA C 29 0.77 12.98 10.88
C ALA C 29 0.97 11.95 11.98
N GLN C 30 0.91 10.66 11.61
CA GLN C 30 1.12 9.57 12.54
C GLN C 30 2.17 8.63 11.95
N LYS C 31 3.18 8.30 12.75
CA LYS C 31 4.20 7.37 12.29
C LYS C 31 3.61 5.97 12.17
N PRO C 32 4.13 5.14 11.27
CA PRO C 32 3.61 3.77 11.16
C PRO C 32 3.74 3.04 12.49
N THR C 33 2.68 2.31 12.84
CA THR C 33 2.60 1.61 14.12
C THR C 33 2.64 0.10 13.98
N ALA C 34 2.44 -0.44 12.78
CA ALA C 34 2.55 -1.87 12.59
C ALA C 34 4.01 -2.30 12.78
N VAL C 35 4.21 -3.37 13.55
CA VAL C 35 5.55 -3.86 13.85
C VAL C 35 5.96 -4.83 12.75
N ASN C 36 7.03 -4.49 12.03
CA ASN C 36 7.53 -5.35 10.95
C ASN C 36 8.56 -6.34 11.45
N GLY C 37 9.50 -5.90 12.29
CA GLY C 37 10.54 -6.78 12.77
C GLY C 37 10.81 -6.53 14.25
N CYS C 38 11.34 -7.55 14.91
CA CYS C 38 11.68 -7.46 16.32
C CYS C 38 12.87 -8.36 16.61
N VAL C 39 13.85 -7.84 17.33
CA VAL C 39 15.04 -8.62 17.67
C VAL C 39 15.56 -8.18 19.03
N THR C 40 15.89 -9.15 19.88
CA THR C 40 16.55 -8.88 21.14
C THR C 40 18.04 -9.21 21.07
N GLY C 41 18.84 -8.44 21.77
CA GLY C 41 20.27 -8.66 21.80
C GLY C 41 20.98 -7.75 22.77
N HIS C 42 22.23 -7.42 22.47
CA HIS C 42 23.03 -6.47 23.26
C HIS C 42 23.54 -5.43 22.27
N PHE C 43 22.73 -4.43 21.95
CA PHE C 43 23.08 -3.42 20.94
C PHE C 43 23.74 -2.19 21.50
N THR C 44 23.19 -1.63 22.58
CA THR C 44 23.70 -0.39 23.18
C THR C 44 24.88 -0.71 24.07
N SER C 45 24.88 -1.85 24.79
CA SER C 45 26.06 -2.21 25.54
C SER C 45 26.09 -3.73 25.69
N ALA C 46 27.28 -4.31 25.86
CA ALA C 46 27.44 -5.77 25.93
C ALA C 46 26.79 -6.36 27.15
N GLU C 47 26.44 -5.52 28.14
CA GLU C 47 25.83 -5.97 29.39
C GLU C 47 24.40 -5.49 29.54
N ASP C 48 23.73 -5.17 28.42
CA ASP C 48 22.36 -4.68 28.44
C ASP C 48 21.50 -5.32 27.37
N LEU C 49 20.32 -5.82 27.75
CA LEU C 49 19.39 -6.45 26.81
C LEU C 49 18.68 -5.35 26.07
N ASN C 50 18.79 -5.31 24.74
CA ASN C 50 18.20 -4.26 23.91
C ASN C 50 17.21 -4.80 22.90
N LEU C 51 16.00 -4.25 22.86
CA LEU C 51 14.95 -4.70 21.96
C LEU C 51 14.85 -3.70 20.81
N LEU C 52 14.98 -4.21 19.59
CA LEU C 52 14.95 -3.41 18.37
C LEU C 52 13.67 -3.76 17.62
N ILE C 53 12.85 -2.75 17.35
CA ILE C 53 11.57 -2.92 16.67
C ILE C 53 11.60 -2.10 15.39
N ALA C 54 11.39 -2.76 14.26
CA ALA C 54 11.31 -2.11 12.96
C ALA C 54 9.84 -1.95 12.59
N LYS C 55 9.39 -0.71 12.54
CA LYS C 55 8.04 -0.35 12.10
C LYS C 55 8.23 0.37 10.76
N ASN C 56 8.26 -0.40 9.68
CA ASN C 56 8.49 0.16 8.35
C ASN C 56 9.80 0.93 8.31
N THR C 57 9.75 2.26 8.30
CA THR C 57 10.94 3.09 8.20
C THR C 57 11.47 3.55 9.54
N ARG C 58 10.84 3.15 10.64
CA ARG C 58 11.26 3.51 11.98
C ARG C 58 11.95 2.34 12.64
N LEU C 59 12.98 2.62 13.44
CA LEU C 59 13.71 1.60 14.18
C LEU C 59 13.83 2.05 15.63
N GLU C 60 12.97 1.51 16.49
CA GLU C 60 12.95 1.88 17.90
C GLU C 60 13.83 0.95 18.70
N ILE C 61 14.70 1.52 19.53
CA ILE C 61 15.62 0.78 20.37
C ILE C 61 15.24 1.05 21.81
N TYR C 62 14.82 0.00 22.53
CA TYR C 62 14.47 0.06 23.94
C TYR C 62 15.45 -0.79 24.75
N VAL C 63 15.53 -0.49 26.05
CA VAL C 63 16.30 -1.26 27.00
C VAL C 63 15.34 -1.92 27.98
N VAL C 64 15.58 -3.19 28.27
CA VAL C 64 14.71 -3.97 29.16
C VAL C 64 15.22 -3.76 30.58
N THR C 65 14.75 -2.70 31.23
CA THR C 65 15.11 -2.41 32.60
C THR C 65 14.03 -2.97 33.54
N ALA C 66 14.18 -2.70 34.84
CA ALA C 66 13.15 -3.08 35.79
C ALA C 66 11.83 -2.37 35.50
N GLU C 67 11.91 -1.09 35.14
CA GLU C 67 10.69 -0.33 34.85
C GLU C 67 9.94 -0.90 33.66
N GLY C 68 10.66 -1.39 32.65
CA GLY C 68 10.04 -1.90 31.45
C GLY C 68 10.85 -1.59 30.22
N LEU C 69 10.18 -1.35 29.09
CA LEU C 69 10.85 -1.06 27.83
C LEU C 69 11.15 0.44 27.80
N ARG C 70 12.30 0.81 28.36
CA ARG C 70 12.73 2.21 28.33
C ARG C 70 13.20 2.55 26.92
N PRO C 71 12.61 3.55 26.26
CA PRO C 71 12.97 3.84 24.87
C PRO C 71 14.30 4.58 24.78
N VAL C 72 15.34 3.87 24.36
CA VAL C 72 16.65 4.50 24.21
C VAL C 72 16.64 5.46 23.04
N LYS C 73 16.14 5.03 21.89
CA LYS C 73 16.23 5.87 20.70
C LYS C 73 15.20 5.42 19.67
N GLU C 74 15.06 6.26 18.63
CA GLU C 74 14.23 5.95 17.47
C GLU C 74 14.95 6.49 16.25
N VAL C 75 15.40 5.60 15.38
CA VAL C 75 16.18 5.95 14.19
C VAL C 75 15.27 5.95 12.98
N GLY C 76 15.33 7.02 12.19
CA GLY C 76 14.59 7.08 10.96
C GLY C 76 15.44 6.67 9.77
N MET C 77 15.08 5.57 9.13
CA MET C 77 15.84 5.03 8.01
C MET C 77 15.18 5.42 6.70
N TYR C 78 16.00 5.85 5.75
CA TYR C 78 15.52 6.17 4.40
C TYR C 78 15.31 4.89 3.59
N GLY C 79 14.42 4.04 4.10
CA GLY C 79 14.14 2.76 3.47
C GLY C 79 13.29 1.86 4.34
N LYS C 80 12.57 0.94 3.72
CA LYS C 80 11.73 0.00 4.44
C LYS C 80 12.60 -1.16 4.93
N ILE C 81 12.68 -1.32 6.25
CA ILE C 81 13.54 -2.35 6.83
C ILE C 81 12.92 -3.72 6.59
N ALA C 82 13.45 -4.45 5.61
CA ALA C 82 12.95 -5.78 5.30
C ALA C 82 13.71 -6.86 6.05
N VAL C 83 14.96 -6.60 6.43
CA VAL C 83 15.78 -7.55 7.17
C VAL C 83 16.41 -6.83 8.36
N MET C 84 16.33 -7.45 9.53
CA MET C 84 16.99 -6.98 10.74
C MET C 84 17.68 -8.16 11.38
N GLU C 85 18.95 -7.99 11.73
CA GLU C 85 19.68 -9.07 12.40
C GLU C 85 20.76 -8.49 13.28
N LEU C 86 20.91 -9.05 14.47
CA LEU C 86 21.95 -8.68 15.41
C LEU C 86 23.02 -9.76 15.39
N PHE C 87 24.18 -9.45 14.82
CA PHE C 87 25.28 -10.39 14.71
C PHE C 87 26.52 -9.80 15.35
N ARG C 88 27.25 -10.64 16.09
CA ARG C 88 28.45 -10.23 16.81
C ARG C 88 29.63 -11.03 16.27
N PRO C 89 30.36 -10.49 15.29
CA PRO C 89 31.57 -11.20 14.83
C PRO C 89 32.56 -11.34 15.97
N LYS C 90 33.26 -12.47 16.00
CA LYS C 90 34.23 -12.72 17.06
C LYS C 90 35.21 -11.56 17.16
N GLY C 91 35.37 -11.03 18.37
CA GLY C 91 36.18 -9.86 18.60
C GLY C 91 35.41 -8.58 18.74
N GLU C 92 34.09 -8.61 18.59
CA GLU C 92 33.24 -7.44 18.76
C GLU C 92 32.65 -7.43 20.17
N SER C 93 32.78 -6.30 20.86
CA SER C 93 32.31 -6.22 22.24
C SER C 93 30.80 -6.42 22.31
N LYS C 94 30.05 -5.75 21.45
CA LYS C 94 28.60 -5.82 21.44
C LYS C 94 28.10 -6.05 20.02
N ASP C 95 26.87 -6.54 19.93
CA ASP C 95 26.33 -6.97 18.65
C ASP C 95 26.16 -5.80 17.69
N LEU C 96 26.52 -6.02 16.43
CA LEU C 96 26.21 -5.09 15.36
C LEU C 96 24.83 -5.41 14.79
N LEU C 97 24.28 -4.47 14.03
CA LEU C 97 22.96 -4.60 13.44
C LEU C 97 23.08 -4.57 11.92
N PHE C 98 22.46 -5.54 11.26
CA PHE C 98 22.46 -5.62 9.81
C PHE C 98 21.04 -5.29 9.32
N ILE C 99 20.93 -4.26 8.48
CA ILE C 99 19.65 -3.82 7.96
C ILE C 99 19.71 -3.85 6.44
N LEU C 100 18.77 -4.57 5.84
CA LEU C 100 18.53 -4.50 4.41
C LEU C 100 17.20 -3.80 4.19
N THR C 101 17.18 -2.87 3.25
CA THR C 101 15.95 -2.13 2.95
C THR C 101 15.27 -2.74 1.73
N ALA C 102 13.97 -2.45 1.60
CA ALA C 102 13.19 -2.97 0.48
C ALA C 102 13.77 -2.53 -0.85
N LYS C 103 14.54 -1.44 -0.88
CA LYS C 103 15.25 -1.01 -2.06
C LYS C 103 16.63 -1.65 -2.18
N TYR C 104 16.94 -2.60 -1.30
CA TYR C 104 18.19 -3.35 -1.35
C TYR C 104 19.39 -2.49 -0.95
N ASN C 105 19.18 -1.61 0.03
CA ASN C 105 20.27 -0.92 0.69
C ASN C 105 20.69 -1.75 1.90
N ALA C 106 21.93 -2.23 1.89
CA ALA C 106 22.47 -3.01 2.99
C ALA C 106 23.37 -2.13 3.84
N CYS C 107 23.23 -2.25 5.15
CA CYS C 107 24.02 -1.43 6.07
C CYS C 107 24.25 -2.18 7.38
N ILE C 108 25.50 -2.22 7.80
CA ILE C 108 25.88 -2.75 9.10
C ILE C 108 26.21 -1.55 9.99
N LEU C 109 25.48 -1.44 11.10
CA LEU C 109 25.56 -0.31 12.02
C LEU C 109 25.94 -0.80 13.41
N GLU C 110 26.49 0.13 14.20
CA GLU C 110 26.87 -0.15 15.57
C GLU C 110 26.48 1.04 16.45
N TYR C 111 26.20 0.74 17.72
CA TYR C 111 25.89 1.76 18.70
C TYR C 111 27.17 2.24 19.36
N LYS C 112 27.32 3.56 19.49
CA LYS C 112 28.48 4.15 20.14
C LYS C 112 28.01 5.34 20.96
N GLN C 113 28.04 5.21 22.27
CA GLN C 113 27.56 6.24 23.20
C GLN C 113 28.74 6.72 24.04
N SER C 114 29.32 7.85 23.64
CA SER C 114 30.36 8.51 24.42
C SER C 114 29.67 9.58 25.26
N GLY C 115 29.52 9.28 26.55
CA GLY C 115 28.79 10.19 27.41
C GLY C 115 27.36 10.30 26.94
N GLU C 116 26.93 11.52 26.64
CA GLU C 116 25.59 11.77 26.14
C GLU C 116 25.48 11.72 24.63
N SER C 117 26.61 11.64 23.92
CA SER C 117 26.61 11.64 22.46
C SER C 117 26.26 10.23 21.97
N ILE C 118 25.00 10.01 21.62
CA ILE C 118 24.54 8.75 21.07
C ILE C 118 24.71 8.79 19.55
N ASP C 119 25.39 7.79 19.00
CA ASP C 119 25.65 7.73 17.57
C ASP C 119 25.33 6.33 17.06
N ILE C 120 24.87 6.28 15.81
CA ILE C 120 24.65 5.04 15.09
C ILE C 120 25.62 5.04 13.92
N ILE C 121 26.80 4.47 14.14
CA ILE C 121 27.86 4.50 13.13
C ILE C 121 27.55 3.47 12.06
N THR C 122 27.55 3.90 10.81
CA THR C 122 27.35 3.01 9.67
C THR C 122 28.67 2.36 9.33
N ARG C 123 28.96 1.23 10.00
CA ARG C 123 30.23 0.56 9.78
C ARG C 123 30.37 0.12 8.33
N ALA C 124 29.31 -0.43 7.74
CA ALA C 124 29.30 -0.81 6.33
C ALA C 124 28.03 -0.32 5.69
N HIS C 125 28.12 0.04 4.41
CA HIS C 125 26.95 0.48 3.66
C HIS C 125 27.16 0.20 2.19
N GLY C 126 26.07 -0.07 1.50
CA GLY C 126 26.14 -0.33 0.07
C GLY C 126 24.77 -0.69 -0.46
N ASN C 127 24.74 -0.98 -1.76
CA ASN C 127 23.53 -1.41 -2.44
C ASN C 127 23.80 -2.78 -3.06
N VAL C 128 22.96 -3.75 -2.72
CA VAL C 128 23.10 -5.12 -3.21
C VAL C 128 22.06 -5.44 -4.27
N GLN C 129 21.50 -4.42 -4.90
CA GLN C 129 20.52 -4.62 -5.95
C GLN C 129 21.19 -5.15 -7.22
N ASP C 130 20.52 -6.08 -7.89
CA ASP C 130 20.98 -6.60 -9.18
C ASP C 130 20.13 -6.02 -10.29
N ARG C 131 20.74 -5.89 -11.48
CA ARG C 131 20.08 -5.18 -12.57
C ARG C 131 18.77 -5.85 -12.96
N ILE C 132 18.76 -7.18 -13.07
CA ILE C 132 17.56 -7.94 -13.41
C ILE C 132 17.46 -9.14 -12.50
N GLY C 133 16.24 -9.65 -12.36
CA GLY C 133 15.98 -10.81 -11.52
C GLY C 133 14.60 -10.78 -10.93
N ARG C 134 13.94 -11.93 -10.85
CA ARG C 134 12.59 -11.99 -10.33
C ARG C 134 12.61 -11.88 -8.81
N PRO C 135 11.91 -10.91 -8.21
CA PRO C 135 11.79 -10.92 -6.75
C PRO C 135 11.18 -12.22 -6.26
N SER C 136 11.72 -12.74 -5.16
CA SER C 136 11.27 -14.03 -4.66
C SER C 136 9.81 -13.97 -4.23
N GLU C 137 9.07 -15.04 -4.53
CA GLU C 137 7.67 -15.11 -4.14
C GLU C 137 7.51 -14.98 -2.63
N THR C 138 8.39 -15.65 -1.86
CA THR C 138 8.35 -15.56 -0.41
C THR C 138 8.95 -14.28 0.12
N GLY C 139 9.64 -13.51 -0.72
CA GLY C 139 10.17 -12.21 -0.33
C GLY C 139 11.64 -12.30 0.07
N ILE C 140 12.18 -11.12 0.38
CA ILE C 140 13.57 -11.01 0.78
C ILE C 140 13.80 -11.83 2.04
N ILE C 141 14.87 -12.63 2.05
CA ILE C 141 15.28 -13.38 3.22
C ILE C 141 16.73 -13.02 3.54
N GLY C 142 17.00 -12.73 4.80
CA GLY C 142 18.36 -12.43 5.22
C GLY C 142 18.77 -13.24 6.42
N ILE C 143 19.88 -13.98 6.30
CA ILE C 143 20.35 -14.87 7.34
C ILE C 143 21.82 -14.59 7.60
N ILE C 144 22.31 -14.92 8.80
CA ILE C 144 23.73 -14.75 9.16
C ILE C 144 24.16 -16.04 9.81
N ASP C 145 25.42 -16.42 9.65
CA ASP C 145 25.95 -17.66 10.20
C ASP C 145 25.90 -17.69 11.69
N PRO C 146 25.99 -18.87 12.33
CA PRO C 146 26.09 -18.93 13.79
C PRO C 146 27.35 -18.24 14.24
N GLU C 147 28.42 -18.32 13.42
CA GLU C 147 29.72 -17.74 13.75
C GLU C 147 29.87 -16.35 13.18
N CYS C 148 28.84 -15.83 12.49
CA CYS C 148 28.88 -14.49 11.90
C CYS C 148 30.08 -14.36 10.95
N ARG C 149 30.14 -15.28 9.98
CA ARG C 149 31.19 -15.25 8.96
C ARG C 149 30.70 -14.68 7.63
N MET C 150 29.44 -14.91 7.29
CA MET C 150 28.90 -14.42 6.03
C MET C 150 27.43 -14.07 6.24
N ILE C 151 26.94 -13.15 5.42
CA ILE C 151 25.53 -12.76 5.41
C ILE C 151 24.94 -13.24 4.10
N GLY C 152 23.93 -14.11 4.19
CA GLY C 152 23.25 -14.63 3.02
C GLY C 152 21.95 -13.90 2.78
N LEU C 153 21.73 -13.52 1.53
CA LEU C 153 20.51 -12.83 1.11
C LEU C 153 19.88 -13.62 -0.02
N ARG C 154 18.63 -14.00 0.16
CA ARG C 154 17.80 -14.54 -0.90
C ARG C 154 16.89 -13.40 -1.35
N LEU C 155 17.28 -12.73 -2.42
CA LEU C 155 16.53 -11.61 -2.99
C LEU C 155 15.72 -12.07 -4.21
N TYR C 156 16.40 -12.64 -5.20
CA TYR C 156 15.76 -13.15 -6.40
C TYR C 156 15.93 -14.66 -6.45
N ASP C 157 14.85 -15.36 -6.82
CA ASP C 157 14.90 -16.81 -6.88
C ASP C 157 15.97 -17.26 -7.86
N GLY C 158 16.68 -18.33 -7.49
CA GLY C 158 17.75 -18.85 -8.30
C GLY C 158 19.11 -18.22 -8.03
N LEU C 159 19.17 -17.20 -7.18
CA LEU C 159 20.42 -16.53 -6.85
C LEU C 159 20.48 -16.33 -5.34
N PHE C 160 21.58 -16.76 -4.74
CA PHE C 160 21.85 -16.58 -3.31
C PHE C 160 23.05 -15.65 -3.18
N LYS C 161 22.82 -14.41 -2.76
CA LYS C 161 23.90 -13.47 -2.61
C LYS C 161 24.60 -13.69 -1.27
N VAL C 162 25.92 -13.68 -1.29
CA VAL C 162 26.72 -13.91 -0.09
C VAL C 162 27.64 -12.72 0.10
N ILE C 163 27.60 -12.12 1.28
CA ILE C 163 28.47 -11.03 1.69
C ILE C 163 29.43 -11.58 2.73
N PRO C 164 30.71 -11.83 2.41
CA PRO C 164 31.63 -12.33 3.42
C PRO C 164 31.96 -11.24 4.44
N LEU C 165 31.94 -11.60 5.72
CA LEU C 165 32.19 -10.65 6.80
C LEU C 165 33.66 -10.69 7.22
N ASP C 166 34.52 -10.30 6.29
CA ASP C 166 35.93 -10.13 6.57
C ASP C 166 36.20 -8.70 7.00
N ARG C 167 37.00 -8.56 8.06
CA ARG C 167 37.22 -7.25 8.67
C ARG C 167 38.42 -6.52 8.06
N ASP C 168 39.47 -7.25 7.70
CA ASP C 168 40.68 -6.61 7.21
C ASP C 168 40.40 -5.80 5.95
N ASN C 169 39.77 -6.42 4.95
CA ASN C 169 39.56 -5.76 3.67
C ASN C 169 38.62 -4.56 3.83
N LYS C 170 38.86 -3.54 3.02
CA LYS C 170 37.99 -2.37 3.02
C LYS C 170 36.69 -2.63 2.29
N GLU C 171 36.72 -3.45 1.25
CA GLU C 171 35.57 -3.71 0.41
C GLU C 171 35.00 -5.10 0.72
N LEU C 172 33.71 -5.14 1.01
CA LEU C 172 32.99 -6.41 1.12
C LEU C 172 32.42 -6.75 -0.24
N LYS C 173 32.96 -7.78 -0.87
CA LYS C 173 32.57 -8.16 -2.24
C LYS C 173 31.45 -9.19 -2.15
N ALA C 174 30.21 -8.73 -2.26
CA ALA C 174 29.08 -9.64 -2.33
C ALA C 174 29.06 -10.34 -3.67
N PHE C 175 28.86 -11.66 -3.64
CA PHE C 175 28.85 -12.45 -4.87
C PHE C 175 27.67 -13.40 -4.87
N ASN C 176 27.11 -13.62 -6.06
CA ASN C 176 25.96 -14.52 -6.20
C ASN C 176 26.43 -15.97 -6.32
N ILE C 177 25.54 -16.88 -5.91
CA ILE C 177 25.74 -18.30 -6.09
C ILE C 177 24.46 -18.87 -6.68
N ARG C 178 24.60 -19.75 -7.66
CA ARG C 178 23.43 -20.31 -8.33
C ARG C 178 22.70 -21.28 -7.40
N LEU C 179 21.37 -21.23 -7.47
CA LEU C 179 20.52 -22.20 -6.77
C LEU C 179 19.70 -22.93 -7.82
N GLU C 180 19.91 -24.25 -7.92
CA GLU C 180 19.14 -25.05 -8.85
C GLU C 180 17.67 -25.15 -8.46
N GLU C 181 17.32 -24.74 -7.25
CA GLU C 181 15.94 -24.77 -6.77
C GLU C 181 15.40 -23.34 -6.84
N LEU C 182 14.65 -23.05 -7.91
CA LEU C 182 14.14 -21.69 -8.09
C LEU C 182 13.15 -21.33 -6.98
N HIS C 183 12.15 -22.18 -6.75
CA HIS C 183 11.11 -21.91 -5.76
C HIS C 183 11.61 -22.35 -4.40
N VAL C 184 12.19 -21.43 -3.66
CA VAL C 184 12.73 -21.68 -2.33
C VAL C 184 11.77 -21.10 -1.31
N ILE C 185 11.11 -21.96 -0.54
CA ILE C 185 10.13 -21.50 0.43
C ILE C 185 10.82 -20.80 1.59
N ASP C 186 11.90 -21.40 2.11
CA ASP C 186 12.55 -20.83 3.28
C ASP C 186 13.99 -21.29 3.34
N VAL C 187 14.84 -20.47 3.97
CA VAL C 187 16.27 -20.74 4.08
C VAL C 187 16.73 -20.39 5.48
N LYS C 188 17.65 -21.18 6.03
CA LYS C 188 18.25 -20.89 7.32
C LYS C 188 19.66 -21.44 7.36
N PHE C 189 20.47 -20.87 8.25
CA PHE C 189 21.83 -21.34 8.47
C PHE C 189 21.85 -22.29 9.67
N LEU C 190 22.48 -23.44 9.49
CA LEU C 190 22.47 -24.48 10.51
C LEU C 190 23.59 -24.30 11.51
N TYR C 191 23.31 -24.70 12.75
CA TYR C 191 24.33 -24.88 13.77
C TYR C 191 24.83 -26.33 13.73
N GLY C 192 25.82 -26.61 14.55
CA GLY C 192 26.35 -27.96 14.62
C GLY C 192 26.90 -28.47 13.31
N CYS C 193 27.59 -27.61 12.56
CA CYS C 193 28.25 -28.00 11.33
C CYS C 193 29.46 -27.10 11.13
N GLN C 194 30.58 -27.70 10.73
CA GLN C 194 31.83 -26.95 10.60
C GLN C 194 31.70 -25.85 9.55
N ALA C 195 31.48 -26.24 8.30
CA ALA C 195 31.35 -25.26 7.24
C ALA C 195 29.97 -24.60 7.30
N PRO C 196 29.85 -23.36 6.81
CA PRO C 196 28.53 -22.73 6.77
C PRO C 196 27.53 -23.56 5.98
N THR C 197 26.53 -24.10 6.66
CA THR C 197 25.54 -24.97 6.06
C THR C 197 24.20 -24.27 6.03
N ILE C 198 23.54 -24.30 4.87
CA ILE C 198 22.21 -23.74 4.69
C ILE C 198 21.22 -24.89 4.49
N CYS C 199 20.19 -24.93 5.33
CA CYS C 199 19.07 -25.83 5.15
C CYS C 199 17.89 -25.01 4.66
N PHE C 200 17.29 -25.44 3.56
CA PHE C 200 16.20 -24.69 2.95
C PHE C 200 15.13 -25.63 2.44
N VAL C 201 13.88 -25.21 2.64
CA VAL C 201 12.72 -25.88 2.07
C VAL C 201 12.38 -25.21 0.75
N TYR C 202 12.27 -26.02 -0.31
CA TYR C 202 12.01 -25.52 -1.64
C TYR C 202 10.94 -26.36 -2.32
N GLN C 203 10.23 -25.75 -3.26
CA GLN C 203 9.08 -26.35 -3.91
C GLN C 203 9.38 -26.68 -5.37
N ASP C 204 8.71 -27.70 -5.87
CA ASP C 204 8.79 -28.10 -7.27
C ASP C 204 7.52 -28.88 -7.59
N PRO C 205 7.30 -29.23 -8.86
CA PRO C 205 6.04 -29.92 -9.20
C PRO C 205 5.79 -31.17 -8.37
N GLN C 206 6.84 -31.92 -8.02
CA GLN C 206 6.65 -33.10 -7.20
C GLN C 206 6.08 -32.74 -5.84
N GLY C 207 6.60 -31.67 -5.23
CA GLY C 207 6.19 -31.28 -3.89
C GLY C 207 7.24 -30.39 -3.26
N ARG C 208 7.26 -30.38 -1.94
CA ARG C 208 8.21 -29.58 -1.17
C ARG C 208 9.26 -30.50 -0.55
N HIS C 209 10.52 -30.13 -0.71
CA HIS C 209 11.64 -30.91 -0.17
C HIS C 209 12.56 -30.00 0.64
N VAL C 210 13.14 -30.57 1.68
CA VAL C 210 14.16 -29.90 2.49
C VAL C 210 15.53 -30.37 2.00
N LYS C 211 16.40 -29.41 1.72
CA LYS C 211 17.73 -29.71 1.19
C LYS C 211 18.78 -28.93 1.95
N THR C 212 20.01 -29.44 1.91
CA THR C 212 21.14 -28.85 2.62
C THR C 212 22.27 -28.59 1.65
N TYR C 213 22.96 -27.46 1.85
CA TYR C 213 24.13 -27.11 1.04
C TYR C 213 25.22 -26.56 1.96
N GLU C 214 26.46 -26.65 1.48
CA GLU C 214 27.60 -26.06 2.16
C GLU C 214 28.11 -24.89 1.33
N VAL C 215 28.20 -23.72 1.94
CA VAL C 215 28.62 -22.51 1.25
C VAL C 215 30.14 -22.42 1.35
N SER C 216 30.82 -22.54 0.20
CA SER C 216 32.28 -22.48 0.15
C SER C 216 32.69 -21.09 -0.33
N LEU C 217 33.40 -20.37 0.53
CA LEU C 217 33.82 -19.00 0.21
C LEU C 217 34.93 -18.99 -0.84
N ARG C 218 35.96 -19.80 -0.63
CA ARG C 218 37.06 -19.83 -1.61
C ARG C 218 36.54 -20.24 -2.98
N GLU C 219 35.80 -21.35 -3.05
CA GLU C 219 35.16 -21.73 -4.29
C GLU C 219 34.05 -20.76 -4.65
N LYS C 220 33.42 -20.13 -3.66
CA LYS C 220 32.27 -19.26 -3.88
C LYS C 220 31.11 -20.04 -4.47
N GLU C 221 30.89 -21.25 -3.97
CA GLU C 221 29.93 -22.16 -4.58
C GLU C 221 29.16 -22.90 -3.48
N PHE C 222 28.33 -23.84 -3.91
CA PHE C 222 27.61 -24.73 -3.01
C PHE C 222 28.11 -26.16 -3.20
N ASN C 223 28.29 -26.86 -2.09
CA ASN C 223 28.70 -28.26 -2.08
C ASN C 223 27.61 -29.09 -1.43
N LYS C 224 27.63 -30.39 -1.74
CA LYS C 224 26.59 -31.30 -1.28
C LYS C 224 26.43 -31.22 0.24
N GLY C 225 25.19 -31.11 0.68
CA GLY C 225 24.89 -30.91 2.08
C GLY C 225 25.10 -32.15 2.91
N PRO C 226 25.26 -31.98 4.22
CA PRO C 226 25.50 -33.16 5.08
C PRO C 226 24.39 -34.20 5.02
N TRP C 227 23.14 -33.78 4.94
CA TRP C 227 22.03 -34.72 4.93
C TRP C 227 21.64 -35.09 3.50
N LYS C 228 20.69 -36.01 3.39
CA LYS C 228 20.05 -36.30 2.13
C LYS C 228 18.94 -35.29 1.84
N GLN C 229 18.40 -35.36 0.64
CA GLN C 229 17.16 -34.65 0.33
C GLN C 229 15.98 -35.50 0.77
N GLU C 230 15.07 -34.89 1.54
CA GLU C 230 13.96 -35.61 2.13
C GLU C 230 12.66 -34.86 1.90
N ASN C 231 11.61 -35.58 1.55
CA ASN C 231 10.31 -34.98 1.38
C ASN C 231 9.76 -34.50 2.73
N VAL C 232 9.02 -33.40 2.68
CA VAL C 232 8.42 -32.81 3.87
C VAL C 232 6.95 -32.53 3.58
N GLU C 233 6.22 -32.16 4.63
CA GLU C 233 4.80 -31.86 4.51
C GLU C 233 4.56 -30.94 3.32
N ALA C 234 3.42 -31.15 2.66
CA ALA C 234 3.12 -30.38 1.45
C ALA C 234 3.07 -28.89 1.72
N GLU C 235 2.86 -28.47 2.97
CA GLU C 235 2.81 -27.07 3.34
C GLU C 235 3.95 -26.70 4.29
N ALA C 236 5.05 -27.44 4.23
CA ALA C 236 6.25 -27.08 4.99
C ALA C 236 6.65 -25.65 4.65
N SER C 237 6.55 -24.75 5.63
CA SER C 237 6.67 -23.33 5.38
C SER C 237 7.73 -22.62 6.22
N MET C 238 8.16 -23.18 7.34
CA MET C 238 9.12 -22.50 8.20
C MET C 238 10.24 -23.46 8.60
N VAL C 239 11.44 -22.92 8.73
CA VAL C 239 12.62 -23.68 9.10
C VAL C 239 13.26 -23.04 10.33
N ILE C 240 13.57 -23.86 11.33
CA ILE C 240 14.19 -23.41 12.57
C ILE C 240 15.51 -24.15 12.75
N ALA C 241 16.58 -23.39 12.97
CA ALA C 241 17.91 -23.98 13.17
C ALA C 241 18.11 -24.17 14.66
N VAL C 242 17.97 -25.41 15.13
CA VAL C 242 18.14 -25.72 16.55
C VAL C 242 19.63 -25.71 16.87
N PRO C 243 20.08 -24.89 17.84
CA PRO C 243 21.51 -24.85 18.14
C PRO C 243 21.99 -26.08 18.90
N GLU C 244 23.26 -26.07 19.33
CA GLU C 244 23.81 -27.19 20.05
C GLU C 244 23.08 -27.37 21.39
N PRO C 245 23.08 -28.59 21.93
CA PRO C 245 23.68 -29.82 21.42
C PRO C 245 22.76 -30.61 20.51
N PHE C 246 21.55 -30.13 20.26
CA PHE C 246 20.62 -30.85 19.38
C PHE C 246 21.15 -30.87 17.95
N GLY C 247 21.49 -29.72 17.42
CA GLY C 247 21.82 -29.63 16.01
C GLY C 247 20.57 -29.86 15.17
N GLY C 248 20.80 -30.03 13.88
CA GLY C 248 19.70 -30.29 12.97
C GLY C 248 18.81 -29.08 12.78
N ALA C 249 17.61 -29.36 12.28
CA ALA C 249 16.64 -28.32 12.02
C ALA C 249 15.23 -28.86 12.25
N ILE C 250 14.28 -27.95 12.38
CA ILE C 250 12.87 -28.26 12.55
C ILE C 250 12.10 -27.62 11.41
N ILE C 251 11.29 -28.43 10.73
CA ILE C 251 10.46 -27.98 9.63
C ILE C 251 9.03 -27.90 10.12
N ILE C 252 8.44 -26.72 10.03
CA ILE C 252 7.06 -26.46 10.48
C ILE C 252 6.22 -26.23 9.24
N GLY C 253 5.18 -27.04 9.09
CA GLY C 253 4.22 -26.87 8.02
C GLY C 253 2.92 -26.32 8.54
N GLN C 254 1.83 -27.08 8.37
CA GLN C 254 0.53 -26.71 8.91
C GLN C 254 -0.05 -27.75 9.86
N GLU C 255 0.38 -29.01 9.78
CA GLU C 255 -0.13 -30.05 10.66
C GLU C 255 1.01 -30.78 11.35
N SER C 256 2.12 -30.96 10.66
CA SER C 256 3.22 -31.79 11.14
C SER C 256 4.45 -30.92 11.41
N ILE C 257 4.96 -30.99 12.63
CA ILE C 257 6.27 -30.46 12.98
C ILE C 257 7.26 -31.62 12.87
N THR C 258 8.24 -31.48 11.98
CA THR C 258 9.25 -32.50 11.79
C THR C 258 10.62 -31.98 12.22
N TYR C 259 11.51 -32.90 12.51
CA TYR C 259 12.86 -32.58 12.96
C TYR C 259 13.84 -33.47 12.20
N HIS C 260 14.75 -32.84 11.45
CA HIS C 260 15.76 -33.53 10.67
C HIS C 260 17.12 -33.26 11.27
N ASN C 261 17.84 -34.34 11.62
CA ASN C 261 19.23 -34.27 12.03
C ASN C 261 19.94 -35.40 11.29
N GLY C 262 20.36 -35.12 10.06
CA GLY C 262 20.90 -36.17 9.22
C GLY C 262 19.96 -37.34 9.10
N ASP C 263 20.35 -38.47 9.69
CA ASP C 263 19.50 -39.66 9.67
C ASP C 263 18.31 -39.51 10.63
N LYS C 264 18.56 -38.97 11.82
CA LYS C 264 17.53 -38.87 12.85
C LYS C 264 16.36 -38.03 12.36
N TYR C 265 15.22 -38.66 12.10
CA TYR C 265 14.04 -37.98 11.59
C TYR C 265 12.88 -38.21 12.54
N LEU C 266 12.29 -37.13 13.04
CA LEU C 266 11.15 -37.20 13.95
C LEU C 266 10.01 -36.38 13.38
N ALA C 267 8.79 -36.75 13.76
CA ALA C 267 7.61 -36.04 13.27
C ALA C 267 6.49 -36.17 14.29
N ILE C 268 5.81 -35.05 14.55
CA ILE C 268 4.64 -35.03 15.42
C ILE C 268 3.57 -34.17 14.75
N ALA C 269 2.32 -34.65 14.79
CA ALA C 269 1.21 -33.98 14.13
C ALA C 269 0.09 -33.77 15.14
N PRO C 270 0.24 -32.79 16.05
CA PRO C 270 -0.81 -32.55 17.02
C PRO C 270 -2.07 -32.03 16.34
N PRO C 271 -3.25 -32.36 16.86
CA PRO C 271 -4.48 -31.79 16.28
C PRO C 271 -4.68 -30.33 16.59
N ILE C 272 -4.09 -29.82 17.68
CA ILE C 272 -4.29 -28.43 18.06
C ILE C 272 -3.69 -27.49 17.02
N ILE C 273 -2.49 -27.81 16.53
CA ILE C 273 -1.81 -26.93 15.57
C ILE C 273 -2.58 -26.87 14.25
N LYS C 274 -3.22 -27.96 13.85
CA LYS C 274 -3.79 -28.03 12.50
C LYS C 274 -4.84 -26.93 12.28
N GLN C 275 -5.45 -26.43 13.34
CA GLN C 275 -6.51 -25.44 13.18
C GLN C 275 -6.00 -24.18 12.50
N SER C 276 -4.83 -23.70 12.90
CA SER C 276 -4.28 -22.44 12.40
C SER C 276 -2.90 -22.66 11.80
N THR C 277 -2.34 -21.58 11.28
CA THR C 277 -1.03 -21.60 10.62
C THR C 277 -0.02 -20.84 11.47
N ILE C 278 1.10 -21.49 11.78
CA ILE C 278 2.15 -20.88 12.57
C ILE C 278 2.96 -19.96 11.65
N VAL C 279 3.08 -18.69 12.03
CA VAL C 279 3.68 -17.68 11.17
C VAL C 279 4.97 -17.11 11.72
N CYS C 280 5.25 -17.25 13.02
CA CYS C 280 6.45 -16.68 13.60
C CYS C 280 6.93 -17.58 14.73
N HIS C 281 8.20 -17.44 15.07
CA HIS C 281 8.82 -18.31 16.07
C HIS C 281 9.92 -17.55 16.78
N ASN C 282 10.28 -18.02 17.96
CA ASN C 282 11.38 -17.46 18.71
C ASN C 282 11.94 -18.53 19.65
N ARG C 283 13.23 -18.42 19.94
CA ARG C 283 13.93 -19.37 20.79
C ARG C 283 13.98 -18.83 22.21
N VAL C 284 13.43 -19.59 23.16
CA VAL C 284 13.38 -19.14 24.55
C VAL C 284 14.68 -19.54 25.23
N ASP C 285 14.94 -20.84 25.34
CA ASP C 285 16.17 -21.30 25.97
C ASP C 285 17.33 -21.22 24.98
N PRO C 286 18.51 -20.79 25.44
CA PRO C 286 19.65 -20.75 24.51
C PRO C 286 19.97 -22.09 23.88
N ASN C 287 19.81 -23.19 24.63
CA ASN C 287 20.12 -24.52 24.12
C ASN C 287 18.98 -25.12 23.31
N GLY C 288 17.97 -24.34 22.95
CA GLY C 288 16.93 -24.81 22.06
C GLY C 288 15.93 -25.76 22.67
N SER C 289 15.93 -25.93 23.99
CA SER C 289 14.98 -26.85 24.61
C SER C 289 13.55 -26.38 24.40
N ARG C 290 13.32 -25.07 24.48
CA ARG C 290 11.98 -24.50 24.37
C ARG C 290 11.94 -23.47 23.24
N TYR C 291 10.82 -23.46 22.52
CA TYR C 291 10.58 -22.51 21.44
C TYR C 291 9.18 -21.94 21.61
N LEU C 292 8.97 -20.74 21.07
CA LEU C 292 7.66 -20.10 21.08
C LEU C 292 7.13 -20.01 19.67
N LEU C 293 5.86 -20.35 19.48
CA LEU C 293 5.21 -20.33 18.18
C LEU C 293 3.93 -19.51 18.27
N GLY C 294 3.64 -18.76 17.20
CA GLY C 294 2.43 -17.97 17.16
C GLY C 294 1.66 -18.20 15.87
N ASP C 295 0.36 -18.46 15.97
CA ASP C 295 -0.44 -18.77 14.81
C ASP C 295 -1.23 -17.55 14.34
N MET C 296 -1.78 -17.65 13.12
CA MET C 296 -2.55 -16.55 12.57
C MET C 296 -3.78 -16.25 13.42
N GLU C 297 -4.38 -17.29 14.00
CA GLU C 297 -5.54 -17.09 14.85
C GLU C 297 -5.22 -16.27 16.08
N GLY C 298 -3.93 -16.11 16.41
CA GLY C 298 -3.51 -15.39 17.59
C GLY C 298 -3.06 -16.29 18.72
N ARG C 299 -3.25 -17.60 18.60
CA ARG C 299 -2.85 -18.51 19.65
C ARG C 299 -1.34 -18.59 19.75
N LEU C 300 -0.86 -18.81 20.98
CA LEU C 300 0.55 -18.89 21.30
C LEU C 300 0.84 -20.26 21.90
N PHE C 301 1.70 -21.02 21.22
CA PHE C 301 2.12 -22.35 21.66
C PHE C 301 3.58 -22.32 22.12
N MET C 302 3.94 -23.33 22.89
CA MET C 302 5.33 -23.58 23.27
C MET C 302 5.73 -24.97 22.78
N LEU C 303 6.83 -25.03 22.03
CA LEU C 303 7.34 -26.28 21.48
C LEU C 303 8.50 -26.75 22.35
N LEU C 304 8.40 -27.98 22.84
CA LEU C 304 9.39 -28.54 23.75
C LEU C 304 10.24 -29.58 23.03
N LEU C 305 11.55 -29.48 23.21
CA LEU C 305 12.50 -30.48 22.74
C LEU C 305 13.07 -31.18 23.97
N GLU C 306 12.81 -32.49 24.07
CA GLU C 306 13.18 -33.26 25.25
C GLU C 306 14.57 -33.86 25.01
N LYS C 307 15.60 -33.17 25.49
CA LYS C 307 16.95 -33.70 25.37
C LYS C 307 17.07 -35.01 26.15
N GLU C 308 17.71 -36.00 25.52
CA GLU C 308 18.15 -37.20 26.21
C GLU C 308 19.65 -37.34 26.06
N GLU C 309 20.32 -37.67 27.16
CA GLU C 309 21.76 -37.78 27.20
C GLU C 309 22.15 -39.24 27.14
N GLN C 310 22.98 -39.60 26.16
CA GLN C 310 23.47 -40.96 26.05
C GLN C 310 24.56 -41.21 27.10
N MET C 311 24.80 -42.48 27.38
CA MET C 311 25.85 -42.83 28.33
C MET C 311 27.20 -42.30 27.86
N ASP C 312 27.40 -42.22 26.53
CA ASP C 312 28.65 -41.68 26.02
C ASP C 312 28.84 -40.23 26.42
N GLY C 313 27.76 -39.47 26.55
CA GLY C 313 27.83 -38.06 26.89
C GLY C 313 27.37 -37.10 25.81
N THR C 314 26.78 -37.60 24.72
CA THR C 314 26.24 -36.75 23.67
C THR C 314 24.73 -36.62 23.86
N VAL C 315 24.24 -35.39 23.79
CA VAL C 315 22.83 -35.09 24.01
C VAL C 315 22.12 -35.01 22.67
N THR C 316 21.04 -35.75 22.52
CA THR C 316 20.25 -35.74 21.29
C THR C 316 18.79 -35.46 21.64
N LEU C 317 17.94 -35.47 20.62
CA LEU C 317 16.53 -35.12 20.76
C LEU C 317 15.71 -36.38 20.94
N LYS C 318 14.83 -36.37 21.95
CA LYS C 318 13.97 -37.52 22.23
C LYS C 318 12.63 -37.38 21.52
N ASP C 319 11.91 -36.29 21.77
CA ASP C 319 10.59 -36.12 21.19
C ASP C 319 10.23 -34.65 21.20
N LEU C 320 9.36 -34.26 20.27
CA LEU C 320 8.82 -32.91 20.19
C LEU C 320 7.47 -32.87 20.88
N ARG C 321 7.19 -31.74 21.56
CA ARG C 321 5.91 -31.54 22.23
C ARG C 321 5.48 -30.10 22.03
N VAL C 322 4.24 -29.91 21.61
CA VAL C 322 3.65 -28.60 21.38
C VAL C 322 2.55 -28.38 22.41
N GLU C 323 2.60 -27.24 23.09
CA GLU C 323 1.63 -26.90 24.12
C GLU C 323 1.07 -25.51 23.85
N LEU C 324 -0.24 -25.39 23.94
CA LEU C 324 -0.93 -24.12 23.67
C LEU C 324 -0.84 -23.26 24.92
N LEU C 325 0.14 -22.34 24.94
CA LEU C 325 0.31 -21.49 26.11
C LEU C 325 -0.91 -20.61 26.34
N GLY C 326 -1.44 -20.00 25.28
CA GLY C 326 -2.59 -19.15 25.48
C GLY C 326 -3.02 -18.42 24.23
N GLU C 327 -3.64 -17.26 24.43
CA GLU C 327 -4.24 -16.47 23.36
C GLU C 327 -3.75 -15.04 23.48
N THR C 328 -3.10 -14.54 22.42
CA THR C 328 -2.55 -13.20 22.39
C THR C 328 -2.90 -12.53 21.07
N SER C 329 -2.55 -11.26 20.95
CA SER C 329 -2.74 -10.54 19.70
C SER C 329 -2.13 -11.34 18.55
N ILE C 330 -2.66 -11.13 17.35
CA ILE C 330 -2.19 -11.87 16.19
C ILE C 330 -0.71 -11.58 16.02
N ALA C 331 0.12 -12.60 16.22
CA ALA C 331 1.55 -12.40 16.30
C ALA C 331 2.17 -12.24 14.92
N GLU C 332 2.99 -11.21 14.77
CA GLU C 332 3.82 -11.01 13.58
C GLU C 332 5.25 -11.51 13.81
N CYS C 333 5.81 -11.26 14.98
CA CYS C 333 7.12 -11.81 15.33
C CYS C 333 7.26 -11.76 16.85
N LEU C 334 7.26 -12.92 17.49
CA LEU C 334 7.44 -13.00 18.93
C LEU C 334 8.91 -12.88 19.29
N THR C 335 9.17 -12.39 20.51
CA THR C 335 10.54 -12.26 20.99
C THR C 335 10.50 -12.31 22.52
N TYR C 336 10.89 -13.45 23.08
CA TYR C 336 10.99 -13.58 24.53
C TYR C 336 12.03 -12.61 25.07
N LEU C 337 11.60 -11.59 25.82
CA LEU C 337 12.53 -10.56 26.27
C LEU C 337 13.38 -11.05 27.43
N ASP C 338 12.74 -11.31 28.58
CA ASP C 338 13.48 -11.70 29.77
C ASP C 338 12.48 -11.96 30.90
N ASN C 339 12.94 -12.73 31.88
CA ASN C 339 12.22 -12.92 33.14
C ASN C 339 10.76 -13.31 32.90
N GLY C 340 10.51 -14.10 31.86
CA GLY C 340 9.17 -14.54 31.58
C GLY C 340 8.30 -13.53 30.87
N VAL C 341 8.88 -12.48 30.30
CA VAL C 341 8.13 -11.45 29.57
C VAL C 341 8.41 -11.64 28.08
N VAL C 342 7.34 -11.64 27.29
CA VAL C 342 7.43 -11.87 25.85
C VAL C 342 6.78 -10.69 25.14
N PHE C 343 7.49 -10.14 24.15
CA PHE C 343 6.97 -9.04 23.34
C PHE C 343 6.31 -9.63 22.10
N VAL C 344 4.98 -9.66 22.11
CA VAL C 344 4.21 -10.17 20.97
C VAL C 344 3.98 -8.98 20.04
N GLY C 345 4.93 -8.76 19.14
CA GLY C 345 4.71 -7.76 18.11
C GLY C 345 3.55 -8.17 17.22
N SER C 346 2.79 -7.19 16.77
CA SER C 346 1.60 -7.45 15.99
C SER C 346 1.53 -6.46 14.82
N ARG C 347 0.99 -6.95 13.71
CA ARG C 347 0.78 -6.14 12.51
C ARG C 347 -0.69 -5.89 12.22
N LEU C 348 -1.56 -6.86 12.51
CA LEU C 348 -2.99 -6.72 12.33
C LEU C 348 -3.70 -6.25 13.59
N GLY C 349 -2.98 -6.01 14.67
CA GLY C 349 -3.60 -5.57 15.91
C GLY C 349 -2.57 -4.94 16.81
N ASP C 350 -3.03 -4.56 18.00
CA ASP C 350 -2.16 -3.89 18.96
C ASP C 350 -1.02 -4.81 19.36
N SER C 351 0.20 -4.27 19.37
CA SER C 351 1.33 -5.01 19.89
C SER C 351 1.13 -5.24 21.38
N GLN C 352 1.69 -6.33 21.90
CA GLN C 352 1.43 -6.72 23.28
C GLN C 352 2.73 -7.05 23.99
N LEU C 353 2.69 -6.94 25.31
CA LEU C 353 3.77 -7.35 26.20
C LEU C 353 3.13 -8.25 27.24
N VAL C 354 3.40 -9.56 27.15
CA VAL C 354 2.71 -10.55 27.95
C VAL C 354 3.70 -11.19 28.91
N LYS C 355 3.16 -11.86 29.93
CA LYS C 355 3.95 -12.59 30.91
C LYS C 355 3.46 -14.04 30.95
N LEU C 356 4.40 -14.98 30.87
CA LEU C 356 4.08 -16.40 30.90
C LEU C 356 4.27 -16.95 32.31
N ASN C 357 3.36 -16.55 33.19
CA ASN C 357 3.41 -17.07 34.56
C ASN C 357 3.19 -18.57 34.56
N VAL C 358 3.87 -19.25 35.49
CA VAL C 358 3.92 -20.71 35.46
C VAL C 358 2.53 -21.30 35.58
N ASP C 359 1.73 -20.79 36.52
CA ASP C 359 0.42 -21.36 36.81
C ASP C 359 -0.63 -20.71 35.92
N SER C 360 -1.40 -21.55 35.22
CA SER C 360 -2.47 -21.06 34.37
C SER C 360 -3.61 -20.49 35.22
N ASN C 361 -4.28 -19.49 34.67
CA ASN C 361 -5.44 -18.92 35.33
C ASN C 361 -6.64 -19.88 35.17
N GLU C 362 -7.75 -19.53 35.80
CA GLU C 362 -8.92 -20.41 35.77
C GLU C 362 -9.38 -20.68 34.35
N GLN C 363 -9.10 -19.75 33.43
CA GLN C 363 -9.47 -19.94 32.03
C GLN C 363 -8.63 -21.00 31.33
N GLY C 364 -7.55 -21.46 31.96
CA GLY C 364 -6.64 -22.37 31.29
C GLY C 364 -5.64 -21.68 30.39
N SER C 365 -5.43 -20.38 30.55
CA SER C 365 -4.50 -19.62 29.75
C SER C 365 -3.35 -19.16 30.62
N TYR C 366 -2.12 -19.43 30.18
CA TYR C 366 -0.92 -19.07 30.91
C TYR C 366 -0.43 -17.67 30.61
N VAL C 367 -1.07 -16.96 29.69
CA VAL C 367 -0.59 -15.67 29.20
C VAL C 367 -1.37 -14.56 29.85
N VAL C 368 -0.67 -13.59 30.42
CA VAL C 368 -1.27 -12.42 31.06
C VAL C 368 -0.81 -11.19 30.30
N ALA C 369 -1.76 -10.41 29.80
CA ALA C 369 -1.45 -9.22 29.01
C ALA C 369 -0.92 -8.14 29.93
N MET C 370 0.40 -7.98 29.97
CA MET C 370 1.01 -6.98 30.85
C MET C 370 0.84 -5.57 30.31
N GLU C 371 0.96 -5.40 28.99
CA GLU C 371 0.87 -4.08 28.39
C GLU C 371 0.42 -4.20 26.95
N THR C 372 -0.10 -3.10 26.42
CA THR C 372 -0.60 -3.05 25.05
C THR C 372 -0.14 -1.75 24.39
N PHE C 373 0.62 -1.88 23.31
CA PHE C 373 1.01 -0.74 22.48
C PHE C 373 0.06 -0.65 21.30
N THR C 374 -0.49 0.53 21.08
CA THR C 374 -1.54 0.71 20.08
C THR C 374 -0.97 0.59 18.67
N ASN C 375 -1.61 -0.23 17.85
CA ASN C 375 -1.30 -0.34 16.43
C ASN C 375 -2.50 0.14 15.64
N LEU C 376 -2.28 1.13 14.78
CA LEU C 376 -3.39 1.79 14.10
C LEU C 376 -3.76 1.11 12.79
N GLY C 377 -2.83 0.42 12.15
CA GLY C 377 -3.09 -0.19 10.86
C GLY C 377 -3.42 -1.66 10.97
N PRO C 378 -3.86 -2.27 9.86
CA PRO C 378 -4.09 -1.65 8.54
C PRO C 378 -5.34 -0.79 8.52
N ILE C 379 -5.30 0.36 7.83
CA ILE C 379 -6.43 1.28 7.78
C ILE C 379 -7.15 1.01 6.47
N VAL C 380 -8.15 0.12 6.53
CA VAL C 380 -8.89 -0.23 5.33
C VAL C 380 -9.68 0.96 4.82
N ASP C 381 -10.33 1.69 5.72
CA ASP C 381 -11.15 2.84 5.35
C ASP C 381 -11.19 3.81 6.52
N MET C 382 -11.58 5.05 6.23
CA MET C 382 -11.61 6.07 7.27
C MET C 382 -12.51 7.21 6.83
N CYS C 383 -12.97 7.98 7.81
CA CYS C 383 -13.77 9.17 7.57
C CYS C 383 -13.32 10.28 8.52
N VAL C 384 -13.52 11.51 8.10
CA VAL C 384 -13.27 12.70 8.90
C VAL C 384 -14.63 13.26 9.31
N VAL C 385 -15.02 13.07 10.57
CA VAL C 385 -16.34 13.45 11.03
C VAL C 385 -16.28 14.41 12.15
N ASP C 386 -17.01 15.52 12.06
CA ASP C 386 -17.07 16.50 13.12
C ASP C 386 -18.08 16.01 14.11
N LEU C 387 -17.79 14.90 14.78
CA LEU C 387 -18.69 14.30 15.75
C LEU C 387 -19.03 15.30 16.79
N GLU C 388 -18.02 16.01 17.29
CA GLU C 388 -18.19 16.99 18.35
C GLU C 388 -19.08 18.08 17.90
N ARG C 389 -19.08 18.37 16.60
CA ARG C 389 -19.86 19.45 16.03
C ARG C 389 -19.24 20.71 16.53
N GLN C 390 -17.96 20.66 16.89
CA GLN C 390 -17.24 21.80 17.40
C GLN C 390 -16.37 22.41 16.35
N GLY C 391 -16.06 21.65 15.29
CA GLY C 391 -15.23 22.13 14.20
C GLY C 391 -13.91 21.42 14.15
N GLN C 392 -13.65 20.52 15.11
CA GLN C 392 -12.42 19.76 15.15
C GLN C 392 -12.72 18.42 14.58
N GLY C 393 -12.31 18.20 13.34
CA GLY C 393 -12.57 16.95 12.66
C GLY C 393 -11.83 15.81 13.30
N GLN C 394 -12.53 14.74 13.68
CA GLN C 394 -11.94 13.54 14.23
C GLN C 394 -11.85 12.47 13.16
N LEU C 395 -10.82 11.64 13.25
CA LEU C 395 -10.58 10.58 12.27
C LEU C 395 -11.14 9.27 12.80
N VAL C 396 -12.14 8.73 12.14
CA VAL C 396 -12.72 7.44 12.50
C VAL C 396 -12.26 6.45 11.45
N THR C 397 -11.42 5.50 11.87
CA THR C 397 -10.75 4.57 10.96
C THR C 397 -11.11 3.14 11.31
N CYS C 398 -11.23 2.29 10.30
CA CYS C 398 -11.40 0.86 10.49
C CYS C 398 -10.03 0.21 10.47
N SER C 399 -9.62 -0.37 11.61
CA SER C 399 -8.28 -0.89 11.76
C SER C 399 -8.32 -2.38 12.12
N GLY C 400 -7.23 -3.07 11.79
CA GLY C 400 -7.10 -4.47 12.14
C GLY C 400 -7.90 -5.39 11.25
N ALA C 401 -7.79 -6.68 11.55
CA ALA C 401 -8.51 -7.70 10.81
C ALA C 401 -8.78 -8.88 11.73
N PHE C 402 -9.76 -9.69 11.37
CA PHE C 402 -10.14 -10.87 12.16
C PHE C 402 -10.53 -10.37 13.56
N LYS C 403 -10.16 -11.08 14.62
CA LYS C 403 -10.56 -10.67 15.96
C LYS C 403 -9.97 -9.31 16.33
N GLU C 404 -8.82 -8.95 15.77
CA GLU C 404 -8.20 -7.68 16.09
C GLU C 404 -8.92 -6.49 15.47
N GLY C 405 -9.88 -6.74 14.58
CA GLY C 405 -10.59 -5.62 13.95
C GLY C 405 -11.25 -4.73 14.97
N SER C 406 -11.31 -3.44 14.66
CA SER C 406 -11.82 -2.45 15.60
C SER C 406 -11.95 -1.11 14.87
N LEU C 407 -12.49 -0.13 15.58
CA LEU C 407 -12.56 1.25 15.13
C LEU C 407 -11.63 2.10 15.98
N ARG C 408 -11.01 3.10 15.35
CA ARG C 408 -10.10 4.00 16.04
C ARG C 408 -10.55 5.43 15.82
N ILE C 409 -10.71 6.19 16.89
CA ILE C 409 -11.13 7.59 16.83
C ILE C 409 -9.95 8.42 17.21
N ILE C 410 -9.28 9.04 16.23
CA ILE C 410 -8.07 9.81 16.47
C ILE C 410 -8.42 11.25 16.68
N ARG C 411 -8.68 11.62 17.94
CA ARG C 411 -9.06 12.98 18.26
C ARG C 411 -7.87 13.77 18.67
N ASN C 412 -7.49 14.72 17.83
CA ASN C 412 -6.40 15.61 18.18
C ASN C 412 -6.77 16.39 19.43
N GLY C 413 -5.80 16.59 20.32
CA GLY C 413 -6.02 17.38 21.52
C GLY C 413 -5.08 17.09 22.66
N ILE C 414 -5.50 17.39 23.89
CA ILE C 414 -4.70 17.10 25.07
C ILE C 414 -5.56 16.31 26.04
N GLY C 415 -4.98 15.33 26.73
CA GLY C 415 -5.77 14.47 27.61
C GLY C 415 -5.49 14.56 29.10
N ILE C 416 -6.55 14.50 29.91
CA ILE C 416 -6.38 14.58 31.35
C ILE C 416 -6.38 13.17 31.92
N HIS C 417 -5.63 13.00 33.02
CA HIS C 417 -5.61 11.72 33.71
C HIS C 417 -6.09 12.03 35.12
N GLU C 418 -7.41 12.16 35.28
CA GLU C 418 -7.96 12.53 36.59
C GLU C 418 -7.72 11.46 37.63
N HIS C 419 -7.53 11.88 38.88
CA HIS C 419 -7.28 10.94 39.96
C HIS C 419 -8.36 11.02 41.03
N ALA C 420 -9.20 12.06 40.95
CA ALA C 420 -10.28 12.23 41.92
C ALA C 420 -11.55 12.71 41.25
N SER C 421 -12.70 12.37 41.84
CA SER C 421 -13.99 12.79 41.29
C SER C 421 -15.04 12.90 42.39
N ILE C 422 -15.21 14.10 42.94
CA ILE C 422 -16.20 14.32 44.00
C ILE C 422 -17.52 14.75 43.39
N ASP C 423 -18.61 14.60 44.15
CA ASP C 423 -19.93 15.03 43.65
C ASP C 423 -20.44 16.33 44.28
N LEU C 424 -19.98 17.46 43.74
CA LEU C 424 -20.44 18.79 44.15
C LEU C 424 -20.99 19.54 42.93
N PRO C 425 -22.32 19.72 42.88
CA PRO C 425 -22.94 20.46 41.78
C PRO C 425 -23.02 21.98 42.07
N GLY C 426 -22.99 22.78 40.99
CA GLY C 426 -23.18 24.23 41.07
C GLY C 426 -22.04 25.04 41.63
N ILE C 427 -20.80 24.55 41.45
CA ILE C 427 -19.60 25.27 41.88
C ILE C 427 -19.34 26.51 40.99
N LYS C 428 -18.95 27.61 41.62
CA LYS C 428 -18.77 28.90 40.94
C LYS C 428 -17.33 29.40 40.96
N GLY C 429 -16.41 28.62 41.52
CA GLY C 429 -15.02 29.02 41.64
C GLY C 429 -14.18 28.05 42.46
N LEU C 430 -12.88 28.02 42.14
CA LEU C 430 -11.95 27.07 42.75
C LEU C 430 -10.62 27.76 43.01
N TRP C 431 -10.06 27.55 44.20
CA TRP C 431 -8.78 28.15 44.57
C TRP C 431 -7.90 27.20 45.38
N PRO C 432 -6.64 27.02 44.95
CA PRO C 432 -5.63 26.27 45.69
C PRO C 432 -5.06 27.10 46.86
N LEU C 433 -4.80 26.44 47.98
CA LEU C 433 -4.38 27.15 49.17
C LEU C 433 -3.42 26.33 50.02
N ARG C 434 -2.46 27.03 50.61
CA ARG C 434 -1.41 26.42 51.41
C ARG C 434 -1.63 26.84 52.87
N SER C 435 -2.09 25.90 53.71
CA SER C 435 -2.37 26.24 55.10
C SER C 435 -1.08 26.39 55.89
N ASP C 436 -0.24 25.35 55.84
CA ASP C 436 1.01 25.38 56.59
C ASP C 436 2.12 26.08 55.79
N PRO C 437 2.74 27.13 56.36
CA PRO C 437 3.83 27.84 55.66
C PRO C 437 5.00 26.93 55.35
N ASN C 438 5.32 26.02 56.27
CA ASN C 438 6.46 25.13 56.07
C ASN C 438 6.25 24.24 54.85
N ARG C 439 5.07 23.63 54.76
CA ARG C 439 4.76 22.78 53.61
C ARG C 439 4.77 23.61 52.35
N GLU C 440 5.72 23.34 51.46
CA GLU C 440 5.72 24.06 50.17
C GLU C 440 4.64 23.63 49.17
N THR C 441 3.79 22.69 49.56
CA THR C 441 2.72 22.19 48.68
C THR C 441 1.34 22.48 49.26
N ASP C 442 0.35 22.68 48.39
CA ASP C 442 -1.02 22.99 48.80
C ASP C 442 -1.61 21.86 49.63
N ASP C 443 -2.59 22.19 50.48
CA ASP C 443 -3.33 21.19 51.25
C ASP C 443 -4.79 21.59 51.46
N THR C 444 -5.26 22.55 50.67
CA THR C 444 -6.60 23.11 50.82
C THR C 444 -7.21 23.48 49.46
N LEU C 445 -8.51 23.27 49.32
CA LEU C 445 -9.23 23.61 48.11
C LEU C 445 -10.55 24.31 48.42
N VAL C 446 -10.58 25.63 48.22
CA VAL C 446 -11.76 26.42 48.52
C VAL C 446 -12.68 26.45 47.30
N LEU C 447 -13.97 26.30 47.56
CA LEU C 447 -14.99 26.24 46.51
C LEU C 447 -16.05 27.30 46.73
N SER C 448 -16.64 27.77 45.63
CA SER C 448 -17.63 28.83 45.68
C SER C 448 -18.99 28.32 45.21
N PHE C 449 -20.06 28.87 45.79
CA PHE C 449 -21.41 28.44 45.45
C PHE C 449 -22.35 29.62 45.39
N VAL C 450 -23.63 29.37 45.63
CA VAL C 450 -24.62 30.45 45.58
C VAL C 450 -24.57 31.26 46.86
N GLY C 451 -23.84 32.38 46.83
CA GLY C 451 -23.72 33.24 47.99
C GLY C 451 -23.16 32.52 49.20
N GLN C 452 -22.24 31.57 48.96
CA GLN C 452 -21.63 30.82 50.05
C GLN C 452 -20.29 30.27 49.64
N THR C 453 -19.52 29.75 50.61
CA THR C 453 -18.19 29.25 50.32
C THR C 453 -17.90 27.99 51.12
N ARG C 454 -17.26 26.99 50.47
CA ARG C 454 -16.90 25.77 51.17
C ARG C 454 -15.39 25.50 51.09
N VAL C 455 -14.81 25.07 52.20
CA VAL C 455 -13.38 24.79 52.28
C VAL C 455 -13.16 23.28 52.40
N LEU C 456 -12.20 22.76 51.63
CA LEU C 456 -11.87 21.33 51.69
C LEU C 456 -10.40 21.11 52.08
N MET C 457 -10.18 20.16 52.97
CA MET C 457 -8.83 19.78 53.40
C MET C 457 -8.31 18.61 52.57
N LEU C 458 -6.99 18.60 52.35
CA LEU C 458 -6.34 17.57 51.55
C LEU C 458 -5.30 16.83 52.37
N ASN C 459 -5.72 15.70 52.93
CA ASN C 459 -4.85 14.84 53.73
C ASN C 459 -4.48 13.62 52.88
N GLY C 460 -3.41 13.76 52.10
CA GLY C 460 -3.06 12.77 51.10
C GLY C 460 -4.15 12.70 50.04
N GLU C 461 -4.96 11.66 50.12
CA GLU C 461 -6.02 11.41 49.14
C GLU C 461 -7.40 11.67 49.73
N GLU C 462 -7.43 12.01 51.02
CA GLU C 462 -8.67 12.38 51.72
C GLU C 462 -9.09 13.77 51.27
N VAL C 463 -10.35 13.87 50.83
CA VAL C 463 -10.94 15.15 50.41
C VAL C 463 -12.27 15.33 51.14
N GLU C 464 -12.29 16.18 52.17
CA GLU C 464 -13.50 16.37 52.97
C GLU C 464 -13.74 17.81 53.45
N GLU C 465 -15.01 18.10 53.78
CA GLU C 465 -15.48 19.44 54.12
C GLU C 465 -14.98 19.93 55.49
N THR C 466 -14.54 21.18 55.53
CA THR C 466 -14.01 21.82 56.74
C THR C 466 -14.50 23.26 56.82
N GLU C 467 -14.09 23.94 57.88
CA GLU C 467 -14.29 25.37 58.02
C GLU C 467 -12.95 26.01 58.42
N LEU C 468 -12.61 27.11 57.78
CA LEU C 468 -11.35 27.80 58.06
C LEU C 468 -11.60 29.11 58.80
N MET C 469 -10.84 29.33 59.88
CA MET C 469 -11.03 30.47 60.76
C MET C 469 -10.53 31.77 60.14
N GLY C 470 -11.45 32.73 60.02
CA GLY C 470 -11.18 33.99 59.33
C GLY C 470 -11.92 34.07 58.02
N PHE C 471 -12.31 32.90 57.49
CA PHE C 471 -13.06 32.80 56.25
C PHE C 471 -14.55 32.66 56.56
N VAL C 472 -15.38 33.36 55.79
CA VAL C 472 -16.83 33.25 55.92
C VAL C 472 -17.39 32.24 54.92
N ASP C 473 -18.31 31.41 55.39
CA ASP C 473 -18.95 30.40 54.55
C ASP C 473 -20.35 30.83 54.11
N ASP C 474 -20.75 32.02 54.53
CA ASP C 474 -22.08 32.55 54.22
C ASP C 474 -22.06 33.66 53.16
N GLN C 475 -20.89 33.85 52.54
CA GLN C 475 -20.72 34.80 51.44
C GLN C 475 -20.01 34.11 50.29
N GLN C 476 -20.36 34.49 49.05
CA GLN C 476 -19.69 33.96 47.87
C GLN C 476 -18.28 34.55 47.68
N THR C 477 -17.27 33.69 47.74
CA THR C 477 -15.89 34.07 47.48
C THR C 477 -15.64 34.39 45.99
N PHE C 478 -14.88 35.45 45.74
CA PHE C 478 -14.47 35.83 44.38
C PHE C 478 -12.98 35.54 44.16
N PHE C 479 -12.23 35.49 45.26
CA PHE C 479 -10.84 35.04 45.25
C PHE C 479 -10.43 34.73 46.69
N CYS C 480 -9.54 33.75 46.83
CA CYS C 480 -8.83 33.52 48.07
C CYS C 480 -7.51 32.84 47.71
N GLY C 481 -6.54 32.92 48.61
CA GLY C 481 -5.22 32.32 48.36
C GLY C 481 -4.18 32.75 49.38
N ASN C 482 -2.93 32.43 49.08
CA ASN C 482 -1.80 32.76 49.93
C ASN C 482 -1.18 34.10 49.55
N VAL C 483 -1.04 34.98 50.54
CA VAL C 483 -0.48 36.31 50.29
C VAL C 483 0.82 36.58 51.08
N ALA C 484 1.43 37.74 50.84
CA ALA C 484 2.72 38.10 51.43
C ALA C 484 2.67 38.23 52.96
N HIS C 485 3.83 38.10 53.59
CA HIS C 485 3.98 38.13 55.06
C HIS C 485 3.19 37.00 55.73
N GLN C 486 3.41 35.77 55.26
CA GLN C 486 2.81 34.57 55.85
C GLN C 486 1.34 34.78 56.17
N GLN C 487 0.54 35.10 55.15
CA GLN C 487 -0.87 35.40 55.33
C GLN C 487 -1.78 34.75 54.29
N LEU C 488 -3.08 34.82 54.55
CA LEU C 488 -4.13 34.32 53.68
C LEU C 488 -5.14 35.43 53.41
N ILE C 489 -5.72 35.41 52.22
CA ILE C 489 -6.74 36.38 51.86
C ILE C 489 -8.02 35.67 51.41
N GLN C 490 -9.16 36.28 51.70
CA GLN C 490 -10.43 35.84 51.15
C GLN C 490 -11.25 37.06 50.77
N ILE C 491 -11.57 37.17 49.49
CA ILE C 491 -12.38 38.27 49.00
C ILE C 491 -13.77 37.75 48.65
N THR C 492 -14.79 38.37 49.24
CA THR C 492 -16.18 37.97 49.02
C THR C 492 -16.96 39.13 48.43
N SER C 493 -18.27 38.97 48.35
CA SER C 493 -19.18 40.02 47.89
C SER C 493 -19.37 41.09 48.97
N ALA C 494 -18.85 40.82 50.16
CA ALA C 494 -19.11 41.63 51.34
C ALA C 494 -17.90 42.48 51.72
N SER C 495 -16.72 41.85 51.67
CA SER C 495 -15.48 42.49 52.09
C SER C 495 -14.28 41.71 51.57
N VAL C 496 -13.09 42.23 51.85
CA VAL C 496 -11.84 41.48 51.67
C VAL C 496 -11.26 41.23 53.05
N ARG C 497 -10.93 39.96 53.31
CA ARG C 497 -10.53 39.52 54.64
C ARG C 497 -9.10 39.00 54.64
N LEU C 498 -8.28 39.57 55.52
CA LEU C 498 -6.88 39.15 55.61
C LEU C 498 -6.69 38.25 56.80
N VAL C 499 -6.10 37.07 56.59
CA VAL C 499 -5.90 36.10 57.67
C VAL C 499 -4.44 35.68 57.72
N SER C 500 -3.87 35.56 58.92
CA SER C 500 -2.49 35.10 59.05
C SER C 500 -2.37 33.61 58.76
N GLN C 501 -1.27 33.20 58.13
CA GLN C 501 -1.09 31.78 57.75
C GLN C 501 -1.09 30.83 58.93
N GLU C 502 -0.11 30.98 59.82
CA GLU C 502 0.01 30.08 60.96
C GLU C 502 -1.19 30.19 61.90
N PRO C 503 -1.54 31.39 62.42
CA PRO C 503 -2.74 31.55 63.25
C PRO C 503 -3.94 31.92 62.41
N LYS C 504 -4.84 30.94 62.19
CA LYS C 504 -6.02 31.20 61.37
C LYS C 504 -6.93 32.17 62.07
N ALA C 505 -6.77 33.47 61.76
CA ALA C 505 -7.60 34.50 62.37
C ALA C 505 -7.59 35.73 61.51
N LEU C 506 -8.74 36.41 61.43
CA LEU C 506 -8.82 37.64 60.66
C LEU C 506 -7.89 38.67 61.28
N VAL C 507 -6.96 39.19 60.47
CA VAL C 507 -6.01 40.19 60.98
C VAL C 507 -6.32 41.56 60.40
N SER C 508 -7.17 41.61 59.37
CA SER C 508 -7.52 42.87 58.73
C SER C 508 -8.72 42.67 57.81
N GLU C 509 -9.66 43.60 57.85
CA GLU C 509 -10.84 43.50 56.97
C GLU C 509 -11.18 44.86 56.36
N TRP C 510 -11.39 44.87 55.04
CA TRP C 510 -11.71 46.08 54.28
C TRP C 510 -13.09 45.99 53.66
N LYS C 511 -13.87 47.06 53.78
CA LYS C 511 -15.18 47.17 53.12
C LYS C 511 -15.31 48.51 52.41
N GLU C 512 -16.11 48.52 51.34
CA GLU C 512 -16.50 49.76 50.65
C GLU C 512 -17.06 50.77 51.67
N PRO C 513 -16.72 52.07 51.52
CA PRO C 513 -17.13 53.12 52.47
C PRO C 513 -18.59 53.07 52.92
N GLN C 514 -19.52 52.90 51.97
CA GLN C 514 -20.95 52.85 52.28
C GLN C 514 -21.45 51.41 52.49
N ALA C 515 -20.49 50.51 52.73
CA ALA C 515 -20.74 49.07 52.95
C ALA C 515 -21.37 48.33 51.76
N LYS C 516 -21.17 48.88 50.56
CA LYS C 516 -21.73 48.33 49.33
C LYS C 516 -20.97 47.07 48.87
N ASN C 517 -21.62 46.28 48.01
CA ASN C 517 -21.08 45.00 47.55
C ASN C 517 -19.90 45.11 46.59
N ILE C 518 -18.85 44.32 46.85
CA ILE C 518 -17.79 44.09 45.89
C ILE C 518 -18.37 43.28 44.72
N SER C 519 -18.02 43.67 43.50
CA SER C 519 -18.57 43.01 42.31
C SER C 519 -17.52 42.23 41.51
N VAL C 520 -16.30 42.77 41.43
CA VAL C 520 -15.20 42.09 40.75
C VAL C 520 -13.96 42.11 41.65
N ALA C 521 -13.12 41.08 41.53
CA ALA C 521 -11.93 40.98 42.36
C ALA C 521 -10.73 40.46 41.57
N SER C 522 -9.55 40.94 41.93
CA SER C 522 -8.29 40.47 41.39
C SER C 522 -7.27 40.59 42.50
N CYS C 523 -6.24 39.76 42.47
CA CYS C 523 -5.30 39.67 43.55
C CYS C 523 -4.06 38.91 43.09
N ASN C 524 -2.90 39.46 43.43
CA ASN C 524 -1.66 38.70 43.43
C ASN C 524 -1.18 38.59 44.89
N SER C 525 0.11 38.39 45.11
CA SER C 525 0.58 38.16 46.48
C SER C 525 0.57 39.42 47.35
N SER C 526 0.96 40.55 46.76
CA SER C 526 1.06 41.82 47.49
C SER C 526 -0.06 42.84 47.22
N GLN C 527 -0.76 42.70 46.10
CA GLN C 527 -1.76 43.68 45.67
C GLN C 527 -3.16 43.10 45.52
N VAL C 528 -4.16 43.96 45.77
CA VAL C 528 -5.56 43.66 45.54
C VAL C 528 -6.13 44.80 44.70
N VAL C 529 -6.91 44.47 43.67
CA VAL C 529 -7.78 45.46 43.01
C VAL C 529 -9.19 44.90 42.94
N VAL C 530 -10.13 45.62 43.53
CA VAL C 530 -11.53 45.22 43.53
C VAL C 530 -12.40 46.32 42.91
N ALA C 531 -13.52 45.90 42.31
CA ALA C 531 -14.50 46.84 41.78
C ALA C 531 -15.75 46.85 42.63
N VAL C 532 -16.40 48.00 42.70
CA VAL C 532 -17.72 48.15 43.34
C VAL C 532 -18.57 48.92 42.34
N GLY C 533 -19.21 48.20 41.43
CA GLY C 533 -19.88 48.83 40.29
C GLY C 533 -18.85 49.46 39.37
N ARG C 534 -18.83 50.79 39.31
CA ARG C 534 -17.85 51.54 38.51
C ARG C 534 -16.59 51.88 39.34
N ALA C 535 -16.75 51.86 40.66
CA ALA C 535 -15.69 52.16 41.61
C ALA C 535 -14.61 51.10 41.55
N LEU C 536 -13.37 51.56 41.69
CA LEU C 536 -12.21 50.67 41.68
C LEU C 536 -11.36 51.04 42.90
N TYR C 537 -10.89 50.02 43.63
CA TYR C 537 -10.06 50.24 44.81
C TYR C 537 -8.80 49.41 44.74
N TYR C 538 -7.66 50.05 44.95
CA TYR C 538 -6.36 49.41 44.94
C TYR C 538 -5.84 49.28 46.37
N LEU C 539 -5.67 48.03 46.80
CA LEU C 539 -5.21 47.73 48.15
C LEU C 539 -3.86 47.03 48.08
N GLN C 540 -3.01 47.32 49.07
CA GLN C 540 -1.76 46.60 49.23
C GLN C 540 -1.78 45.72 50.46
N ILE C 541 -0.97 44.65 50.43
CA ILE C 541 -0.95 43.66 51.51
C ILE C 541 0.29 43.83 52.37
N HIS C 542 0.06 44.22 53.62
CA HIS C 542 1.12 44.45 54.60
C HIS C 542 0.83 43.64 55.87
N PRO C 543 1.82 43.49 56.78
CA PRO C 543 1.60 42.75 58.02
C PRO C 543 0.36 43.24 58.76
N GLN C 544 -0.64 42.37 58.85
CA GLN C 544 -1.92 42.64 59.52
C GLN C 544 -2.66 43.91 59.06
N GLU C 545 -2.36 44.40 57.86
CA GLU C 545 -3.12 45.51 57.30
C GLU C 545 -3.42 45.33 55.82
N LEU C 546 -4.67 45.63 55.46
CA LEU C 546 -5.06 45.89 54.09
C LEU C 546 -5.04 47.41 53.89
N ARG C 547 -3.97 47.91 53.29
CA ARG C 547 -3.76 49.34 53.12
C ARG C 547 -4.37 49.83 51.80
N GLN C 548 -5.46 50.59 51.90
CA GLN C 548 -6.07 51.23 50.73
C GLN C 548 -5.14 52.28 50.16
N ILE C 549 -4.67 52.05 48.93
CA ILE C 549 -3.68 52.94 48.31
C ILE C 549 -4.35 54.04 47.50
N SER C 550 -5.24 53.64 46.57
CA SER C 550 -5.97 54.59 45.75
C SER C 550 -7.36 54.09 45.35
N HIS C 551 -8.08 54.94 44.62
CA HIS C 551 -9.46 54.71 44.24
C HIS C 551 -9.75 55.52 42.99
N THR C 552 -10.58 54.98 42.12
CA THR C 552 -11.07 55.68 40.95
C THR C 552 -12.49 55.23 40.61
N GLU C 553 -13.14 55.96 39.71
CA GLU C 553 -14.42 55.53 39.15
C GLU C 553 -14.19 55.34 37.66
N MET C 554 -14.66 54.22 37.13
CA MET C 554 -14.54 53.94 35.69
C MET C 554 -15.71 54.57 34.95
N GLU C 555 -15.55 54.79 33.65
CA GLU C 555 -16.60 55.38 32.82
C GLU C 555 -17.88 54.53 32.85
N HIS C 556 -17.71 53.21 32.99
CA HIS C 556 -18.82 52.25 33.00
C HIS C 556 -18.63 51.22 34.12
N GLU C 557 -19.61 50.33 34.28
CA GLU C 557 -19.52 49.23 35.23
C GLU C 557 -18.37 48.30 34.87
N VAL C 558 -17.69 47.76 35.89
CA VAL C 558 -16.52 46.90 35.67
C VAL C 558 -16.96 45.44 35.44
N ALA C 559 -16.49 44.87 34.35
CA ALA C 559 -16.83 43.49 33.98
C ALA C 559 -15.82 42.49 34.54
N CYS C 560 -14.53 42.73 34.29
CA CYS C 560 -13.47 41.85 34.75
C CYS C 560 -12.16 42.61 35.06
N LEU C 561 -11.23 41.93 35.75
CA LEU C 561 -9.98 42.52 36.23
C LEU C 561 -8.84 41.51 36.26
N ASP C 562 -7.62 42.01 36.11
CA ASP C 562 -6.43 41.20 36.32
C ASP C 562 -5.25 42.09 36.70
N ILE C 563 -4.43 41.63 37.64
CA ILE C 563 -3.23 42.35 38.08
C ILE C 563 -1.99 41.44 38.13
N THR C 564 -1.94 40.45 37.24
CA THR C 564 -0.85 39.48 37.16
C THR C 564 0.47 40.20 36.88
N PRO C 565 1.46 40.03 37.78
CA PRO C 565 2.75 40.71 37.63
C PRO C 565 3.59 40.04 36.54
N LEU C 566 4.03 40.82 35.57
CA LEU C 566 4.82 40.27 34.45
C LEU C 566 6.26 40.78 34.47
N GLY C 567 7.14 40.04 33.80
CA GLY C 567 8.54 40.42 33.66
C GLY C 567 9.26 40.62 34.97
N ASP C 568 10.22 41.55 34.97
CA ASP C 568 11.05 41.81 36.14
C ASP C 568 10.45 42.97 36.96
N SER C 569 9.44 42.63 37.78
CA SER C 569 8.73 43.61 38.61
C SER C 569 8.63 43.21 40.08
N ASN C 570 9.07 41.98 40.38
CA ASN C 570 9.08 41.43 41.74
C ASN C 570 7.72 41.48 42.46
N GLY C 571 6.76 40.71 41.94
CA GLY C 571 5.45 40.53 42.57
C GLY C 571 4.58 41.77 42.70
N LEU C 572 5.02 42.88 42.12
CA LEU C 572 4.30 44.13 42.21
C LEU C 572 3.98 44.65 40.82
N SER C 573 2.72 44.53 40.42
CA SER C 573 2.28 44.96 39.10
C SER C 573 2.10 46.48 39.02
N PRO C 574 2.79 47.12 38.05
CA PRO C 574 2.54 48.52 37.75
C PRO C 574 1.25 48.69 36.96
N LEU C 575 0.68 47.57 36.51
CA LEU C 575 -0.43 47.56 35.56
C LEU C 575 -1.65 46.85 36.10
N CYS C 576 -2.80 47.32 35.65
CA CYS C 576 -4.08 46.69 35.91
C CYS C 576 -4.88 46.58 34.60
N ALA C 577 -5.23 45.35 34.23
CA ALA C 577 -6.04 45.09 33.06
C ALA C 577 -7.50 45.03 33.46
N ILE C 578 -8.35 45.68 32.69
CA ILE C 578 -9.74 45.82 33.08
C ILE C 578 -10.65 45.72 31.86
N GLY C 579 -11.80 45.07 32.04
CA GLY C 579 -12.80 44.98 30.99
C GLY C 579 -14.05 45.66 31.49
N LEU C 580 -14.72 46.40 30.63
CA LEU C 580 -15.90 47.18 31.03
C LEU C 580 -17.17 46.82 30.27
N TRP C 581 -18.29 46.94 30.98
CA TRP C 581 -19.63 46.90 30.40
C TRP C 581 -19.82 48.05 29.43
N THR C 582 -20.99 48.07 28.77
CA THR C 582 -21.47 49.19 27.94
C THR C 582 -20.60 49.57 26.73
N ASP C 583 -19.33 49.89 26.96
CA ASP C 583 -18.43 50.19 25.85
C ASP C 583 -17.67 48.95 25.39
N ILE C 584 -17.70 47.88 26.21
CA ILE C 584 -16.97 46.66 25.87
C ILE C 584 -15.54 47.04 25.47
N SER C 585 -14.77 47.56 26.44
CA SER C 585 -13.42 48.00 26.13
C SER C 585 -12.37 47.45 27.08
N ALA C 586 -11.37 46.75 26.52
CA ALA C 586 -10.27 46.24 27.34
C ALA C 586 -9.31 47.37 27.56
N ARG C 587 -9.07 47.73 28.82
CA ARG C 587 -8.22 48.88 29.11
C ARG C 587 -7.01 48.55 29.98
N ILE C 588 -5.90 49.26 29.74
CA ILE C 588 -4.71 49.05 30.55
C ILE C 588 -4.54 50.25 31.45
N LEU C 589 -4.48 50.02 32.76
CA LEU C 589 -4.38 51.15 33.70
C LEU C 589 -3.06 51.13 34.43
N LYS C 590 -2.61 52.30 34.86
CA LYS C 590 -1.41 52.41 35.68
C LYS C 590 -1.80 52.30 37.16
N LEU C 591 -0.99 51.58 37.93
CA LEU C 591 -1.10 51.60 39.38
C LEU C 591 0.06 52.42 39.94
N PRO C 592 -0.21 53.30 40.92
CA PRO C 592 -1.47 53.53 41.63
C PRO C 592 -2.41 54.62 41.07
N SER C 593 -1.97 55.37 40.07
CA SER C 593 -2.73 56.53 39.58
C SER C 593 -4.06 56.19 38.89
N PHE C 594 -4.16 54.97 38.33
CA PHE C 594 -5.31 54.52 37.55
C PHE C 594 -5.41 55.27 36.21
N GLU C 595 -4.28 55.74 35.72
CA GLU C 595 -4.20 56.48 34.45
C GLU C 595 -4.41 55.51 33.27
N LEU C 596 -5.24 55.93 32.31
CA LEU C 596 -5.43 55.16 31.07
C LEU C 596 -4.17 55.15 30.24
N LEU C 597 -3.60 53.96 30.07
CA LEU C 597 -2.45 53.78 29.19
C LEU C 597 -2.90 53.37 27.79
N HIS C 598 -3.89 52.48 27.74
CA HIS C 598 -4.47 52.03 26.48
C HIS C 598 -5.91 51.66 26.67
N LYS C 599 -6.76 52.14 25.76
CA LYS C 599 -8.15 51.71 25.66
C LYS C 599 -8.35 51.00 24.33
N GLU C 600 -8.90 49.79 24.39
CA GLU C 600 -9.13 48.97 23.20
C GLU C 600 -10.60 48.62 23.08
N MET C 601 -11.21 49.04 21.97
CA MET C 601 -12.62 48.78 21.73
C MET C 601 -12.74 47.41 21.07
N LEU C 602 -13.47 46.52 21.72
CA LEU C 602 -13.51 45.12 21.29
C LEU C 602 -14.61 44.84 20.28
N GLY C 603 -15.70 45.59 20.37
CA GLY C 603 -16.81 45.48 19.43
C GLY C 603 -17.96 44.65 19.97
N GLY C 604 -19.12 44.80 19.34
CA GLY C 604 -20.31 44.04 19.68
C GLY C 604 -21.04 44.61 20.88
N GLU C 605 -22.03 43.87 21.36
CA GLU C 605 -22.79 44.22 22.55
C GLU C 605 -22.60 43.15 23.62
N ILE C 606 -21.55 42.35 23.46
CA ILE C 606 -21.23 41.29 24.43
C ILE C 606 -20.03 41.71 25.29
N ILE C 607 -20.25 41.74 26.59
CA ILE C 607 -19.23 42.22 27.53
C ILE C 607 -18.07 41.24 27.72
N PRO C 608 -16.87 41.76 28.07
CA PRO C 608 -15.78 40.89 28.52
C PRO C 608 -16.15 40.20 29.83
N ARG C 609 -15.71 38.96 30.01
CA ARG C 609 -16.00 38.22 31.22
C ARG C 609 -14.72 37.74 31.91
N SER C 610 -13.63 37.75 31.16
CA SER C 610 -12.35 37.27 31.65
C SER C 610 -11.21 38.00 30.96
N ILE C 611 -10.26 38.50 31.76
CA ILE C 611 -9.10 39.23 31.24
C ILE C 611 -7.84 38.78 31.96
N LEU C 612 -6.72 38.70 31.24
CA LEU C 612 -5.49 38.17 31.80
C LEU C 612 -4.24 38.69 31.10
N MET C 613 -3.24 39.05 31.90
CA MET C 613 -1.90 39.36 31.41
C MET C 613 -0.99 38.16 31.66
N THR C 614 -0.34 37.67 30.60
CA THR C 614 0.57 36.51 30.69
C THR C 614 1.82 36.65 29.83
N THR C 615 2.84 35.89 30.19
CA THR C 615 4.05 35.81 29.38
C THR C 615 4.18 34.43 28.75
N PHE C 616 4.25 34.42 27.42
CA PHE C 616 4.50 33.20 26.66
C PHE C 616 5.82 33.38 25.92
N GLU C 617 6.80 32.53 26.25
CA GLU C 617 8.15 32.56 25.65
C GLU C 617 8.78 33.97 25.71
N SER C 618 8.90 34.46 26.94
CA SER C 618 9.40 35.81 27.26
C SER C 618 8.76 36.96 26.46
N SER C 619 7.61 36.69 25.84
CA SER C 619 6.78 37.71 25.19
C SER C 619 5.50 37.92 26.00
N HIS C 620 5.17 39.19 26.26
CA HIS C 620 4.02 39.52 27.10
C HIS C 620 2.76 39.71 26.26
N TYR C 621 1.66 39.15 26.77
CA TYR C 621 0.38 39.17 26.09
C TYR C 621 -0.74 39.67 26.99
N LEU C 622 -1.82 40.12 26.37
CA LEU C 622 -3.07 40.40 27.05
C LEU C 622 -4.12 39.52 26.40
N LEU C 623 -4.81 38.73 27.21
CA LEU C 623 -5.92 37.90 26.74
C LEU C 623 -7.23 38.44 27.26
N CYS C 624 -8.23 38.51 26.38
CA CYS C 624 -9.56 38.94 26.78
C CYS C 624 -10.62 38.07 26.11
N ALA C 625 -11.45 37.43 26.94
CA ALA C 625 -12.51 36.55 26.48
C ALA C 625 -13.88 37.21 26.67
N LEU C 626 -14.68 37.20 25.60
CA LEU C 626 -16.06 37.73 25.66
C LEU C 626 -17.05 36.66 26.06
N GLY C 627 -18.26 37.07 26.43
CA GLY C 627 -19.31 36.15 26.86
C GLY C 627 -19.88 35.29 25.74
N ASP C 628 -19.48 35.58 24.50
CA ASP C 628 -19.99 34.87 23.32
C ASP C 628 -19.00 33.84 22.74
N GLY C 629 -17.95 33.52 23.50
CA GLY C 629 -16.96 32.53 23.07
C GLY C 629 -15.72 33.10 22.39
N ALA C 630 -15.80 34.35 21.95
CA ALA C 630 -14.66 35.03 21.33
C ALA C 630 -13.49 35.23 22.29
N LEU C 631 -12.28 35.16 21.76
CA LEU C 631 -11.08 35.51 22.52
C LEU C 631 -10.18 36.43 21.70
N PHE C 632 -9.89 37.60 22.26
CA PHE C 632 -8.91 38.50 21.67
C PHE C 632 -7.59 38.36 22.40
N TYR C 633 -6.50 38.32 21.64
CA TYR C 633 -5.18 38.42 22.23
C TYR C 633 -4.32 39.50 21.60
N PHE C 634 -3.46 40.11 22.42
CA PHE C 634 -2.69 41.28 22.04
C PHE C 634 -1.28 41.12 22.55
N GLY C 635 -0.33 41.76 21.88
CA GLY C 635 1.02 41.91 22.43
C GLY C 635 0.95 43.02 23.46
N LEU C 636 1.63 42.84 24.57
CA LEU C 636 1.58 43.83 25.64
C LEU C 636 2.97 44.37 26.00
N ASN C 637 3.11 45.68 25.93
CA ASN C 637 4.32 46.35 26.42
C ASN C 637 4.11 46.72 27.89
N ILE C 638 4.93 46.15 28.77
CA ILE C 638 4.74 46.32 30.20
C ILE C 638 5.32 47.63 30.76
N GLU C 639 5.92 48.44 29.89
CA GLU C 639 6.41 49.76 30.26
C GLU C 639 5.45 50.85 29.82
N THR C 640 5.01 50.77 28.57
CA THR C 640 4.10 51.75 27.98
C THR C 640 2.64 51.35 28.13
N GLY C 641 2.40 50.07 28.40
CA GLY C 641 1.04 49.53 28.47
C GLY C 641 0.37 49.48 27.12
N LEU C 642 1.17 49.35 26.06
CA LEU C 642 0.69 49.37 24.69
C LEU C 642 0.27 47.98 24.21
N LEU C 643 -0.93 47.90 23.63
CA LEU C 643 -1.43 46.67 23.03
C LEU C 643 -1.29 46.69 21.50
N SER C 644 -0.75 45.61 20.94
CA SER C 644 -0.49 45.53 19.50
C SER C 644 -0.84 44.15 18.92
N ASP C 645 -0.86 44.05 17.59
CA ASP C 645 -1.14 42.81 16.86
C ASP C 645 -2.39 42.09 17.36
N ARG C 646 -3.52 42.79 17.33
CA ARG C 646 -4.81 42.25 17.73
C ARG C 646 -5.23 41.03 16.89
N LYS C 647 -5.43 39.90 17.57
CA LYS C 647 -5.88 38.68 16.91
C LYS C 647 -7.10 38.11 17.63
N LYS C 648 -8.00 37.51 16.86
CA LYS C 648 -9.26 36.98 17.42
C LYS C 648 -9.49 35.53 17.01
N VAL C 649 -9.90 34.71 17.98
CA VAL C 649 -10.28 33.32 17.73
C VAL C 649 -11.58 32.98 18.48
N THR C 650 -12.31 31.98 18.00
CA THR C 650 -13.51 31.51 18.70
C THR C 650 -13.17 30.25 19.50
N LEU C 651 -13.66 30.18 20.72
CA LEU C 651 -13.45 29.03 21.60
C LEU C 651 -14.78 28.64 22.23
N GLY C 652 -15.66 28.06 21.42
CA GLY C 652 -16.97 27.68 21.90
C GLY C 652 -17.95 28.85 21.86
N THR C 653 -19.08 28.67 22.53
CA THR C 653 -20.18 29.65 22.47
C THR C 653 -20.51 30.21 23.85
N GLN C 654 -20.06 29.51 24.90
CA GLN C 654 -20.20 29.95 26.28
C GLN C 654 -19.10 30.96 26.65
N PRO C 655 -19.35 31.81 27.67
CA PRO C 655 -18.31 32.68 28.20
C PRO C 655 -17.10 31.88 28.68
N THR C 656 -15.90 32.36 28.35
CA THR C 656 -14.67 31.68 28.73
C THR C 656 -14.09 32.22 30.04
N VAL C 657 -13.70 31.32 30.92
CA VAL C 657 -12.96 31.66 32.13
C VAL C 657 -11.51 31.28 31.88
N LEU C 658 -10.60 32.25 32.04
CA LEU C 658 -9.18 32.01 31.78
C LEU C 658 -8.40 31.79 33.06
N ARG C 659 -7.56 30.75 33.08
CA ARG C 659 -6.74 30.48 34.25
C ARG C 659 -5.37 29.92 33.88
N THR C 660 -4.31 30.55 34.40
CA THR C 660 -2.96 30.10 34.08
C THR C 660 -2.60 28.83 34.82
N PHE C 661 -1.62 28.09 34.30
CA PHE C 661 -1.17 26.87 34.98
C PHE C 661 0.21 26.42 34.50
N ARG C 662 1.10 26.16 35.45
CA ARG C 662 2.43 25.66 35.12
C ARG C 662 2.38 24.18 34.77
N SER C 663 3.10 23.80 33.70
CA SER C 663 3.15 22.41 33.28
C SER C 663 4.53 22.20 32.72
N LEU C 664 5.31 21.29 33.31
CA LEU C 664 6.69 21.07 32.88
C LEU C 664 7.43 22.40 32.86
N SER C 665 7.31 23.18 33.93
CA SER C 665 8.01 24.47 34.04
C SER C 665 7.73 25.41 32.86
N THR C 666 6.50 25.41 32.35
CA THR C 666 6.12 26.31 31.27
C THR C 666 4.74 26.87 31.54
N THR C 667 4.58 28.19 31.42
CA THR C 667 3.28 28.80 31.70
C THR C 667 2.32 28.63 30.52
N ASN C 668 1.10 28.18 30.85
CA ASN C 668 0.01 28.07 29.87
C ASN C 668 -1.24 28.74 30.43
N VAL C 669 -2.27 28.86 29.60
CA VAL C 669 -3.56 29.34 30.07
C VAL C 669 -4.66 28.33 29.76
N PHE C 670 -5.37 27.91 30.79
CA PHE C 670 -6.55 27.06 30.62
C PHE C 670 -7.77 27.93 30.35
N ALA C 671 -8.50 27.61 29.28
CA ALA C 671 -9.68 28.37 28.90
C ALA C 671 -10.95 27.54 29.08
N CYS C 672 -11.64 27.75 30.21
CA CYS C 672 -12.84 26.99 30.51
C CYS C 672 -14.03 27.47 29.70
N SER C 673 -14.79 26.52 29.14
CA SER C 673 -15.97 26.87 28.37
C SER C 673 -16.63 25.59 27.93
N ASP C 674 -17.56 25.67 26.98
CA ASP C 674 -18.18 24.47 26.44
C ASP C 674 -17.15 23.66 25.68
N ARG C 675 -15.97 24.26 25.45
CA ARG C 675 -14.91 23.59 24.71
C ARG C 675 -13.56 23.85 25.37
N PRO C 676 -13.19 23.06 26.40
CA PRO C 676 -11.89 23.24 27.07
C PRO C 676 -10.76 23.42 26.08
N THR C 677 -9.95 24.46 26.27
CA THR C 677 -8.80 24.70 25.41
C THR C 677 -7.64 25.12 26.30
N VAL C 678 -6.43 24.74 25.89
CA VAL C 678 -5.22 25.26 26.49
C VAL C 678 -4.57 26.23 25.52
N ILE C 679 -4.28 27.44 26.00
CA ILE C 679 -3.57 28.45 25.25
C ILE C 679 -2.10 28.38 25.64
N TYR C 680 -1.23 28.33 24.63
CA TYR C 680 0.22 28.31 24.89
C TYR C 680 0.91 29.06 23.76
N SER C 681 2.24 28.98 23.70
CA SER C 681 2.99 29.66 22.66
C SER C 681 3.99 28.75 21.99
N SER C 682 3.94 28.67 20.66
CA SER C 682 4.88 27.83 19.92
C SER C 682 5.69 28.67 18.94
N ASN C 683 7.01 28.73 19.15
CA ASN C 683 7.86 29.52 18.27
C ASN C 683 7.32 30.92 18.14
N HIS C 684 7.05 31.57 19.28
CA HIS C 684 6.53 32.93 19.28
C HIS C 684 5.24 33.04 18.49
N LYS C 685 4.35 32.06 18.66
CA LYS C 685 3.07 32.07 17.97
C LYS C 685 2.04 31.35 18.81
N LEU C 686 1.09 32.09 19.37
CA LEU C 686 0.10 31.47 20.25
C LEU C 686 -0.64 30.32 19.59
N VAL C 687 -0.64 29.18 20.28
CA VAL C 687 -1.25 27.96 19.78
C VAL C 687 -2.41 27.59 20.71
N PHE C 688 -3.50 27.13 20.09
CA PHE C 688 -4.70 26.73 20.82
C PHE C 688 -4.97 25.26 20.56
N SER C 689 -5.04 24.49 21.64
CA SER C 689 -5.24 23.05 21.54
C SER C 689 -6.39 22.62 22.42
N ASN C 690 -7.31 21.82 21.86
CA ASN C 690 -8.52 21.45 22.59
C ASN C 690 -8.32 20.38 23.65
N VAL C 691 -8.77 20.67 24.88
CA VAL C 691 -8.71 19.67 25.94
C VAL C 691 -9.79 18.65 25.68
N ASN C 692 -9.62 17.44 26.21
CA ASN C 692 -10.58 16.36 25.91
C ASN C 692 -11.62 16.19 27.02
N LEU C 693 -12.56 17.14 27.12
CA LEU C 693 -13.64 17.01 28.10
C LEU C 693 -14.88 17.70 27.53
N LYS C 694 -16.06 17.33 28.02
CA LYS C 694 -17.29 17.90 27.47
C LYS C 694 -17.39 19.39 27.68
N GLU C 695 -17.22 19.85 28.91
CA GLU C 695 -17.34 21.26 29.28
C GLU C 695 -16.72 21.48 30.66
N VAL C 696 -15.77 22.41 30.75
CA VAL C 696 -15.20 22.83 32.03
C VAL C 696 -15.66 24.25 32.33
N ASN C 697 -16.18 24.46 33.54
CA ASN C 697 -16.65 25.79 33.97
C ASN C 697 -15.60 26.60 34.74
N TYR C 698 -14.89 25.96 35.67
CA TYR C 698 -13.81 26.58 36.45
C TYR C 698 -12.67 25.60 36.66
N MET C 699 -11.45 26.12 36.83
CA MET C 699 -10.26 25.31 36.96
C MET C 699 -9.21 26.02 37.83
N CYS C 700 -8.38 25.24 38.51
CA CYS C 700 -7.18 25.75 39.17
C CYS C 700 -6.11 24.66 39.22
N PRO C 701 -4.82 25.07 39.20
CA PRO C 701 -3.75 24.11 39.45
C PRO C 701 -3.75 23.66 40.92
N LEU C 702 -3.27 22.45 41.18
CA LEU C 702 -3.26 21.88 42.52
C LEU C 702 -2.02 21.01 42.68
N ASN C 703 -1.28 21.22 43.75
CA ASN C 703 -0.05 20.47 43.99
C ASN C 703 0.04 19.99 45.44
N SER C 704 -0.92 19.13 45.84
CA SER C 704 -0.89 18.50 47.15
C SER C 704 -0.02 17.25 47.16
N ASP C 705 0.02 16.54 48.28
CA ASP C 705 0.82 15.33 48.39
C ASP C 705 0.14 14.15 47.72
N GLY C 706 -1.15 14.00 47.96
CA GLY C 706 -1.94 12.95 47.30
C GLY C 706 -2.39 13.29 45.90
N TYR C 707 -2.17 14.54 45.48
CA TYR C 707 -2.47 14.98 44.11
C TYR C 707 -1.39 15.94 43.58
N PRO C 708 -0.16 15.45 43.40
CA PRO C 708 0.92 16.35 42.98
C PRO C 708 0.76 16.80 41.52
N ASP C 709 1.36 17.95 41.20
CA ASP C 709 1.35 18.51 39.84
C ASP C 709 0.03 18.24 39.10
N SER C 710 -1.08 18.56 39.77
CA SER C 710 -2.42 18.23 39.27
C SER C 710 -3.28 19.47 38.95
N LEU C 711 -4.55 19.20 38.64
CA LEU C 711 -5.52 20.21 38.25
C LEU C 711 -6.86 19.92 38.94
N ALA C 712 -7.54 20.96 39.41
CA ALA C 712 -8.90 20.80 39.89
C ALA C 712 -9.85 21.42 38.86
N LEU C 713 -10.86 20.65 38.46
CA LEU C 713 -11.77 21.10 37.42
C LEU C 713 -13.22 20.86 37.82
N ALA C 714 -14.09 21.80 37.43
CA ALA C 714 -15.50 21.74 37.80
C ALA C 714 -16.41 22.00 36.61
N ASN C 715 -17.54 21.29 36.60
CA ASN C 715 -18.63 21.57 35.66
C ASN C 715 -19.94 21.71 36.43
N ASN C 716 -21.06 21.65 35.72
CA ASN C 716 -22.37 21.84 36.35
C ASN C 716 -22.57 21.07 37.65
N SER C 717 -22.12 19.82 37.71
CA SER C 717 -22.40 19.01 38.91
C SER C 717 -21.25 18.17 39.46
N THR C 718 -20.09 18.17 38.80
CA THR C 718 -19.00 17.31 39.26
C THR C 718 -17.70 18.03 39.57
N LEU C 719 -16.98 17.55 40.58
CA LEU C 719 -15.68 18.13 40.91
C LEU C 719 -14.63 17.08 40.68
N THR C 720 -13.73 17.31 39.72
CA THR C 720 -12.72 16.31 39.38
C THR C 720 -11.31 16.83 39.61
N ILE C 721 -10.40 15.94 40.00
CA ILE C 721 -9.01 16.34 40.23
C ILE C 721 -8.11 15.41 39.43
N GLY C 722 -7.40 15.97 38.43
CA GLY C 722 -6.55 15.13 37.58
C GLY C 722 -5.34 15.84 37.00
N THR C 723 -4.49 15.08 36.30
CA THR C 723 -3.28 15.65 35.70
C THR C 723 -3.53 16.00 34.24
N ILE C 724 -2.54 16.59 33.55
CA ILE C 724 -2.74 16.99 32.17
C ILE C 724 -1.46 16.96 31.34
N ASP C 725 -1.60 16.65 30.04
CA ASP C 725 -0.44 16.60 29.15
C ASP C 725 0.11 18.00 28.91
N GLU C 726 1.44 18.09 28.74
CA GLU C 726 2.07 19.38 28.51
C GLU C 726 1.60 19.97 27.20
N ILE C 727 1.51 19.13 26.17
CA ILE C 727 1.06 19.60 24.86
C ILE C 727 0.04 18.63 24.29
N GLN C 728 -0.34 18.82 23.02
CA GLN C 728 -1.35 17.97 22.41
C GLN C 728 -0.77 16.84 21.58
N LYS C 729 -1.63 15.90 21.18
CA LYS C 729 -1.20 14.77 20.35
C LYS C 729 -2.43 14.14 19.76
N LEU C 730 -2.24 13.15 18.87
CA LEU C 730 -3.36 12.45 18.27
C LEU C 730 -3.89 11.36 19.19
N HIS C 731 -4.44 11.75 20.34
CA HIS C 731 -5.02 10.78 21.25
C HIS C 731 -5.92 9.85 20.47
N ILE C 732 -5.80 8.55 20.69
CA ILE C 732 -6.59 7.58 19.95
C ILE C 732 -7.43 6.71 20.84
N ARG C 733 -8.75 6.71 20.65
CA ARG C 733 -9.67 5.88 21.39
C ARG C 733 -9.80 4.64 20.57
N THR C 734 -10.15 3.51 21.18
CA THR C 734 -10.30 2.25 20.48
C THR C 734 -11.60 1.60 20.83
N VAL C 735 -12.34 1.14 19.84
CA VAL C 735 -13.60 0.43 20.02
C VAL C 735 -13.46 -0.94 19.37
N PRO C 736 -13.28 -2.00 20.16
CA PRO C 736 -13.08 -3.32 19.56
C PRO C 736 -14.37 -3.86 18.95
N LEU C 737 -14.24 -4.41 17.74
CA LEU C 737 -15.36 -5.04 17.05
C LEU C 737 -15.25 -6.55 16.95
N TYR C 738 -14.04 -7.11 17.10
CA TYR C 738 -13.84 -8.56 17.05
C TYR C 738 -14.31 -9.14 15.71
N GLU C 739 -14.08 -8.40 14.64
CA GLU C 739 -14.36 -8.87 13.28
C GLU C 739 -13.80 -7.85 12.32
N SER C 740 -13.39 -8.32 11.15
CA SER C 740 -12.66 -7.47 10.21
C SER C 740 -13.57 -6.36 9.70
N PRO C 741 -13.23 -5.09 9.92
CA PRO C 741 -13.99 -4.00 9.31
C PRO C 741 -13.42 -3.58 7.96
N ARG C 742 -14.31 -3.31 7.02
CA ARG C 742 -13.92 -3.08 5.64
C ARG C 742 -14.20 -1.66 5.17
N LYS C 743 -15.40 -1.13 5.42
CA LYS C 743 -15.77 0.19 4.97
C LYS C 743 -16.52 0.92 6.08
N ILE C 744 -16.52 2.25 5.99
CA ILE C 744 -17.20 3.09 6.96
C ILE C 744 -17.67 4.37 6.27
N CYS C 745 -18.89 4.78 6.58
CA CYS C 745 -19.42 6.06 6.14
C CYS C 745 -20.35 6.59 7.22
N TYR C 746 -20.32 7.89 7.43
CA TYR C 746 -21.04 8.53 8.53
C TYR C 746 -22.36 9.09 8.04
N GLN C 747 -23.44 8.76 8.74
CA GLN C 747 -24.77 9.26 8.44
C GLN C 747 -25.09 10.38 9.43
N GLU C 748 -25.02 11.63 9.01
CA GLU C 748 -25.20 12.75 9.91
C GLU C 748 -26.60 12.80 10.44
N VAL C 749 -27.61 12.55 9.60
CA VAL C 749 -28.99 12.74 10.04
C VAL C 749 -29.33 11.82 11.21
N SER C 750 -28.90 10.56 11.13
CA SER C 750 -29.24 9.56 12.14
C SER C 750 -28.20 9.48 13.26
N GLN C 751 -27.16 10.31 13.21
CA GLN C 751 -26.10 10.30 14.22
C GLN C 751 -25.66 8.87 14.40
N CYS C 752 -25.34 8.18 13.30
CA CYS C 752 -24.94 6.78 13.32
C CYS C 752 -23.83 6.55 12.30
N PHE C 753 -23.00 5.54 12.58
CA PHE C 753 -21.94 5.09 11.69
C PHE C 753 -22.36 3.77 11.06
N GLY C 754 -22.21 3.67 9.75
CA GLY C 754 -22.46 2.42 9.05
C GLY C 754 -21.16 1.75 8.65
N VAL C 755 -20.91 0.56 9.20
CA VAL C 755 -19.64 -0.13 9.01
C VAL C 755 -19.91 -1.51 8.42
N LEU C 756 -19.18 -1.86 7.37
CA LEU C 756 -19.21 -3.21 6.84
C LEU C 756 -18.22 -4.06 7.61
N SER C 757 -18.68 -5.22 8.09
CA SER C 757 -17.85 -6.11 8.89
C SER C 757 -17.96 -7.52 8.33
N SER C 758 -16.90 -8.30 8.54
CA SER C 758 -16.86 -9.69 8.11
C SER C 758 -16.25 -10.52 9.22
N ARG C 759 -16.89 -11.66 9.52
CA ARG C 759 -16.39 -12.58 10.52
C ARG C 759 -16.40 -13.99 9.97
N ILE C 760 -15.46 -14.80 10.44
CA ILE C 760 -15.25 -16.15 9.94
C ILE C 760 -15.93 -17.13 10.88
N GLU C 761 -16.78 -17.98 10.32
CA GLU C 761 -17.50 -18.99 11.09
C GLU C 761 -17.21 -20.37 10.49
N VAL C 762 -16.89 -21.32 11.34
CA VAL C 762 -16.50 -22.65 10.90
C VAL C 762 -17.73 -23.53 10.80
N GLN C 763 -17.75 -24.39 9.79
CA GLN C 763 -18.88 -25.28 9.57
C GLN C 763 -19.12 -26.15 10.81
N ASP C 764 -20.39 -26.29 11.18
CA ASP C 764 -20.76 -27.06 12.35
C ASP C 764 -21.17 -28.47 11.96
N GLY C 768 -24.84 -26.35 10.24
CA GLY C 768 -24.61 -24.95 9.89
C GLY C 768 -23.20 -24.51 10.20
N THR C 769 -23.05 -23.26 10.63
CA THR C 769 -21.76 -22.68 10.94
C THR C 769 -21.83 -21.93 12.26
N THR C 770 -20.72 -21.96 13.00
CA THR C 770 -20.61 -21.30 14.29
C THR C 770 -19.41 -20.37 14.29
N ALA C 771 -19.59 -19.19 14.87
CA ALA C 771 -18.49 -18.24 14.98
C ALA C 771 -17.46 -18.75 15.99
N LEU C 772 -16.18 -18.48 15.71
CA LEU C 772 -15.12 -18.94 16.59
C LEU C 772 -15.23 -18.32 17.97
N ARG C 773 -15.51 -17.02 18.03
CA ARG C 773 -15.51 -16.27 19.28
C ARG C 773 -16.65 -15.27 19.25
N PRO C 774 -17.09 -14.79 20.41
CA PRO C 774 -18.04 -13.68 20.43
C PRO C 774 -17.46 -12.47 19.71
N SER C 775 -18.33 -11.74 19.00
CA SER C 775 -17.90 -10.65 18.15
C SER C 775 -18.82 -9.46 18.38
N ALA C 776 -18.73 -8.47 17.51
CA ALA C 776 -19.59 -7.30 17.62
C ALA C 776 -20.92 -7.53 16.93
N SER C 777 -20.93 -8.22 15.79
CA SER C 777 -22.18 -8.43 15.06
C SER C 777 -23.16 -9.26 15.87
N THR C 778 -22.69 -10.32 16.53
CA THR C 778 -23.61 -11.21 17.23
C THR C 778 -24.28 -10.53 18.42
N GLN C 779 -23.52 -9.72 19.18
CA GLN C 779 -24.04 -9.08 20.38
C GLN C 779 -24.68 -7.73 20.11
N ALA C 780 -25.10 -7.47 18.87
CA ALA C 780 -25.80 -6.22 18.58
C ALA C 780 -27.12 -6.17 19.33
N LEU C 781 -27.49 -4.98 19.78
CA LEU C 781 -28.75 -4.83 20.51
C LEU C 781 -29.93 -5.30 19.69
N SER C 782 -29.83 -5.27 18.37
CA SER C 782 -30.86 -5.78 17.48
C SER C 782 -30.18 -6.36 16.26
N SER C 783 -30.40 -7.65 16.00
CA SER C 783 -29.78 -8.35 14.88
C SER C 783 -30.86 -8.79 13.91
N SER C 784 -30.83 -8.33 12.66
CA SER C 784 -31.78 -8.81 11.64
C SER C 784 -30.96 -9.51 10.60
N VAL C 785 -31.60 -10.14 9.61
CA VAL C 785 -30.91 -10.84 8.53
C VAL C 785 -31.61 -10.59 7.23
N SER C 786 -30.85 -10.44 6.14
CA SER C 786 -31.41 -10.23 4.81
C SER C 786 -31.87 -11.55 4.25
N SER C 787 -33.04 -11.59 3.63
CA SER C 787 -33.60 -12.79 3.03
C SER C 787 -34.11 -12.48 1.64
N SER C 788 -33.20 -12.06 0.74
CA SER C 788 -33.56 -11.70 -0.63
C SER C 788 -34.20 -12.86 -1.36
N LYS C 789 -35.30 -12.61 -2.05
CA LYS C 789 -36.00 -13.62 -2.84
C LYS C 789 -35.36 -13.70 -4.19
N LEU C 790 -34.46 -12.76 -4.51
CA LEU C 790 -33.76 -12.73 -5.77
C LEU C 790 -32.97 -14.00 -5.97
N PHE C 791 -32.59 -14.70 -4.89
CA PHE C 791 -31.74 -15.88 -4.98
C PHE C 791 -32.29 -17.02 -4.13
N PRO C 797 -25.06 -22.59 -3.59
CA PRO C 797 -25.56 -23.93 -3.25
C PRO C 797 -24.43 -24.96 -3.15
N HIS C 798 -23.76 -25.01 -2.00
CA HIS C 798 -22.63 -25.90 -1.80
C HIS C 798 -22.70 -26.51 -0.41
N GLU C 799 -22.09 -27.68 -0.26
CA GLU C 799 -22.08 -28.40 1.01
C GLU C 799 -20.73 -28.19 1.69
N THR C 800 -20.64 -27.09 2.44
CA THR C 800 -19.44 -26.81 3.22
C THR C 800 -19.17 -27.97 4.18
N SER C 801 -18.02 -28.60 4.02
CA SER C 801 -17.66 -29.72 4.87
C SER C 801 -17.41 -29.24 6.30
N PHE C 802 -17.49 -30.18 7.24
CA PHE C 802 -17.25 -29.83 8.64
C PHE C 802 -15.84 -29.29 8.78
N GLY C 803 -15.71 -28.20 9.56
CA GLY C 803 -14.43 -27.55 9.74
C GLY C 803 -14.06 -26.58 8.65
N GLU C 804 -14.91 -26.35 7.66
CA GLU C 804 -14.63 -25.40 6.59
C GLU C 804 -15.12 -24.01 7.00
N GLU C 805 -14.32 -23.00 6.69
CA GLU C 805 -14.63 -21.64 7.09
C GLU C 805 -15.56 -20.97 6.08
N VAL C 806 -16.36 -20.04 6.58
CA VAL C 806 -17.25 -19.23 5.75
C VAL C 806 -17.23 -17.81 6.27
N GLU C 807 -17.20 -16.85 5.35
CA GLU C 807 -17.20 -15.43 5.70
C GLU C 807 -18.63 -14.93 5.74
N VAL C 808 -19.08 -14.47 6.91
CA VAL C 808 -20.40 -13.89 7.08
C VAL C 808 -20.22 -12.38 7.24
N HIS C 809 -20.93 -11.62 6.42
CA HIS C 809 -20.81 -10.17 6.40
C HIS C 809 -22.02 -9.53 7.07
N ASN C 810 -21.77 -8.43 7.76
CA ASN C 810 -22.80 -7.70 8.47
C ASN C 810 -22.64 -6.21 8.21
N LEU C 811 -23.75 -5.49 8.28
CA LEU C 811 -23.76 -4.04 8.32
C LEU C 811 -24.07 -3.62 9.75
N LEU C 812 -23.13 -2.91 10.37
CA LEU C 812 -23.27 -2.48 11.76
C LEU C 812 -23.62 -1.00 11.77
N ILE C 813 -24.75 -0.68 12.39
CA ILE C 813 -25.14 0.69 12.70
C ILE C 813 -24.73 0.95 14.14
N ILE C 814 -23.83 1.92 14.33
CA ILE C 814 -23.20 2.18 15.63
C ILE C 814 -23.53 3.61 16.04
N ASP C 815 -23.96 3.79 17.28
CA ASP C 815 -24.18 5.13 17.79
C ASP C 815 -22.87 5.89 17.87
N GLN C 816 -22.87 7.16 17.47
CA GLN C 816 -21.65 7.97 17.39
C GLN C 816 -21.07 8.30 18.73
N HIS C 817 -21.92 8.42 19.75
CA HIS C 817 -21.49 8.83 21.08
C HIS C 817 -20.99 7.63 21.89
N THR C 818 -21.84 6.65 22.19
CA THR C 818 -21.45 5.44 22.93
C THR C 818 -20.62 4.46 22.12
N PHE C 819 -20.59 4.60 20.77
CA PHE C 819 -19.87 3.68 19.88
C PHE C 819 -20.21 2.27 20.27
N GLU C 820 -21.51 1.92 20.25
CA GLU C 820 -21.97 0.57 20.54
C GLU C 820 -22.78 0.15 19.36
N VAL C 821 -22.60 -1.10 18.90
CA VAL C 821 -23.31 -1.61 17.73
C VAL C 821 -24.76 -1.67 18.10
N LEU C 822 -25.53 -0.65 17.70
CA LEU C 822 -26.95 -0.56 17.99
C LEU C 822 -27.66 -1.59 17.18
N HIS C 823 -27.25 -1.78 15.93
CA HIS C 823 -27.89 -2.70 15.01
C HIS C 823 -26.88 -3.52 14.25
N ALA C 824 -27.26 -4.73 13.82
CA ALA C 824 -26.40 -5.58 13.00
C ALA C 824 -27.28 -6.32 12.00
N HIS C 825 -27.04 -6.09 10.72
CA HIS C 825 -27.81 -6.71 9.64
C HIS C 825 -26.91 -7.71 8.94
N GLN C 826 -27.15 -8.99 9.17
CA GLN C 826 -26.36 -10.05 8.55
C GLN C 826 -26.88 -10.33 7.14
N PHE C 827 -25.97 -10.34 6.17
CA PHE C 827 -26.34 -10.56 4.79
C PHE C 827 -26.58 -12.05 4.53
N LEU C 828 -26.95 -12.37 3.29
CA LEU C 828 -27.21 -13.75 2.93
C LEU C 828 -25.91 -14.55 2.97
N GLN C 829 -26.04 -15.86 3.14
CA GLN C 829 -24.88 -16.74 3.14
C GLN C 829 -24.18 -16.67 1.80
N ASN C 830 -22.85 -16.60 1.85
CA ASN C 830 -22.03 -16.48 0.64
C ASN C 830 -22.29 -15.15 -0.07
N GLU C 831 -22.46 -14.09 0.72
CA GLU C 831 -22.64 -12.74 0.19
C GLU C 831 -21.65 -11.81 0.88
N TYR C 832 -20.84 -11.13 0.07
CA TYR C 832 -19.84 -10.19 0.56
C TYR C 832 -20.29 -8.77 0.27
N ALA C 833 -20.33 -7.93 1.30
CA ALA C 833 -20.60 -6.51 1.12
C ALA C 833 -19.30 -5.80 0.79
N LEU C 834 -19.22 -5.23 -0.42
CA LEU C 834 -17.99 -4.66 -0.92
C LEU C 834 -17.95 -3.14 -0.87
N SER C 835 -19.07 -2.48 -1.13
CA SER C 835 -19.12 -1.03 -1.21
C SER C 835 -20.28 -0.50 -0.35
N LEU C 836 -20.08 0.69 0.21
CA LEU C 836 -21.08 1.33 1.04
C LEU C 836 -20.98 2.84 0.84
N VAL C 837 -22.13 3.49 0.70
CA VAL C 837 -22.21 4.93 0.55
C VAL C 837 -23.46 5.43 1.26
N SER C 838 -23.32 6.53 1.99
CA SER C 838 -24.43 7.16 2.69
C SER C 838 -24.77 8.47 1.99
N CYS C 839 -25.89 8.48 1.28
CA CYS C 839 -26.27 9.63 0.47
C CYS C 839 -27.77 9.58 0.22
N LYS C 840 -28.30 10.70 -0.28
CA LYS C 840 -29.70 10.82 -0.67
C LYS C 840 -29.77 10.84 -2.19
N LEU C 841 -30.64 10.01 -2.75
CA LEU C 841 -30.70 9.80 -4.20
C LEU C 841 -31.89 10.55 -4.79
N GLY C 842 -31.64 11.22 -5.92
CA GLY C 842 -32.72 11.88 -6.63
C GLY C 842 -33.41 12.92 -5.77
N LYS C 843 -34.73 13.01 -5.91
CA LYS C 843 -35.53 13.96 -5.15
C LYS C 843 -35.93 13.43 -3.79
N ASP C 844 -35.57 12.20 -3.46
CA ASP C 844 -35.90 11.64 -2.15
C ASP C 844 -35.11 12.35 -1.07
N PRO C 845 -35.76 12.93 -0.05
CA PRO C 845 -34.99 13.67 0.97
C PRO C 845 -34.40 12.78 2.06
N ASN C 846 -34.82 11.54 2.18
CA ASN C 846 -34.28 10.67 3.22
C ASN C 846 -32.87 10.22 2.87
N THR C 847 -32.03 10.14 3.89
CA THR C 847 -30.67 9.64 3.74
C THR C 847 -30.66 8.13 3.88
N TYR C 848 -30.02 7.44 2.94
CA TYR C 848 -30.05 5.99 2.88
C TYR C 848 -28.64 5.43 3.01
N PHE C 849 -28.57 4.18 3.49
CA PHE C 849 -27.35 3.38 3.45
C PHE C 849 -27.45 2.49 2.22
N ILE C 850 -26.67 2.81 1.19
CA ILE C 850 -26.69 2.05 -0.05
C ILE C 850 -25.45 1.17 -0.05
N VAL C 851 -25.65 -0.15 -0.01
CA VAL C 851 -24.56 -1.11 0.11
C VAL C 851 -24.61 -2.04 -1.10
N GLY C 852 -23.46 -2.20 -1.75
CA GLY C 852 -23.32 -3.14 -2.85
C GLY C 852 -22.72 -4.44 -2.36
N THR C 853 -23.26 -5.55 -2.85
CA THR C 853 -22.82 -6.87 -2.41
C THR C 853 -22.68 -7.77 -3.63
N ALA C 854 -21.75 -8.71 -3.52
CA ALA C 854 -21.54 -9.75 -4.51
C ALA C 854 -21.74 -11.12 -3.84
N MET C 855 -21.80 -12.16 -4.66
CA MET C 855 -21.94 -13.53 -4.17
C MET C 855 -20.73 -14.33 -4.62
N VAL C 856 -19.84 -14.62 -3.68
CA VAL C 856 -18.57 -15.29 -3.96
C VAL C 856 -18.77 -16.78 -3.67
N TYR C 857 -18.98 -17.56 -4.73
CA TYR C 857 -18.96 -19.00 -4.57
C TYR C 857 -17.54 -19.52 -4.77
N PRO C 858 -17.15 -20.59 -4.06
CA PRO C 858 -15.73 -20.98 -4.09
C PRO C 858 -15.21 -21.31 -5.47
N GLU C 859 -16.05 -21.90 -6.34
CA GLU C 859 -15.58 -22.43 -7.62
C GLU C 859 -15.67 -21.42 -8.76
N GLU C 860 -16.07 -20.18 -8.50
CA GLU C 860 -16.13 -19.15 -9.52
C GLU C 860 -14.87 -18.31 -9.48
N ALA C 861 -14.24 -18.12 -10.64
CA ALA C 861 -13.06 -17.26 -10.70
C ALA C 861 -13.41 -15.83 -10.30
N GLU C 862 -14.55 -15.34 -10.77
CA GLU C 862 -15.07 -14.04 -10.38
C GLU C 862 -16.57 -14.17 -10.16
N PRO C 863 -17.15 -13.35 -9.30
CA PRO C 863 -18.58 -13.51 -8.99
C PRO C 863 -19.46 -13.33 -10.21
N LYS C 864 -20.58 -14.05 -10.22
CA LYS C 864 -21.53 -14.02 -11.32
C LYS C 864 -22.83 -13.29 -10.97
N GLN C 865 -22.97 -12.82 -9.74
CA GLN C 865 -24.20 -12.15 -9.32
C GLN C 865 -23.87 -11.11 -8.26
N GLY C 866 -24.88 -10.31 -7.93
CA GLY C 866 -24.74 -9.31 -6.90
C GLY C 866 -26.01 -8.49 -6.80
N ARG C 867 -25.99 -7.52 -5.89
CA ARG C 867 -27.14 -6.65 -5.72
C ARG C 867 -26.78 -5.41 -4.93
N ILE C 868 -27.53 -4.34 -5.19
CA ILE C 868 -27.44 -3.09 -4.45
C ILE C 868 -28.67 -3.00 -3.56
N VAL C 869 -28.44 -2.78 -2.26
CA VAL C 869 -29.52 -2.74 -1.27
C VAL C 869 -29.51 -1.37 -0.62
N VAL C 870 -30.69 -0.74 -0.58
CA VAL C 870 -30.88 0.57 0.03
C VAL C 870 -31.62 0.35 1.34
N PHE C 871 -30.94 0.60 2.46
CA PHE C 871 -31.51 0.57 3.79
C PHE C 871 -31.77 1.98 4.29
N GLN C 872 -32.64 2.10 5.29
CA GLN C 872 -32.91 3.37 5.95
C GLN C 872 -32.96 3.10 7.45
N TYR C 873 -32.01 3.68 8.18
CA TYR C 873 -31.99 3.56 9.64
C TYR C 873 -32.90 4.64 10.21
N SER C 874 -34.13 4.25 10.55
CA SER C 874 -35.13 5.18 11.05
C SER C 874 -35.65 4.69 12.38
N ASP C 875 -36.03 5.64 13.24
CA ASP C 875 -36.54 5.37 14.58
C ASP C 875 -35.77 4.22 15.23
N GLY C 876 -34.45 4.28 15.12
CA GLY C 876 -33.61 3.26 15.72
C GLY C 876 -33.81 1.88 15.16
N LYS C 877 -34.38 1.75 13.96
CA LYS C 877 -34.70 0.45 13.38
C LYS C 877 -34.35 0.49 11.90
N LEU C 878 -33.34 -0.27 11.50
CA LEU C 878 -32.97 -0.38 10.09
C LEU C 878 -34.03 -1.16 9.33
N GLN C 879 -34.28 -0.76 8.08
CA GLN C 879 -35.27 -1.43 7.26
C GLN C 879 -34.78 -1.45 5.81
N THR C 880 -35.03 -2.55 5.12
CA THR C 880 -34.63 -2.73 3.73
C THR C 880 -35.60 -1.95 2.85
N VAL C 881 -35.25 -0.69 2.56
CA VAL C 881 -36.13 0.16 1.77
C VAL C 881 -36.27 -0.39 0.35
N ALA C 882 -35.16 -0.79 -0.26
CA ALA C 882 -35.22 -1.22 -1.65
C ALA C 882 -34.07 -2.17 -1.95
N GLU C 883 -34.15 -2.82 -3.11
CA GLU C 883 -33.13 -3.76 -3.53
C GLU C 883 -33.07 -3.75 -5.04
N LYS C 884 -31.97 -4.24 -5.62
CA LYS C 884 -31.77 -4.25 -7.06
C LYS C 884 -30.78 -5.32 -7.48
N GLU C 885 -31.27 -6.49 -7.91
CA GLU C 885 -30.37 -7.52 -8.43
C GLU C 885 -29.57 -6.98 -9.60
N VAL C 886 -28.34 -7.45 -9.74
CA VAL C 886 -27.45 -6.99 -10.80
C VAL C 886 -26.44 -8.09 -11.08
N LYS C 887 -26.09 -8.25 -12.35
CA LYS C 887 -25.16 -9.29 -12.77
C LYS C 887 -23.73 -8.80 -12.57
N GLY C 888 -23.06 -9.34 -11.57
CA GLY C 888 -21.69 -8.98 -11.27
C GLY C 888 -21.53 -8.53 -9.83
N ALA C 889 -20.34 -8.05 -9.51
CA ALA C 889 -19.99 -7.59 -8.17
C ALA C 889 -19.88 -6.07 -8.18
N VAL C 890 -20.52 -5.43 -7.22
CA VAL C 890 -20.47 -3.97 -7.09
C VAL C 890 -19.18 -3.60 -6.34
N TYR C 891 -18.11 -3.34 -7.10
CA TYR C 891 -16.83 -3.06 -6.48
C TYR C 891 -16.86 -1.74 -5.71
N SER C 892 -17.39 -0.68 -6.33
CA SER C 892 -17.41 0.62 -5.69
C SER C 892 -18.62 1.41 -6.17
N MET C 893 -19.06 2.34 -5.34
CA MET C 893 -20.20 3.19 -5.65
C MET C 893 -19.93 4.58 -5.09
N VAL C 894 -20.53 5.59 -5.73
CA VAL C 894 -20.35 6.97 -5.31
C VAL C 894 -21.58 7.77 -5.71
N GLU C 895 -21.97 8.70 -4.85
CA GLU C 895 -23.03 9.64 -5.19
C GLU C 895 -22.59 10.51 -6.36
N PHE C 896 -23.51 10.74 -7.30
CA PHE C 896 -23.18 11.54 -8.48
C PHE C 896 -24.44 12.30 -8.89
N ASN C 897 -24.55 13.54 -8.41
CA ASN C 897 -25.68 14.41 -8.74
C ASN C 897 -27.01 13.72 -8.49
N GLY C 898 -27.11 13.07 -7.33
CA GLY C 898 -28.32 12.34 -6.99
C GLY C 898 -28.49 11.02 -7.69
N LYS C 899 -27.48 10.57 -8.43
CA LYS C 899 -27.52 9.30 -9.15
C LYS C 899 -26.43 8.38 -8.62
N LEU C 900 -26.73 7.08 -8.66
CA LEU C 900 -25.82 6.05 -8.15
C LEU C 900 -24.91 5.58 -9.28
N LEU C 901 -23.63 5.87 -9.17
CA LEU C 901 -22.62 5.44 -10.14
C LEU C 901 -21.99 4.16 -9.58
N ALA C 902 -22.30 3.02 -10.20
CA ALA C 902 -21.91 1.73 -9.66
C ALA C 902 -20.95 1.04 -10.63
N SER C 903 -19.81 0.59 -10.11
CA SER C 903 -18.87 -0.21 -10.87
C SER C 903 -19.22 -1.69 -10.67
N ILE C 904 -19.67 -2.34 -11.74
CA ILE C 904 -20.09 -3.73 -11.70
C ILE C 904 -19.16 -4.48 -12.65
N ASN C 905 -18.23 -5.25 -12.09
CA ASN C 905 -17.28 -6.03 -12.87
C ASN C 905 -16.58 -5.14 -13.90
N SER C 906 -16.71 -5.45 -15.18
CA SER C 906 -16.01 -4.72 -16.23
C SER C 906 -16.82 -3.54 -16.76
N THR C 907 -17.77 -3.05 -15.98
CA THR C 907 -18.67 -1.99 -16.43
C THR C 907 -18.83 -0.95 -15.35
N VAL C 908 -19.17 0.27 -15.76
CA VAL C 908 -19.63 1.31 -14.85
C VAL C 908 -21.00 1.78 -15.35
N ARG C 909 -22.00 1.74 -14.48
CA ARG C 909 -23.37 2.04 -14.85
C ARG C 909 -23.92 3.16 -13.98
N LEU C 910 -24.96 3.81 -14.49
CA LEU C 910 -25.67 4.85 -13.77
C LEU C 910 -27.09 4.39 -13.43
N TYR C 911 -27.50 4.65 -12.19
CA TYR C 911 -28.85 4.35 -11.72
C TYR C 911 -29.47 5.63 -11.17
N GLU C 912 -30.79 5.75 -11.32
CA GLU C 912 -31.53 6.88 -10.80
C GLU C 912 -32.61 6.38 -9.84
N TRP C 913 -32.91 7.19 -8.83
CA TRP C 913 -33.86 6.83 -7.78
C TRP C 913 -35.24 7.28 -8.22
N THR C 914 -36.04 6.34 -8.75
CA THR C 914 -37.39 6.62 -9.22
C THR C 914 -38.32 6.98 -8.09
N THR C 915 -39.58 7.30 -8.40
CA THR C 915 -40.58 7.68 -7.42
C THR C 915 -41.08 6.45 -6.70
N GLU C 916 -40.77 5.26 -7.21
CA GLU C 916 -41.18 3.99 -6.61
C GLU C 916 -40.12 3.50 -5.67
N LYS C 917 -39.08 4.32 -5.42
CA LYS C 917 -37.98 3.96 -4.53
C LYS C 917 -37.26 2.77 -5.12
N GLU C 918 -36.99 2.79 -6.43
CA GLU C 918 -36.30 1.71 -7.12
C GLU C 918 -35.16 2.26 -7.93
N LEU C 919 -34.19 1.42 -8.30
CA LEU C 919 -33.08 1.83 -9.12
C LEU C 919 -33.36 1.45 -10.58
N ARG C 920 -33.08 2.38 -11.48
CA ARG C 920 -33.37 2.23 -12.91
C ARG C 920 -32.07 2.40 -13.69
N THR C 921 -31.68 1.37 -14.43
CA THR C 921 -30.49 1.48 -15.26
C THR C 921 -30.68 2.55 -16.32
N GLU C 922 -29.68 3.41 -16.48
CA GLU C 922 -29.71 4.47 -17.48
C GLU C 922 -28.70 4.23 -18.59
N CYS C 923 -27.44 4.02 -18.26
CA CYS C 923 -26.44 3.72 -19.26
C CYS C 923 -25.25 3.03 -18.60
N ASN C 924 -24.41 2.43 -19.45
CA ASN C 924 -23.26 1.64 -19.02
C ASN C 924 -22.08 2.00 -19.91
N HIS C 925 -20.86 1.85 -19.38
CA HIS C 925 -19.63 2.20 -20.09
C HIS C 925 -18.66 1.05 -19.96
N TYR C 926 -18.42 0.33 -21.06
CA TYR C 926 -17.58 -0.87 -20.99
C TYR C 926 -16.08 -0.62 -21.10
N ASN C 927 -15.68 0.65 -21.22
CA ASN C 927 -14.26 0.97 -21.41
C ASN C 927 -13.51 0.99 -20.08
N ASN C 928 -13.84 0.04 -19.20
CA ASN C 928 -13.15 -0.06 -17.91
C ASN C 928 -12.84 -1.52 -17.59
N ILE C 929 -11.56 -1.86 -17.50
CA ILE C 929 -11.18 -3.22 -17.17
C ILE C 929 -11.74 -3.61 -15.83
N MET C 930 -11.56 -2.74 -14.83
CA MET C 930 -12.09 -3.01 -13.50
C MET C 930 -12.06 -1.76 -12.66
N ALA C 931 -13.16 -1.01 -12.65
CA ALA C 931 -13.24 0.19 -11.82
C ALA C 931 -13.23 -0.26 -10.39
N LEU C 932 -12.11 -0.04 -9.69
CA LEU C 932 -11.96 -0.44 -8.29
C LEU C 932 -12.07 0.76 -7.38
N TYR C 933 -11.76 1.96 -7.87
CA TYR C 933 -11.79 3.17 -7.07
C TYR C 933 -12.43 4.29 -7.88
N LEU C 934 -13.45 4.93 -7.30
CA LEU C 934 -14.21 5.97 -7.98
C LEU C 934 -14.21 7.23 -7.13
N LYS C 935 -14.02 8.38 -7.78
CA LYS C 935 -14.10 9.67 -7.12
C LYS C 935 -14.74 10.66 -8.07
N THR C 936 -15.63 11.50 -7.54
CA THR C 936 -16.39 12.45 -8.34
C THR C 936 -16.23 13.84 -7.78
N LYS C 937 -16.18 14.82 -8.68
CA LYS C 937 -16.15 16.23 -8.31
C LYS C 937 -16.83 17.00 -9.42
N GLY C 938 -17.92 17.68 -9.10
CA GLY C 938 -18.67 18.38 -10.12
C GLY C 938 -19.14 17.41 -11.18
N ASP C 939 -18.78 17.68 -12.43
CA ASP C 939 -19.17 16.85 -13.56
C ASP C 939 -18.07 15.88 -13.98
N PHE C 940 -17.02 15.75 -13.20
CA PHE C 940 -15.93 14.84 -13.49
C PHE C 940 -16.11 13.54 -12.71
N ILE C 941 -15.50 12.47 -13.24
CA ILE C 941 -15.49 11.18 -12.57
C ILE C 941 -14.09 10.59 -12.73
N LEU C 942 -13.39 10.37 -11.62
CA LEU C 942 -12.06 9.79 -11.62
C LEU C 942 -12.17 8.31 -11.33
N VAL C 943 -11.72 7.48 -12.26
CA VAL C 943 -11.88 6.03 -12.19
C VAL C 943 -10.49 5.42 -12.00
N GLY C 944 -10.33 4.69 -10.90
CA GLY C 944 -9.10 3.96 -10.65
C GLY C 944 -9.20 2.53 -11.13
N ASP C 945 -8.58 2.22 -12.26
CA ASP C 945 -8.60 0.87 -12.78
C ASP C 945 -7.61 0.00 -12.02
N LEU C 946 -7.86 -1.32 -12.06
CA LEU C 946 -6.99 -2.25 -11.35
C LEU C 946 -5.56 -2.14 -11.83
N MET C 947 -5.35 -2.08 -13.15
CA MET C 947 -4.01 -1.96 -13.72
C MET C 947 -3.89 -0.93 -14.83
N ARG C 948 -4.99 -0.34 -15.30
CA ARG C 948 -4.95 0.62 -16.39
C ARG C 948 -4.80 2.05 -15.91
N SER C 949 -4.26 2.26 -14.72
CA SER C 949 -3.98 3.62 -14.21
C SER C 949 -5.32 4.33 -14.02
N VAL C 950 -5.33 5.65 -14.21
CA VAL C 950 -6.47 6.50 -13.88
C VAL C 950 -7.16 6.95 -15.17
N LEU C 951 -8.48 6.85 -15.18
CA LEU C 951 -9.31 7.40 -16.24
C LEU C 951 -10.10 8.58 -15.68
N LEU C 952 -10.53 9.46 -16.59
CA LEU C 952 -11.32 10.63 -16.24
C LEU C 952 -12.46 10.74 -17.23
N LEU C 953 -13.67 10.46 -16.75
CA LEU C 953 -14.88 10.47 -17.56
C LEU C 953 -15.74 11.67 -17.21
N ALA C 954 -16.67 11.98 -18.10
CA ALA C 954 -17.65 13.05 -17.88
C ALA C 954 -18.99 12.57 -18.41
N TYR C 955 -19.91 12.21 -17.51
CA TYR C 955 -21.22 11.68 -17.90
C TYR C 955 -21.95 12.63 -18.81
N LYS C 956 -22.75 12.08 -19.74
CA LYS C 956 -23.53 12.88 -20.67
C LYS C 956 -24.95 13.02 -20.14
N PRO C 957 -25.40 14.23 -19.74
CA PRO C 957 -26.78 14.43 -19.27
C PRO C 957 -27.76 14.60 -20.40
N MET C 958 -27.29 14.63 -21.65
CA MET C 958 -28.13 14.82 -22.83
C MET C 958 -28.23 13.55 -23.64
N GLU C 959 -27.12 12.80 -23.75
CA GLU C 959 -27.07 11.55 -24.50
C GLU C 959 -27.21 10.41 -23.52
N GLY C 960 -26.23 10.24 -22.63
CA GLY C 960 -26.24 9.23 -21.58
C GLY C 960 -24.99 8.38 -21.48
N ASN C 961 -23.95 8.61 -22.27
CA ASN C 961 -22.73 7.83 -22.16
C ASN C 961 -21.69 8.57 -21.32
N PHE C 962 -20.66 7.82 -20.92
CA PHE C 962 -19.57 8.36 -20.11
C PHE C 962 -18.40 8.66 -21.05
N GLU C 963 -18.47 9.82 -21.69
CA GLU C 963 -17.41 10.22 -22.60
C GLU C 963 -16.10 10.36 -21.82
N GLU C 964 -15.12 9.54 -22.18
CA GLU C 964 -13.84 9.48 -21.46
C GLU C 964 -13.05 10.74 -21.78
N ILE C 965 -13.06 11.70 -20.85
CA ILE C 965 -12.37 12.97 -21.09
C ILE C 965 -10.89 12.73 -21.30
N ALA C 966 -10.28 11.91 -20.44
CA ALA C 966 -8.85 11.68 -20.53
C ALA C 966 -8.50 10.36 -19.86
N ARG C 967 -7.27 9.91 -20.08
CA ARG C 967 -6.80 8.69 -19.42
C ARG C 967 -5.27 8.69 -19.43
N ASP C 968 -4.71 7.88 -18.55
CA ASP C 968 -3.27 7.69 -18.43
C ASP C 968 -2.93 6.28 -18.88
N PHE C 969 -2.05 6.18 -19.88
CA PHE C 969 -1.74 4.89 -20.48
C PHE C 969 -0.60 4.16 -19.81
N ASN C 970 0.07 4.78 -18.85
CA ASN C 970 1.12 4.08 -18.11
C ASN C 970 0.51 2.89 -17.38
N PRO C 971 1.07 1.69 -17.49
CA PRO C 971 0.52 0.56 -16.74
C PRO C 971 0.78 0.70 -15.25
N ASN C 972 -0.25 1.04 -14.49
CA ASN C 972 -0.09 1.38 -13.07
C ASN C 972 -1.14 0.61 -12.28
N TRP C 973 -0.69 -0.30 -11.41
CA TRP C 973 -1.59 -1.00 -10.51
C TRP C 973 -1.97 -0.06 -9.37
N MET C 974 -3.24 0.31 -9.31
CA MET C 974 -3.71 1.39 -8.46
C MET C 974 -4.28 0.83 -7.15
N SER C 975 -4.05 1.59 -6.07
CA SER C 975 -4.59 1.27 -4.76
C SER C 975 -5.50 2.36 -4.20
N ALA C 976 -5.46 3.57 -4.75
CA ALA C 976 -6.32 4.65 -4.28
C ALA C 976 -6.20 5.81 -5.25
N VAL C 977 -7.26 6.60 -5.35
CA VAL C 977 -7.30 7.78 -6.20
C VAL C 977 -7.91 8.94 -5.41
N GLU C 978 -7.65 10.15 -5.89
CA GLU C 978 -8.19 11.34 -5.26
C GLU C 978 -8.11 12.50 -6.25
N ILE C 979 -9.02 13.46 -6.09
CA ILE C 979 -9.09 14.63 -6.94
C ILE C 979 -8.62 15.82 -6.12
N LEU C 980 -7.36 16.21 -6.31
CA LEU C 980 -6.85 17.39 -5.61
C LEU C 980 -7.60 18.65 -6.01
N ASP C 981 -7.87 18.80 -7.31
CA ASP C 981 -8.65 19.92 -7.82
C ASP C 981 -9.13 19.55 -9.22
N ASP C 982 -9.67 20.53 -9.93
CA ASP C 982 -10.24 20.27 -11.25
C ASP C 982 -9.20 19.69 -12.21
N ASP C 983 -7.92 19.97 -12.00
CA ASP C 983 -6.87 19.55 -12.91
C ASP C 983 -5.94 18.50 -12.34
N ASN C 984 -5.66 18.53 -11.04
CA ASN C 984 -4.75 17.57 -10.42
C ASN C 984 -5.53 16.37 -9.91
N PHE C 985 -4.97 15.18 -10.15
CA PHE C 985 -5.55 13.93 -9.68
C PHE C 985 -4.46 13.10 -9.03
N LEU C 986 -4.63 12.78 -7.76
CA LEU C 986 -3.64 12.04 -6.99
C LEU C 986 -3.97 10.56 -6.99
N GLY C 987 -2.94 9.74 -7.17
CA GLY C 987 -3.12 8.30 -7.24
C GLY C 987 -1.97 7.58 -6.55
N ALA C 988 -2.22 6.36 -6.09
CA ALA C 988 -1.24 5.55 -5.38
C ALA C 988 -0.83 4.41 -6.25
N GLU C 989 0.28 3.74 -5.92
CA GLU C 989 0.80 2.63 -6.70
C GLU C 989 0.83 1.37 -5.89
N ASN C 990 0.94 0.22 -6.55
CA ASN C 990 0.99 -1.07 -5.89
C ASN C 990 2.34 -1.26 -5.26
N ALA C 991 3.34 -0.48 -5.69
CA ALA C 991 4.70 -0.56 -5.19
C ALA C 991 5.06 0.59 -4.26
N PHE C 992 4.09 1.07 -3.46
CA PHE C 992 4.32 2.13 -2.48
C PHE C 992 4.88 3.39 -3.14
N ASN C 993 4.08 3.95 -4.04
CA ASN C 993 4.43 5.21 -4.70
C ASN C 993 3.19 6.07 -4.79
N LEU C 994 3.42 7.38 -4.88
CA LEU C 994 2.37 8.36 -5.12
C LEU C 994 2.69 9.10 -6.40
N PHE C 995 1.65 9.42 -7.16
CA PHE C 995 1.82 10.26 -8.34
C PHE C 995 0.63 11.18 -8.47
N VAL C 996 0.82 12.28 -9.19
CA VAL C 996 -0.23 13.24 -9.46
C VAL C 996 -0.22 13.51 -10.96
N CYS C 997 -1.36 13.28 -11.60
CA CYS C 997 -1.57 13.52 -13.02
C CYS C 997 -2.32 14.83 -13.22
N GLN C 998 -2.15 15.41 -14.39
CA GLN C 998 -2.76 16.70 -14.71
C GLN C 998 -3.39 16.63 -16.09
N LYS C 999 -4.65 17.05 -16.18
CA LYS C 999 -5.34 17.15 -17.46
C LYS C 999 -4.78 18.34 -18.23
N ASP C 1000 -4.03 18.06 -19.30
CA ASP C 1000 -3.44 19.10 -20.13
C ASP C 1000 -4.52 19.85 -20.86
N SER C 1001 -5.03 20.93 -20.26
CA SER C 1001 -6.07 21.76 -20.86
C SER C 1001 -5.42 22.72 -21.81
N ALA C 1002 -4.09 22.87 -21.74
CA ALA C 1002 -3.34 23.75 -22.62
C ALA C 1002 -3.13 23.07 -23.94
N ALA C 1003 -3.40 21.76 -24.00
CA ALA C 1003 -3.30 20.98 -25.23
C ALA C 1003 -4.08 21.65 -26.32
N THR C 1004 -3.63 21.55 -27.57
CA THR C 1004 -4.29 22.17 -28.71
C THR C 1004 -4.93 21.12 -29.60
N THR C 1005 -4.81 19.84 -29.24
CA THR C 1005 -5.37 18.74 -30.01
C THR C 1005 -6.17 17.85 -29.13
N ASP C 1006 -7.07 17.04 -29.70
CA ASP C 1006 -7.88 16.11 -28.95
C ASP C 1006 -7.02 15.00 -28.42
N GLU C 1007 -5.87 14.74 -29.06
CA GLU C 1007 -4.95 13.70 -28.64
C GLU C 1007 -4.24 14.08 -27.38
N GLU C 1008 -3.60 15.25 -27.36
CA GLU C 1008 -2.86 15.74 -26.20
C GLU C 1008 -3.79 15.89 -25.03
N ARG C 1009 -5.03 16.28 -25.29
CA ARG C 1009 -6.03 16.49 -24.24
C ARG C 1009 -6.42 15.17 -23.59
N GLN C 1010 -6.59 14.11 -24.39
CA GLN C 1010 -6.96 12.81 -23.86
C GLN C 1010 -5.87 12.21 -22.97
N HIS C 1011 -4.66 12.75 -23.01
CA HIS C 1011 -3.54 12.23 -22.23
C HIS C 1011 -3.41 13.01 -20.94
N LEU C 1012 -3.31 12.29 -19.83
CA LEU C 1012 -3.03 12.89 -18.53
C LEU C 1012 -1.54 12.83 -18.29
N GLN C 1013 -0.91 13.99 -18.14
CA GLN C 1013 0.52 14.07 -17.93
C GLN C 1013 0.83 13.83 -16.45
N GLU C 1014 1.70 12.85 -16.18
CA GLU C 1014 2.10 12.58 -14.80
C GLU C 1014 3.02 13.68 -14.34
N VAL C 1015 2.45 14.72 -13.70
CA VAL C 1015 3.23 15.91 -13.36
C VAL C 1015 3.93 15.81 -12.02
N GLY C 1016 3.64 14.78 -11.22
CA GLY C 1016 4.40 14.61 -9.99
C GLY C 1016 4.57 13.16 -9.59
N LEU C 1017 5.72 12.82 -9.03
CA LEU C 1017 6.04 11.46 -8.61
C LEU C 1017 6.69 11.48 -7.24
N PHE C 1018 6.56 10.38 -6.52
CA PHE C 1018 7.09 10.28 -5.16
C PHE C 1018 7.04 8.81 -4.74
N HIS C 1019 7.93 8.43 -3.84
CA HIS C 1019 7.96 7.07 -3.28
C HIS C 1019 7.65 7.20 -1.79
N LEU C 1020 6.37 7.06 -1.44
CA LEU C 1020 5.96 7.22 -0.05
C LEU C 1020 6.55 6.13 0.83
N GLY C 1021 6.76 4.93 0.30
CA GLY C 1021 7.23 3.81 1.08
C GLY C 1021 6.17 3.10 1.88
N GLU C 1022 4.91 3.52 1.78
CA GLU C 1022 3.80 2.90 2.47
C GLU C 1022 2.71 2.58 1.46
N PHE C 1023 1.93 1.54 1.76
CA PHE C 1023 0.82 1.14 0.90
C PHE C 1023 -0.43 1.87 1.37
N VAL C 1024 -0.73 2.99 0.73
CA VAL C 1024 -1.88 3.81 1.10
C VAL C 1024 -3.15 3.16 0.55
N ASN C 1025 -4.13 2.95 1.44
CA ASN C 1025 -5.38 2.30 1.08
C ASN C 1025 -6.51 3.28 0.78
N VAL C 1026 -6.62 4.34 1.57
CA VAL C 1026 -7.77 5.24 1.51
C VAL C 1026 -7.31 6.69 1.57
N PHE C 1027 -7.95 7.53 0.77
CA PHE C 1027 -7.81 8.98 0.82
C PHE C 1027 -9.12 9.58 1.32
N CYS C 1028 -9.02 10.74 1.98
CA CYS C 1028 -10.21 11.45 2.43
C CYS C 1028 -9.90 12.92 2.61
N HIS C 1029 -10.82 13.77 2.15
CA HIS C 1029 -10.66 15.20 2.35
C HIS C 1029 -11.01 15.57 3.79
N GLY C 1030 -10.24 16.48 4.36
CA GLY C 1030 -10.47 16.95 5.72
C GLY C 1030 -9.14 17.19 6.43
N SER C 1031 -9.22 17.97 7.51
CA SER C 1031 -8.06 18.30 8.33
C SER C 1031 -8.41 18.10 9.79
N LEU C 1032 -7.40 17.74 10.58
CA LEU C 1032 -7.56 17.48 12.00
C LEU C 1032 -7.25 18.69 12.85
N VAL C 1033 -6.95 19.84 12.24
CA VAL C 1033 -6.52 21.04 12.96
C VAL C 1033 -7.62 22.08 12.89
N MET C 1034 -7.98 22.66 14.03
CA MET C 1034 -8.98 23.70 14.07
C MET C 1034 -8.62 24.78 13.09
N GLN C 1035 -9.51 25.07 12.14
CA GLN C 1035 -9.30 26.08 11.11
C GLN C 1035 -9.45 27.48 11.70
N THR C 1042 -2.88 31.23 4.64
CA THR C 1042 -2.17 29.99 4.92
C THR C 1042 -1.33 29.58 3.72
N PRO C 1043 -0.04 29.25 3.94
CA PRO C 1043 0.80 28.87 2.79
C PRO C 1043 0.29 27.67 2.03
N THR C 1044 -0.28 26.68 2.72
CA THR C 1044 -0.70 25.43 2.11
C THR C 1044 -2.21 25.44 1.89
N GLN C 1045 -2.63 25.20 0.66
CA GLN C 1045 -4.03 25.15 0.30
C GLN C 1045 -4.48 23.71 0.15
N GLY C 1046 -5.76 23.46 0.43
CA GLY C 1046 -6.31 22.12 0.33
C GLY C 1046 -5.69 21.18 1.33
N SER C 1047 -6.29 20.00 1.51
CA SER C 1047 -5.76 19.02 2.45
C SER C 1047 -6.40 17.65 2.23
N VAL C 1048 -5.58 16.61 2.08
CA VAL C 1048 -6.06 15.26 1.91
C VAL C 1048 -5.32 14.37 2.89
N LEU C 1049 -6.06 13.71 3.78
CA LEU C 1049 -5.48 12.70 4.66
C LEU C 1049 -5.52 11.36 3.96
N PHE C 1050 -4.58 10.48 4.31
CA PHE C 1050 -4.52 9.17 3.68
C PHE C 1050 -4.00 8.15 4.68
N GLY C 1051 -4.55 6.95 4.61
CA GLY C 1051 -4.20 5.86 5.51
C GLY C 1051 -3.48 4.74 4.78
N THR C 1052 -2.60 4.05 5.49
CA THR C 1052 -1.75 3.00 4.91
C THR C 1052 -1.91 1.71 5.70
N VAL C 1053 -1.39 0.63 5.11
CA VAL C 1053 -1.47 -0.67 5.75
C VAL C 1053 -0.70 -0.68 7.07
N ASN C 1054 0.30 0.18 7.21
CA ASN C 1054 1.12 0.24 8.41
C ASN C 1054 0.59 1.21 9.44
N GLY C 1055 -0.67 1.61 9.33
CA GLY C 1055 -1.24 2.54 10.28
C GLY C 1055 -0.61 3.92 10.27
N MET C 1056 0.01 4.29 9.15
CA MET C 1056 0.67 5.59 9.02
C MET C 1056 -0.30 6.55 8.33
N ILE C 1057 -0.79 7.51 9.09
CA ILE C 1057 -1.67 8.55 8.55
C ILE C 1057 -0.82 9.69 8.03
N GLY C 1058 -1.07 10.09 6.79
CA GLY C 1058 -0.29 11.14 6.17
C GLY C 1058 -1.18 12.23 5.61
N LEU C 1059 -0.60 13.42 5.50
CA LEU C 1059 -1.29 14.61 5.04
C LEU C 1059 -0.61 15.12 3.77
N VAL C 1060 -1.40 15.36 2.73
CA VAL C 1060 -0.92 15.89 1.47
C VAL C 1060 -1.63 17.20 1.21
N THR C 1061 -0.86 18.25 0.89
CA THR C 1061 -1.42 19.57 0.63
C THR C 1061 -0.72 20.18 -0.57
N SER C 1062 -1.30 21.28 -1.07
CA SER C 1062 -0.72 22.00 -2.20
C SER C 1062 0.15 23.14 -1.71
N LEU C 1063 0.85 23.78 -2.64
CA LEU C 1063 1.74 24.89 -2.31
C LEU C 1063 1.82 25.84 -3.48
N SER C 1064 2.21 27.09 -3.18
CA SER C 1064 2.48 28.06 -4.22
C SER C 1064 3.84 27.76 -4.87
N GLU C 1065 4.04 28.33 -6.06
CA GLU C 1065 5.27 28.05 -6.80
C GLU C 1065 6.50 28.56 -6.06
N SER C 1066 6.43 29.78 -5.54
CA SER C 1066 7.58 30.32 -4.81
C SER C 1066 7.87 29.50 -3.57
N TRP C 1067 6.83 29.14 -2.82
CA TRP C 1067 7.03 28.33 -1.63
C TRP C 1067 7.58 26.96 -1.98
N TYR C 1068 7.08 26.35 -3.06
CA TYR C 1068 7.60 25.05 -3.47
C TYR C 1068 9.07 25.15 -3.86
N ASN C 1069 9.45 26.20 -4.58
CA ASN C 1069 10.84 26.37 -4.96
C ASN C 1069 11.73 26.53 -3.74
N LEU C 1070 11.31 27.37 -2.79
CA LEU C 1070 12.08 27.56 -1.58
C LEU C 1070 12.22 26.24 -0.82
N LEU C 1071 11.13 25.49 -0.71
CA LEU C 1071 11.16 24.24 0.03
C LEU C 1071 12.05 23.21 -0.65
N LEU C 1072 12.02 23.16 -1.99
CA LEU C 1072 12.90 22.23 -2.70
C LEU C 1072 14.36 22.58 -2.50
N ASP C 1073 14.69 23.87 -2.57
CA ASP C 1073 16.08 24.27 -2.33
C ASP C 1073 16.51 23.93 -0.91
N MET C 1074 15.66 24.21 0.07
CA MET C 1074 15.99 23.88 1.45
C MET C 1074 16.08 22.37 1.64
N GLN C 1075 15.29 21.60 0.90
CA GLN C 1075 15.37 20.15 0.97
C GLN C 1075 16.73 19.66 0.47
N ASN C 1076 17.19 20.21 -0.65
CA ASN C 1076 18.51 19.84 -1.15
C ASN C 1076 19.60 20.22 -0.14
N ARG C 1077 19.51 21.42 0.44
CA ARG C 1077 20.53 21.82 1.40
C ARG C 1077 20.51 20.96 2.65
N LEU C 1078 19.31 20.59 3.12
CA LEU C 1078 19.22 19.70 4.27
C LEU C 1078 19.80 18.33 3.94
N ASN C 1079 19.54 17.83 2.74
CA ASN C 1079 20.20 16.61 2.29
C ASN C 1079 21.71 16.74 2.40
N LYS C 1080 22.23 17.90 1.99
CA LYS C 1080 23.67 18.14 2.14
C LYS C 1080 24.09 18.06 3.60
N VAL C 1081 23.32 18.66 4.50
CA VAL C 1081 23.75 18.79 5.89
C VAL C 1081 23.43 17.53 6.68
N ILE C 1082 22.21 17.02 6.57
CA ILE C 1082 21.79 15.86 7.35
C ILE C 1082 22.40 14.61 6.75
N LYS C 1083 23.05 13.80 7.59
CA LYS C 1083 23.64 12.54 7.17
C LYS C 1083 22.72 11.41 7.63
N SER C 1084 22.10 10.73 6.67
CA SER C 1084 21.15 9.69 7.00
C SER C 1084 21.85 8.47 7.60
N VAL C 1085 21.09 7.70 8.37
CA VAL C 1085 21.60 6.46 8.93
C VAL C 1085 21.68 5.42 7.82
N GLY C 1086 22.81 4.73 7.73
CA GLY C 1086 23.06 3.82 6.62
C GLY C 1086 23.59 4.49 5.38
N LYS C 1087 23.76 5.80 5.37
CA LYS C 1087 24.31 6.53 4.23
C LYS C 1087 23.42 6.40 2.99
N ILE C 1088 22.13 6.19 3.20
CA ILE C 1088 21.18 6.14 2.08
C ILE C 1088 20.81 7.57 1.69
N GLU C 1089 20.84 7.85 0.40
CA GLU C 1089 20.51 9.18 -0.09
C GLU C 1089 19.00 9.37 -0.13
N HIS C 1090 18.50 10.49 0.39
CA HIS C 1090 17.06 10.76 0.45
C HIS C 1090 16.51 10.75 -0.94
N SER C 1091 17.29 11.24 -1.91
CA SER C 1091 16.88 11.27 -3.31
C SER C 1091 16.65 9.86 -3.78
N PHE C 1092 17.56 8.93 -3.43
CA PHE C 1092 17.47 7.53 -3.83
C PHE C 1092 16.36 6.82 -3.10
N TRP C 1093 15.92 7.37 -1.95
CA TRP C 1093 14.86 6.77 -1.15
C TRP C 1093 13.49 7.18 -1.66
N ARG C 1094 13.33 8.43 -2.07
CA ARG C 1094 12.02 8.95 -2.51
C ARG C 1094 11.84 8.86 -4.01
N SER C 1095 12.87 8.44 -4.75
CA SER C 1095 12.75 8.29 -6.19
C SER C 1095 11.61 7.34 -6.53
N PHE C 1096 10.76 7.75 -7.46
CA PHE C 1096 9.70 6.88 -7.93
C PHE C 1096 10.30 5.56 -8.42
N HIS C 1097 9.76 4.46 -7.94
CA HIS C 1097 10.34 3.14 -8.21
C HIS C 1097 9.25 2.11 -8.43
N THR C 1098 9.32 1.35 -9.52
CA THR C 1098 8.39 0.27 -9.82
C THR C 1098 9.22 -0.80 -10.47
N GLU C 1099 8.58 -1.90 -10.94
CA GLU C 1099 9.27 -2.99 -11.60
C GLU C 1099 9.59 -2.64 -13.04
N ARG C 1100 8.96 -1.60 -13.58
CA ARG C 1100 9.11 -1.22 -14.98
C ARG C 1100 9.84 0.10 -15.19
N LYS C 1101 10.08 0.87 -14.12
CA LYS C 1101 10.71 2.19 -14.23
C LYS C 1101 11.18 2.75 -12.88
N THR C 1102 12.21 3.61 -12.86
CA THR C 1102 12.69 4.22 -11.62
C THR C 1102 13.16 5.64 -11.94
N GLU C 1103 12.43 6.63 -11.45
CA GLU C 1103 12.74 8.03 -11.69
C GLU C 1103 12.74 8.81 -10.38
N PRO C 1104 13.46 9.94 -10.32
CA PRO C 1104 13.50 10.73 -9.09
C PRO C 1104 12.16 11.37 -8.78
N ALA C 1105 11.96 11.65 -7.50
CA ALA C 1105 10.76 12.34 -7.07
C ALA C 1105 10.71 13.74 -7.65
N THR C 1106 9.51 14.16 -8.06
CA THR C 1106 9.33 15.49 -8.62
C THR C 1106 7.97 16.02 -8.20
N GLY C 1107 7.86 17.34 -8.12
CA GLY C 1107 6.60 17.97 -7.74
C GLY C 1107 6.14 17.63 -6.35
N PHE C 1108 7.01 17.10 -5.51
CA PHE C 1108 6.66 16.72 -4.14
C PHE C 1108 7.76 17.20 -3.19
N ILE C 1109 7.35 17.63 -2.01
CA ILE C 1109 8.27 18.08 -0.96
C ILE C 1109 8.11 17.15 0.22
N ASP C 1110 9.22 16.56 0.65
CA ASP C 1110 9.21 15.63 1.78
C ASP C 1110 9.02 16.42 3.07
N GLY C 1111 7.88 16.22 3.73
CA GLY C 1111 7.58 16.99 4.92
C GLY C 1111 8.51 16.69 6.08
N ASP C 1112 8.85 15.41 6.27
CA ASP C 1112 9.63 15.04 7.44
C ASP C 1112 11.02 15.68 7.42
N LEU C 1113 11.69 15.63 6.26
CA LEU C 1113 13.03 16.21 6.18
C LEU C 1113 12.99 17.71 6.43
N ILE C 1114 12.01 18.41 5.86
CA ILE C 1114 11.88 19.85 6.08
C ILE C 1114 11.62 20.13 7.54
N GLU C 1115 10.71 19.37 8.16
CA GLU C 1115 10.38 19.60 9.57
C GLU C 1115 11.58 19.32 10.46
N SER C 1116 12.46 18.41 10.05
CA SER C 1116 13.67 18.16 10.83
C SER C 1116 14.57 19.39 10.91
N PHE C 1117 14.34 20.38 10.06
CA PHE C 1117 15.07 21.65 10.16
C PHE C 1117 14.92 22.26 11.54
N LEU C 1118 13.79 22.04 12.21
CA LEU C 1118 13.60 22.58 13.55
C LEU C 1118 14.50 21.90 14.58
N ASP C 1119 15.05 20.73 14.27
CA ASP C 1119 15.81 19.95 15.23
C ASP C 1119 17.31 19.98 14.98
N ILE C 1120 17.77 20.69 13.97
CA ILE C 1120 19.21 20.84 13.73
C ILE C 1120 19.72 22.05 14.51
N SER C 1121 20.88 21.90 15.13
CA SER C 1121 21.41 22.93 16.01
C SER C 1121 21.52 24.26 15.27
N ARG C 1122 21.63 25.34 16.05
CA ARG C 1122 21.67 26.67 15.46
C ARG C 1122 22.83 26.85 14.48
N PRO C 1123 24.06 26.40 14.78
CA PRO C 1123 25.10 26.47 13.74
C PRO C 1123 24.74 25.67 12.50
N LYS C 1124 24.13 24.50 12.67
CA LYS C 1124 23.66 23.74 11.51
C LYS C 1124 22.52 24.46 10.80
N MET C 1125 21.66 25.14 11.57
CA MET C 1125 20.65 25.99 10.96
C MET C 1125 21.29 27.03 10.05
N GLN C 1126 22.33 27.71 10.56
CA GLN C 1126 23.02 28.72 9.77
C GLN C 1126 23.63 28.10 8.53
N GLU C 1127 24.25 26.93 8.67
CA GLU C 1127 24.85 26.28 7.52
C GLU C 1127 23.80 25.94 6.46
N VAL C 1128 22.63 25.44 6.90
CA VAL C 1128 21.57 25.10 5.95
C VAL C 1128 21.08 26.35 5.23
N VAL C 1129 20.88 27.44 5.98
CA VAL C 1129 20.28 28.65 5.41
C VAL C 1129 21.34 29.52 4.76
N ALA C 1130 22.56 29.00 4.63
CA ALA C 1130 23.66 29.77 4.06
C ALA C 1130 23.36 30.23 2.65
N ASN C 1131 23.20 31.55 2.46
CA ASN C 1131 23.03 32.16 1.15
C ASN C 1131 21.87 31.51 0.38
N LEU C 1132 20.68 31.66 0.94
CA LEU C 1132 19.45 31.19 0.31
C LEU C 1132 18.58 32.38 -0.03
N GLN C 1133 18.13 32.45 -1.28
CA GLN C 1133 17.30 33.56 -1.75
C GLN C 1133 15.84 33.25 -1.44
N TYR C 1134 15.19 34.18 -0.74
CA TYR C 1134 13.87 33.93 -0.18
C TYR C 1134 13.04 35.20 -0.22
N ASP C 1135 11.72 35.02 -0.29
CA ASP C 1135 10.77 36.11 -0.30
C ASP C 1135 10.14 36.25 1.08
N ASP C 1136 10.31 37.41 1.70
CA ASP C 1136 9.75 37.69 3.02
C ASP C 1136 8.35 38.29 2.93
N GLY C 1137 7.63 38.02 1.85
CA GLY C 1137 6.31 38.57 1.62
C GLY C 1137 6.28 39.78 0.72
N SER C 1138 7.43 40.41 0.50
CA SER C 1138 7.54 41.57 -0.38
C SER C 1138 7.87 41.18 -1.82
N GLY C 1139 8.04 39.89 -2.11
CA GLY C 1139 8.41 39.47 -3.45
C GLY C 1139 9.84 39.77 -3.81
N MET C 1140 10.67 40.17 -2.87
CA MET C 1140 12.07 40.53 -3.10
C MET C 1140 12.94 39.41 -2.56
N LYS C 1141 13.88 38.90 -3.37
CA LYS C 1141 14.79 37.84 -2.95
C LYS C 1141 15.83 38.31 -1.93
N ARG C 1142 15.54 38.15 -0.64
CA ARG C 1142 16.47 38.54 0.44
C ARG C 1142 17.40 37.40 0.76
N GLU C 1143 18.25 37.55 1.79
CA GLU C 1143 19.17 36.50 2.21
C GLU C 1143 18.52 35.73 3.33
N ALA C 1144 17.73 34.69 3.03
CA ALA C 1144 17.08 33.85 4.02
C ALA C 1144 18.01 33.58 5.18
N THR C 1145 17.55 33.80 6.41
CA THR C 1145 18.34 33.58 7.62
C THR C 1145 17.91 32.28 8.26
N ALA C 1146 18.54 31.90 9.38
CA ALA C 1146 18.20 30.69 10.11
C ALA C 1146 16.89 30.88 10.83
N ASP C 1147 16.47 32.13 11.02
CA ASP C 1147 15.21 32.45 11.71
C ASP C 1147 14.06 32.62 10.75
N ASP C 1148 14.36 32.88 9.47
CA ASP C 1148 13.34 33.01 8.44
C ASP C 1148 12.83 31.66 8.07
N LEU C 1149 13.73 30.68 7.93
CA LEU C 1149 13.39 29.32 7.53
C LEU C 1149 12.73 28.61 8.69
N ILE C 1150 13.12 28.94 9.93
CA ILE C 1150 12.52 28.33 11.12
C ILE C 1150 11.06 28.70 11.17
N LYS C 1151 10.74 29.96 10.92
CA LYS C 1151 9.37 30.44 10.92
C LYS C 1151 8.61 29.76 9.81
N VAL C 1152 9.25 29.61 8.64
CA VAL C 1152 8.62 28.97 7.48
C VAL C 1152 8.23 27.56 7.86
N VAL C 1153 9.09 26.86 8.62
CA VAL C 1153 8.86 25.47 9.00
C VAL C 1153 7.85 25.34 10.15
N GLU C 1154 7.71 26.36 11.00
CA GLU C 1154 6.75 26.34 12.11
C GLU C 1154 5.32 26.49 11.61
N GLU C 1155 5.10 27.22 10.53
CA GLU C 1155 3.81 27.33 9.88
C GLU C 1155 3.43 26.03 9.19
N LEU C 1156 4.38 25.40 8.51
CA LEU C 1156 4.09 24.13 7.85
C LEU C 1156 3.75 23.05 8.86
N THR C 1157 4.47 23.00 9.98
CA THR C 1157 4.19 21.99 11.00
C THR C 1157 2.80 22.21 11.61
N ARG C 1158 2.37 23.46 11.71
CA ARG C 1158 1.09 23.74 12.36
C ARG C 1158 -0.08 23.11 11.60
N ILE C 1159 0.04 22.95 10.28
CA ILE C 1159 -1.11 22.50 9.50
C ILE C 1159 -1.51 21.06 9.84
N HIS C 1160 -0.60 20.25 10.37
CA HIS C 1160 -0.91 18.87 10.70
C HIS C 1160 -0.80 18.64 12.20
N ALA D 2 2.49 -26.10 35.43
CA ALA D 2 3.09 -26.55 34.19
C ALA D 2 4.60 -26.73 34.34
N ASP D 3 5.04 -27.99 34.29
CA ASP D 3 6.46 -28.26 34.48
C ASP D 3 7.33 -27.67 33.38
N PHE D 4 6.80 -27.49 32.18
CA PHE D 4 7.60 -27.01 31.06
C PHE D 4 7.84 -25.52 31.08
N LEU D 5 6.99 -24.74 31.76
CA LEU D 5 7.23 -23.31 31.90
C LEU D 5 8.19 -22.99 33.03
N LYS D 6 8.66 -24.01 33.76
CA LYS D 6 9.63 -23.84 34.83
C LYS D 6 11.02 -23.70 34.27
N GLY D 7 11.63 -22.51 34.39
CA GLY D 7 13.00 -22.28 33.96
C GLY D 7 13.20 -21.34 32.79
N LEU D 8 12.14 -20.64 32.35
CA LEU D 8 12.28 -19.65 31.28
C LEU D 8 13.53 -18.86 31.64
N PRO D 9 14.55 -18.77 30.75
CA PRO D 9 15.83 -18.14 31.11
C PRO D 9 15.73 -16.66 31.43
N VAL D 10 16.13 -16.29 32.65
CA VAL D 10 16.09 -14.89 33.10
C VAL D 10 17.46 -14.28 32.97
N TYR D 11 17.67 -13.40 32.00
CA TYR D 11 18.95 -12.74 31.77
C TYR D 11 19.39 -11.98 33.00
N ASN D 12 18.50 -11.19 33.59
CA ASN D 12 18.78 -10.42 34.81
C ASN D 12 17.56 -10.46 35.71
N LYS D 13 17.75 -10.60 37.02
CA LYS D 13 16.65 -10.71 37.97
C LYS D 13 15.82 -9.44 38.04
N SER D 14 16.44 -8.26 37.89
CA SER D 14 15.76 -6.96 38.01
C SER D 14 14.88 -6.59 36.82
N ASN D 15 15.21 -7.07 35.61
CA ASN D 15 14.45 -6.72 34.41
C ASN D 15 12.98 -7.03 34.59
N PHE D 16 12.09 -6.06 34.36
CA PHE D 16 10.63 -6.20 34.51
C PHE D 16 10.21 -6.50 35.95
N SER D 17 11.06 -6.19 36.93
CA SER D 17 10.77 -6.44 38.34
C SER D 17 9.97 -5.30 38.89
N ARG D 18 10.17 -4.09 38.35
CA ARG D 18 9.47 -2.89 38.80
C ARG D 18 8.62 -2.38 37.67
N PHE D 19 8.03 -3.29 36.88
CA PHE D 19 7.20 -2.93 35.74
C PHE D 19 6.08 -1.98 36.10
N HIS D 20 5.80 -1.00 35.25
CA HIS D 20 4.72 -0.03 35.46
C HIS D 20 3.98 0.12 34.15
N ALA D 21 2.64 0.22 34.19
CA ALA D 21 1.83 0.30 32.98
C ALA D 21 1.38 1.74 32.73
N ARG D 30 5.37 6.82 27.13
CA ARG D 30 6.62 7.47 26.79
C ARG D 30 7.17 6.91 25.49
N ARG D 31 7.26 7.76 24.47
CA ARG D 31 7.73 7.34 23.15
C ARG D 31 9.17 7.77 22.94
N PRO D 32 9.95 7.04 22.14
CA PRO D 32 11.37 7.34 22.01
C PRO D 32 11.62 8.69 21.36
N SER D 33 12.73 9.31 21.75
CA SER D 33 13.20 10.51 21.09
C SER D 33 13.77 10.18 19.72
N VAL D 34 13.52 11.05 18.75
CA VAL D 34 13.98 10.82 17.38
C VAL D 34 15.48 11.12 17.29
N TYR D 35 16.21 10.27 16.60
CA TYR D 35 17.64 10.44 16.40
C TYR D 35 17.89 11.16 15.08
N LEU D 36 18.56 12.31 15.15
CA LEU D 36 18.83 13.16 13.99
C LEU D 36 20.31 13.46 13.93
N PRO D 37 21.12 12.56 13.37
CA PRO D 37 22.56 12.78 13.35
C PRO D 37 22.94 13.99 12.51
N THR D 38 24.03 14.64 12.91
CA THR D 38 24.53 15.80 12.18
C THR D 38 26.00 15.61 11.81
N ARG D 39 26.75 14.94 12.69
CA ARG D 39 28.14 14.61 12.38
C ARG D 39 28.19 13.44 11.41
N GLU D 40 29.36 13.24 10.82
CA GLU D 40 29.60 12.13 9.91
C GLU D 40 30.88 11.42 10.31
N TYR D 41 30.80 10.10 10.45
CA TYR D 41 31.95 9.26 10.71
C TYR D 41 32.17 8.37 9.50
N PRO D 42 33.38 8.34 8.95
CA PRO D 42 33.57 7.66 7.66
C PRO D 42 33.16 6.20 7.73
N SER D 43 32.45 5.76 6.70
CA SER D 43 32.04 4.36 6.61
C SER D 43 33.28 3.49 6.46
N GLU D 44 33.45 2.55 7.39
CA GLU D 44 34.66 1.74 7.38
C GLU D 44 34.77 0.90 6.11
N GLN D 45 33.65 0.34 5.66
CA GLN D 45 33.64 -0.55 4.51
C GLN D 45 32.50 -0.20 3.57
N ILE D 46 32.67 -0.56 2.30
CA ILE D 46 31.65 -0.40 1.28
C ILE D 46 31.37 -1.77 0.68
N ILE D 47 30.10 -2.03 0.39
CA ILE D 47 29.67 -3.30 -0.18
C ILE D 47 29.51 -3.09 -1.68
N VAL D 48 30.34 -3.76 -2.47
CA VAL D 48 30.27 -3.71 -3.92
C VAL D 48 30.10 -5.13 -4.44
N THR D 49 29.09 -5.34 -5.29
CA THR D 49 28.80 -6.67 -5.82
C THR D 49 29.87 -7.06 -6.82
N GLU D 50 30.64 -8.09 -6.51
CA GLU D 50 31.64 -8.60 -7.45
C GLU D 50 30.96 -8.92 -8.77
N LYS D 51 31.35 -8.22 -9.83
CA LYS D 51 30.69 -8.39 -11.12
C LYS D 51 31.10 -9.69 -11.81
N THR D 52 31.97 -10.49 -11.20
CA THR D 52 32.45 -11.72 -11.82
C THR D 52 31.28 -12.53 -12.37
N ASN D 53 31.28 -12.70 -13.69
CA ASN D 53 30.23 -13.45 -14.35
C ASN D 53 30.19 -14.88 -13.81
N ILE D 54 29.02 -15.28 -13.32
CA ILE D 54 28.88 -16.61 -12.72
C ILE D 54 29.17 -17.69 -13.77
N LEU D 55 28.62 -17.54 -14.97
CA LEU D 55 28.78 -18.58 -15.98
C LEU D 55 30.24 -18.70 -16.41
N LEU D 56 30.94 -17.57 -16.55
CA LEU D 56 32.36 -17.63 -16.86
C LEU D 56 33.13 -18.36 -15.76
N ARG D 57 32.81 -18.07 -14.50
CA ARG D 57 33.48 -18.74 -13.39
C ARG D 57 33.23 -20.24 -13.44
N TYR D 58 31.97 -20.63 -13.67
CA TYR D 58 31.65 -22.06 -13.71
C TYR D 58 32.35 -22.76 -14.86
N LEU D 59 32.37 -22.13 -16.04
CA LEU D 59 33.04 -22.74 -17.18
C LEU D 59 34.54 -22.89 -16.91
N HIS D 60 35.18 -21.82 -16.43
CA HIS D 60 36.61 -21.88 -16.18
C HIS D 60 36.93 -22.88 -15.06
N GLN D 61 35.98 -23.12 -14.16
CA GLN D 61 36.17 -24.12 -13.12
C GLN D 61 36.10 -25.52 -13.70
#